data_2MEZ
#
_entry.id   2MEZ
#
_entity_poly.entity_id   1
_entity_poly.type   'polypeptide(L)'
_entity_poly.pdbx_seq_one_letter_code
;ENAELEIVTDYYKIIKTAREQLGISQQQLAQKLKVSENIVKRFESGKLKPTISQARQLEKILGIKLVTPLENNEESEKEF
DDTGLTLGDVVNIKEGKKLEHHHHHH
;
_entity_poly.pdbx_strand_id   A
#
# COMPACT_ATOMS: atom_id res chain seq x y z
N GLU A 1 17.70 3.18 -20.21
CA GLU A 1 17.27 1.79 -20.25
C GLU A 1 15.88 1.62 -19.64
N ASN A 2 14.94 1.04 -20.39
CA ASN A 2 13.52 0.91 -20.13
C ASN A 2 13.13 -0.38 -19.40
N ALA A 3 14.07 -1.26 -19.12
CA ALA A 3 14.08 -2.45 -18.30
C ALA A 3 14.44 -2.13 -16.85
N GLU A 4 14.97 -0.94 -16.60
CA GLU A 4 15.33 -0.45 -15.29
C GLU A 4 14.27 0.46 -14.68
N LEU A 5 13.20 0.67 -15.45
CA LEU A 5 11.95 1.25 -15.02
C LEU A 5 10.98 0.25 -14.39
N GLU A 6 9.87 0.74 -13.85
CA GLU A 6 8.92 -0.10 -13.13
C GLU A 6 7.46 0.32 -13.20
N ILE A 7 6.53 -0.62 -13.41
CA ILE A 7 5.15 -0.39 -13.06
C ILE A 7 4.52 -1.18 -11.93
N VAL A 8 5.15 -2.18 -11.31
CA VAL A 8 4.80 -3.03 -10.19
C VAL A 8 5.45 -2.50 -8.93
N THR A 9 5.28 -1.20 -8.69
CA THR A 9 5.85 -0.46 -7.58
C THR A 9 5.07 -0.63 -6.28
N ASP A 10 3.85 -1.17 -6.22
CA ASP A 10 2.87 -1.06 -5.16
C ASP A 10 2.44 0.39 -4.96
N TYR A 11 2.75 1.31 -5.89
CA TYR A 11 2.44 2.70 -5.71
C TYR A 11 1.54 3.25 -6.82
N TYR A 12 0.98 2.42 -7.70
CA TYR A 12 0.21 2.80 -8.86
C TYR A 12 -1.22 3.31 -8.61
N LYS A 13 -2.02 3.40 -9.67
CA LYS A 13 -3.46 3.58 -9.55
C LYS A 13 -4.15 3.31 -8.22
N ILE A 14 -4.03 2.09 -7.69
CA ILE A 14 -4.71 1.80 -6.43
C ILE A 14 -4.64 2.84 -5.31
N ILE A 15 -3.45 3.32 -4.94
CA ILE A 15 -3.15 4.36 -3.98
C ILE A 15 -3.25 5.74 -4.65
N LYS A 16 -2.67 5.91 -5.83
CA LYS A 16 -2.56 7.19 -6.49
C LYS A 16 -3.89 7.89 -6.60
N THR A 17 -4.94 7.25 -7.14
CA THR A 17 -6.26 7.82 -7.30
C THR A 17 -6.68 8.52 -6.02
N ALA A 18 -6.58 7.79 -4.90
CA ALA A 18 -7.04 8.14 -3.56
C ALA A 18 -6.20 9.13 -2.76
N ARG A 19 -4.87 9.13 -2.84
CA ARG A 19 -4.11 10.17 -2.20
C ARG A 19 -4.49 11.58 -2.68
N GLU A 20 -4.63 11.70 -3.99
CA GLU A 20 -5.26 12.78 -4.72
C GLU A 20 -6.70 13.04 -4.25
N GLN A 21 -7.52 12.09 -3.83
CA GLN A 21 -8.86 12.35 -3.36
C GLN A 21 -8.79 13.08 -2.01
N LEU A 22 -7.66 12.96 -1.31
CA LEU A 22 -7.42 13.53 -0.01
C LEU A 22 -6.63 14.83 -0.07
N GLY A 23 -6.13 15.08 -1.29
CA GLY A 23 -5.43 16.31 -1.66
C GLY A 23 -4.07 16.57 -1.04
N ILE A 24 -3.66 15.74 -0.08
CA ILE A 24 -2.45 15.81 0.71
C ILE A 24 -1.22 15.81 -0.17
N SER A 25 -0.29 16.77 0.01
CA SER A 25 0.81 16.94 -0.89
C SER A 25 1.89 15.86 -0.96
N GLN A 26 2.74 15.78 -1.99
CA GLN A 26 3.92 14.96 -2.04
C GLN A 26 4.81 15.10 -0.81
N GLN A 27 5.02 16.34 -0.35
CA GLN A 27 5.79 16.63 0.85
C GLN A 27 5.04 16.14 2.08
N GLN A 28 3.72 16.20 2.12
CA GLN A 28 2.95 15.75 3.24
C GLN A 28 2.99 14.22 3.32
N LEU A 29 2.89 13.48 2.22
CA LEU A 29 2.97 12.03 2.13
C LEU A 29 4.31 11.45 2.62
N ALA A 30 5.33 12.14 2.12
CA ALA A 30 6.70 11.88 2.51
C ALA A 30 7.00 11.93 4.01
N GLN A 31 6.41 12.82 4.79
CA GLN A 31 6.36 12.78 6.24
C GLN A 31 5.62 11.58 6.80
N LYS A 32 4.49 11.17 6.23
CA LYS A 32 3.69 10.03 6.62
C LYS A 32 4.45 8.73 6.46
N LEU A 33 5.70 8.81 6.03
CA LEU A 33 6.55 7.71 5.62
C LEU A 33 8.04 7.75 5.88
N LYS A 34 8.39 8.84 6.57
CA LYS A 34 9.69 9.34 6.94
C LYS A 34 10.68 9.48 5.79
N VAL A 35 10.35 9.90 4.58
CA VAL A 35 11.10 10.06 3.33
C VAL A 35 11.00 11.44 2.73
N SER A 36 11.51 11.70 1.51
CA SER A 36 11.43 12.96 0.81
C SER A 36 10.35 13.03 -0.28
N GLU A 37 9.84 14.24 -0.56
CA GLU A 37 9.05 14.46 -1.76
C GLU A 37 9.77 13.90 -2.98
N ASN A 38 11.09 13.95 -2.92
CA ASN A 38 11.95 13.64 -4.05
C ASN A 38 11.99 12.14 -4.27
N ILE A 39 11.82 11.28 -3.26
CA ILE A 39 11.70 9.84 -3.40
C ILE A 39 10.37 9.39 -4.03
N VAL A 40 9.24 9.90 -3.57
CA VAL A 40 7.84 9.77 -3.98
C VAL A 40 7.63 10.16 -5.42
N LYS A 41 8.15 11.27 -5.94
CA LYS A 41 8.27 11.43 -7.38
C LYS A 41 9.05 10.31 -8.05
N ARG A 42 10.16 9.82 -7.48
CA ARG A 42 10.95 8.74 -8.02
C ARG A 42 10.16 7.46 -8.22
N PHE A 43 9.21 7.14 -7.33
CA PHE A 43 8.32 6.00 -7.51
C PHE A 43 7.30 6.27 -8.61
N GLU A 44 6.70 7.46 -8.62
CA GLU A 44 5.68 7.81 -9.59
C GLU A 44 6.31 7.89 -10.98
N SER A 45 7.62 7.94 -11.21
CA SER A 45 8.30 7.96 -12.49
C SER A 45 8.90 6.60 -12.82
N GLY A 46 8.76 5.55 -12.00
CA GLY A 46 9.27 4.22 -12.28
C GLY A 46 10.74 3.98 -11.94
N LYS A 47 11.44 4.94 -11.30
CA LYS A 47 12.89 4.97 -11.17
C LYS A 47 13.43 4.34 -9.89
N LEU A 48 12.49 4.25 -8.94
CA LEU A 48 12.71 3.80 -7.58
C LEU A 48 11.49 3.01 -7.10
N LYS A 49 11.62 2.22 -6.05
CA LYS A 49 10.49 1.57 -5.41
C LYS A 49 10.52 1.70 -3.89
N PRO A 50 9.43 1.69 -3.11
CA PRO A 50 9.41 1.59 -1.67
C PRO A 50 9.99 0.24 -1.25
N THR A 51 10.29 0.03 0.03
CA THR A 51 10.68 -1.21 0.67
C THR A 51 9.49 -1.89 1.31
N ILE A 52 9.71 -3.07 1.93
CA ILE A 52 8.70 -3.93 2.52
C ILE A 52 7.97 -3.34 3.72
N SER A 53 8.60 -2.90 4.82
CA SER A 53 7.99 -2.11 5.84
C SER A 53 7.30 -0.87 5.27
N GLN A 54 7.74 -0.28 4.15
CA GLN A 54 7.16 0.90 3.56
C GLN A 54 5.89 0.52 2.80
N ALA A 55 5.93 -0.45 1.87
CA ALA A 55 4.87 -1.25 1.27
C ALA A 55 3.92 -1.58 2.41
N ARG A 56 4.36 -2.01 3.60
CA ARG A 56 3.49 -2.34 4.71
C ARG A 56 2.68 -1.14 5.19
N GLN A 57 3.34 0.02 5.23
CA GLN A 57 2.78 1.30 5.62
C GLN A 57 1.96 2.04 4.58
N LEU A 58 2.34 2.09 3.30
CA LEU A 58 1.44 2.43 2.19
C LEU A 58 0.08 1.75 2.26
N GLU A 59 -0.04 0.44 2.53
CA GLU A 59 -1.34 -0.19 2.59
C GLU A 59 -2.17 0.58 3.62
N LYS A 60 -1.56 0.91 4.75
CA LYS A 60 -2.06 1.61 5.91
C LYS A 60 -2.05 3.13 5.91
N ILE A 61 -1.50 3.82 4.90
CA ILE A 61 -1.14 5.22 4.96
C ILE A 61 -2.29 6.21 4.86
N LEU A 62 -3.38 5.92 4.14
CA LEU A 62 -4.57 6.70 3.82
C LEU A 62 -5.78 6.27 4.61
N GLY A 63 -5.74 5.17 5.37
CA GLY A 63 -6.80 4.27 5.77
C GLY A 63 -7.45 3.57 4.58
N ILE A 64 -7.32 4.13 3.36
CA ILE A 64 -8.01 3.68 2.18
C ILE A 64 -7.18 3.48 0.93
N LYS A 65 -7.81 3.44 -0.25
CA LYS A 65 -7.27 3.11 -1.55
C LYS A 65 -8.38 3.32 -2.56
N LEU A 66 -8.14 3.17 -3.87
CA LEU A 66 -8.94 2.54 -4.88
C LEU A 66 -9.57 3.65 -5.70
N VAL A 67 -10.05 4.71 -5.04
CA VAL A 67 -11.12 5.54 -5.56
C VAL A 67 -10.81 6.87 -6.23
N THR A 68 -11.53 7.18 -7.30
CA THR A 68 -11.67 8.46 -7.95
C THR A 68 -12.94 9.12 -7.46
N PRO A 69 -13.24 10.36 -7.89
CA PRO A 69 -14.50 10.99 -7.50
C PRO A 69 -15.67 10.16 -8.03
N LEU A 70 -15.36 9.22 -8.92
CA LEU A 70 -16.34 8.46 -9.66
C LEU A 70 -16.47 7.01 -9.22
N GLU A 71 -15.46 6.39 -8.63
CA GLU A 71 -15.41 4.98 -8.33
C GLU A 71 -16.39 4.61 -7.22
N ASN A 72 -17.42 3.85 -7.56
CA ASN A 72 -18.49 3.57 -6.63
C ASN A 72 -18.45 2.29 -5.82
N ASN A 73 -18.26 1.13 -6.48
CA ASN A 73 -17.83 -0.08 -5.81
C ASN A 73 -16.43 -0.03 -5.18
N GLU A 74 -16.29 -0.18 -3.87
CA GLU A 74 -15.00 -0.14 -3.20
C GLU A 74 -14.90 -0.97 -1.94
N GLU A 75 -15.71 -2.02 -1.85
CA GLU A 75 -15.95 -2.68 -0.58
C GLU A 75 -14.66 -3.34 -0.10
N SER A 76 -14.06 -2.75 0.95
CA SER A 76 -12.89 -3.18 1.70
C SER A 76 -12.78 -2.55 3.08
N GLU A 77 -12.29 -3.27 4.09
CA GLU A 77 -12.17 -2.72 5.42
C GLU A 77 -11.20 -1.55 5.41
N LYS A 78 -11.54 -0.48 6.12
CA LYS A 78 -10.75 0.73 6.27
C LYS A 78 -9.59 0.23 7.13
N GLU A 79 -8.35 0.49 6.72
CA GLU A 79 -7.16 0.05 7.40
C GLU A 79 -6.03 1.07 7.50
N PHE A 80 -5.84 1.64 8.70
CA PHE A 80 -4.98 2.78 8.90
C PHE A 80 -4.04 2.43 10.06
N ASP A 81 -2.77 2.74 9.83
CA ASP A 81 -1.76 2.99 10.84
C ASP A 81 -2.24 3.74 12.08
N ASP A 82 -1.71 3.35 13.23
CA ASP A 82 -2.12 4.01 14.46
C ASP A 82 -1.56 5.42 14.57
N THR A 83 -0.31 5.68 14.18
CA THR A 83 0.26 7.01 14.08
C THR A 83 -0.54 7.66 12.97
N GLY A 84 -0.94 6.96 11.91
CA GLY A 84 -1.79 7.48 10.85
C GLY A 84 -3.12 8.05 11.32
N LEU A 85 -3.79 7.47 12.32
CA LEU A 85 -5.10 7.83 12.84
C LEU A 85 -4.87 8.74 14.02
N THR A 86 -4.37 8.11 15.09
CA THR A 86 -4.57 8.42 16.49
C THR A 86 -3.54 9.42 16.99
N LEU A 87 -2.30 9.39 16.51
CA LEU A 87 -1.39 10.50 16.61
C LEU A 87 -1.59 11.57 15.53
N GLY A 88 -2.42 11.25 14.55
CA GLY A 88 -2.86 12.17 13.51
C GLY A 88 -3.94 13.10 14.04
N ASP A 89 -4.65 12.85 15.15
CA ASP A 89 -5.94 13.39 15.52
C ASP A 89 -5.99 14.82 16.03
N VAL A 90 -4.98 15.61 15.66
CA VAL A 90 -4.50 16.93 16.02
C VAL A 90 -4.24 17.80 14.80
N VAL A 91 -4.39 19.12 14.66
CA VAL A 91 -4.56 20.02 15.77
C VAL A 91 -5.89 19.76 16.45
N ASN A 92 -5.95 19.35 17.72
CA ASN A 92 -7.19 18.74 18.17
C ASN A 92 -8.29 19.76 18.45
N ILE A 93 -7.98 20.93 19.00
CA ILE A 93 -8.86 21.94 19.57
C ILE A 93 -9.48 22.78 18.45
N LYS A 94 -9.01 22.61 17.21
CA LYS A 94 -9.60 23.27 16.07
C LYS A 94 -10.24 22.24 15.16
N GLU A 95 -11.25 22.75 14.44
CA GLU A 95 -12.18 22.07 13.56
C GLU A 95 -11.48 21.44 12.35
N GLY A 96 -11.73 20.19 12.02
CA GLY A 96 -11.25 19.54 10.82
C GLY A 96 -9.79 19.13 10.84
N LYS A 97 -9.02 19.78 11.71
CA LYS A 97 -7.80 19.37 12.36
C LYS A 97 -6.65 20.27 11.94
N LYS A 98 -6.88 21.32 11.14
CA LYS A 98 -5.97 22.35 10.70
C LYS A 98 -4.72 21.80 10.05
N LEU A 99 -4.83 21.21 8.86
CA LEU A 99 -3.78 20.59 8.08
C LEU A 99 -3.11 21.63 7.21
N GLU A 100 -1.94 21.39 6.60
CA GLU A 100 -1.25 22.28 5.69
C GLU A 100 -2.00 22.53 4.37
N HIS A 101 -2.77 21.66 3.73
CA HIS A 101 -3.39 21.90 2.43
C HIS A 101 -4.82 22.40 2.58
N HIS A 102 -5.27 22.82 3.75
CA HIS A 102 -6.61 23.28 4.07
C HIS A 102 -6.75 24.80 3.94
N GLU A 1 17.03 -5.93 -31.59
CA GLU A 1 17.44 -5.36 -30.30
C GLU A 1 16.24 -5.30 -29.38
N ASN A 2 16.02 -6.48 -28.79
CA ASN A 2 15.06 -6.71 -27.72
C ASN A 2 15.23 -5.82 -26.50
N ALA A 3 16.43 -5.24 -26.38
CA ALA A 3 16.63 -4.40 -25.23
C ALA A 3 16.15 -2.95 -25.31
N GLU A 4 15.37 -2.62 -26.34
CA GLU A 4 14.67 -1.37 -26.44
C GLU A 4 13.18 -1.43 -26.14
N LEU A 5 12.66 -2.55 -25.58
CA LEU A 5 11.40 -2.62 -24.87
C LEU A 5 11.63 -2.79 -23.38
N GLU A 6 10.57 -2.75 -22.56
CA GLU A 6 10.55 -2.64 -21.12
C GLU A 6 9.23 -2.88 -20.40
N ILE A 7 9.26 -3.63 -19.30
CA ILE A 7 8.19 -4.06 -18.44
C ILE A 7 8.09 -3.32 -17.12
N VAL A 8 9.02 -2.44 -16.70
CA VAL A 8 8.86 -1.69 -15.47
C VAL A 8 7.84 -0.58 -15.69
N THR A 9 7.31 -0.42 -16.91
CA THR A 9 6.07 0.21 -17.32
C THR A 9 4.85 -0.29 -16.57
N ASP A 10 4.89 -1.47 -15.96
CA ASP A 10 3.78 -2.07 -15.22
C ASP A 10 3.91 -1.66 -13.77
N TYR A 11 3.98 -0.32 -13.62
CA TYR A 11 4.24 0.34 -12.36
C TYR A 11 3.22 0.02 -11.29
N TYR A 12 3.61 -0.29 -10.06
CA TYR A 12 2.68 -0.72 -9.04
C TYR A 12 1.69 0.38 -8.65
N LYS A 13 0.47 -0.05 -8.34
CA LYS A 13 -0.75 0.74 -8.33
C LYS A 13 -1.02 1.66 -7.14
N ILE A 14 -0.53 1.33 -5.96
CA ILE A 14 -1.01 2.11 -4.82
C ILE A 14 -0.28 3.44 -4.83
N ILE A 15 1.04 3.38 -4.89
CA ILE A 15 1.81 4.61 -4.92
C ILE A 15 1.40 5.57 -6.02
N LYS A 16 0.89 5.04 -7.12
CA LYS A 16 0.30 5.68 -8.28
C LYS A 16 -0.92 6.53 -7.88
N THR A 17 -1.71 6.00 -6.96
CA THR A 17 -2.97 6.58 -6.55
C THR A 17 -2.94 7.55 -5.38
N ALA A 18 -1.90 7.48 -4.54
CA ALA A 18 -1.75 7.95 -3.19
C ALA A 18 -1.95 9.46 -3.04
N ARG A 19 -1.15 10.30 -3.70
CA ARG A 19 -1.12 11.72 -3.46
C ARG A 19 -2.49 12.33 -3.70
N GLU A 20 -3.17 11.98 -4.79
CA GLU A 20 -4.57 12.35 -4.96
C GLU A 20 -5.56 11.78 -3.97
N GLN A 21 -5.44 10.55 -3.46
CA GLN A 21 -6.41 9.90 -2.60
C GLN A 21 -6.39 10.51 -1.20
N LEU A 22 -5.54 11.50 -1.00
CA LEU A 22 -5.30 12.28 0.20
C LEU A 22 -5.61 13.75 -0.01
N GLY A 23 -5.64 14.23 -1.25
CA GLY A 23 -6.27 15.49 -1.64
C GLY A 23 -5.42 16.72 -1.36
N ILE A 24 -4.32 16.44 -0.65
CA ILE A 24 -3.34 17.31 -0.06
C ILE A 24 -2.19 17.53 -1.02
N SER A 25 -1.45 18.65 -0.89
CA SER A 25 -0.18 18.83 -1.58
C SER A 25 0.92 17.88 -1.17
N GLN A 26 1.95 17.77 -2.01
CA GLN A 26 3.15 17.07 -1.65
C GLN A 26 3.79 17.63 -0.38
N GLN A 27 3.75 18.95 -0.17
CA GLN A 27 4.21 19.63 1.04
C GLN A 27 3.33 19.30 2.22
N GLN A 28 2.03 19.05 2.06
CA GLN A 28 1.20 18.52 3.13
C GLN A 28 1.55 17.08 3.50
N LEU A 29 1.85 16.19 2.55
CA LEU A 29 2.22 14.82 2.72
C LEU A 29 3.53 14.72 3.47
N ALA A 30 4.44 15.65 3.17
CA ALA A 30 5.72 15.75 3.82
C ALA A 30 5.52 16.27 5.22
N GLN A 31 4.44 17.00 5.51
CA GLN A 31 4.13 17.33 6.89
C GLN A 31 3.84 16.14 7.78
N LYS A 32 3.18 15.10 7.27
CA LYS A 32 2.74 13.92 7.99
C LYS A 32 3.92 13.07 8.47
N LEU A 33 5.01 13.31 7.74
CA LEU A 33 5.93 12.23 7.46
C LEU A 33 7.35 12.70 7.72
N LYS A 34 7.49 13.99 8.02
CA LYS A 34 8.68 14.79 7.78
C LYS A 34 9.31 14.77 6.39
N VAL A 35 9.33 13.66 5.67
CA VAL A 35 10.28 13.43 4.61
C VAL A 35 9.58 13.09 3.29
N SER A 36 10.28 13.38 2.19
CA SER A 36 9.82 14.03 0.98
C SER A 36 10.30 13.48 -0.36
N GLU A 37 11.21 12.52 -0.30
CA GLU A 37 12.02 12.16 -1.46
C GLU A 37 11.49 10.89 -2.11
N ASN A 38 10.91 9.92 -1.39
CA ASN A 38 10.50 8.66 -1.94
C ASN A 38 9.00 8.39 -1.83
N ILE A 39 8.17 8.60 -0.79
CA ILE A 39 8.26 9.09 0.57
C ILE A 39 9.08 10.36 0.68
N VAL A 40 8.62 11.43 0.01
CA VAL A 40 7.41 11.52 -0.78
C VAL A 40 7.59 11.25 -2.26
N LYS A 41 8.61 11.87 -2.87
CA LYS A 41 8.52 12.25 -4.26
C LYS A 41 8.26 11.20 -5.33
N ARG A 42 8.95 10.07 -5.19
CA ARG A 42 9.23 9.13 -6.28
C ARG A 42 8.03 8.32 -6.73
N PHE A 43 6.93 8.30 -5.99
CA PHE A 43 5.68 7.74 -6.47
C PHE A 43 5.24 8.27 -7.81
N GLU A 44 5.56 9.49 -8.26
CA GLU A 44 5.33 9.88 -9.64
C GLU A 44 5.86 8.94 -10.73
N SER A 45 6.90 8.17 -10.43
CA SER A 45 7.81 7.82 -11.50
C SER A 45 7.40 6.79 -12.54
N GLY A 46 6.51 5.81 -12.30
CA GLY A 46 6.32 4.79 -13.29
C GLY A 46 7.38 3.70 -13.35
N LYS A 47 8.13 3.57 -12.26
CA LYS A 47 9.40 2.87 -12.32
C LYS A 47 9.68 1.66 -11.45
N LEU A 48 8.70 1.19 -10.68
CA LEU A 48 8.85 0.21 -9.62
C LEU A 48 7.73 -0.77 -9.39
N LYS A 49 8.10 -2.02 -9.06
CA LYS A 49 7.28 -2.98 -8.33
C LYS A 49 7.93 -3.28 -6.99
N PRO A 50 7.43 -2.85 -5.83
CA PRO A 50 8.15 -2.91 -4.56
C PRO A 50 8.15 -4.32 -3.95
N THR A 51 8.74 -4.45 -2.77
CA THR A 51 8.58 -5.61 -1.92
C THR A 51 7.32 -5.60 -1.07
N ILE A 52 7.12 -6.76 -0.45
CA ILE A 52 5.98 -7.08 0.38
C ILE A 52 6.02 -6.25 1.67
N SER A 53 7.13 -6.14 2.38
CA SER A 53 7.18 -5.17 3.46
C SER A 53 6.88 -3.76 2.95
N GLN A 54 7.26 -3.38 1.74
CA GLN A 54 7.19 -2.01 1.27
C GLN A 54 5.73 -1.76 0.91
N ALA A 55 5.15 -2.65 0.11
CA ALA A 55 3.74 -2.62 -0.20
C ALA A 55 2.83 -2.55 1.03
N ARG A 56 3.16 -3.30 2.08
CA ARG A 56 2.42 -3.14 3.33
C ARG A 56 2.60 -1.78 3.97
N GLN A 57 3.82 -1.22 4.10
CA GLN A 57 4.10 0.07 4.66
C GLN A 57 3.51 1.22 3.85
N LEU A 58 3.30 1.04 2.54
CA LEU A 58 3.00 2.10 1.61
C LEU A 58 1.49 2.24 1.56
N GLU A 59 0.78 1.13 1.75
CA GLU A 59 -0.53 1.19 2.36
C GLU A 59 -0.46 1.97 3.66
N LYS A 60 0.68 1.92 4.35
CA LYS A 60 0.62 2.32 5.75
C LYS A 60 0.60 3.81 6.01
N ILE A 61 1.15 4.64 5.11
CA ILE A 61 0.99 6.07 5.08
C ILE A 61 -0.46 6.54 5.00
N LEU A 62 -1.33 5.96 4.19
CA LEU A 62 -2.65 6.46 3.83
C LEU A 62 -3.63 6.66 4.97
N GLY A 63 -3.56 5.78 5.96
CA GLY A 63 -4.62 5.79 6.94
C GLY A 63 -5.95 5.28 6.43
N ILE A 64 -6.00 4.98 5.12
CA ILE A 64 -7.02 4.18 4.49
C ILE A 64 -6.48 2.88 3.90
N LYS A 65 -7.20 2.22 3.00
CA LYS A 65 -6.76 1.10 2.21
C LYS A 65 -6.83 1.35 0.70
N LEU A 66 -5.98 0.74 -0.12
CA LEU A 66 -5.99 0.81 -1.57
C LEU A 66 -5.47 -0.39 -2.34
N VAL A 67 -5.95 -0.67 -3.57
CA VAL A 67 -6.73 0.10 -4.50
C VAL A 67 -8.18 -0.27 -4.79
N THR A 68 -9.10 0.67 -5.09
CA THR A 68 -10.48 0.42 -5.41
C THR A 68 -10.63 0.06 -6.89
N PRO A 69 -11.85 -0.07 -7.41
CA PRO A 69 -12.09 0.00 -8.84
C PRO A 69 -11.64 1.29 -9.49
N LEU A 70 -10.90 2.16 -8.79
CA LEU A 70 -10.17 3.23 -9.44
C LEU A 70 -8.96 2.65 -10.15
N GLU A 71 -8.40 1.48 -9.77
CA GLU A 71 -7.21 0.84 -10.30
C GLU A 71 -7.27 -0.66 -10.11
N ASN A 72 -8.13 -1.27 -9.29
CA ASN A 72 -8.32 -2.70 -9.36
C ASN A 72 -9.72 -3.06 -8.92
N ASN A 73 -10.47 -3.81 -9.76
CA ASN A 73 -11.87 -4.12 -9.60
C ASN A 73 -12.18 -5.26 -8.66
N GLU A 74 -11.29 -6.09 -8.12
CA GLU A 74 -11.46 -7.15 -7.13
C GLU A 74 -10.23 -7.17 -6.24
N GLU A 75 -10.33 -7.78 -5.05
CA GLU A 75 -9.31 -8.12 -4.10
C GLU A 75 -8.56 -9.38 -4.55
N SER A 76 -8.24 -9.41 -5.84
CA SER A 76 -7.75 -10.54 -6.62
C SER A 76 -6.27 -10.85 -6.51
N GLU A 77 -5.48 -9.88 -6.03
CA GLU A 77 -4.04 -10.04 -5.94
C GLU A 77 -3.65 -10.42 -4.52
N LYS A 78 -4.59 -10.38 -3.56
CA LYS A 78 -4.41 -10.91 -2.23
C LYS A 78 -4.43 -12.44 -2.18
N GLU A 79 -3.94 -12.89 -1.02
CA GLU A 79 -3.63 -14.30 -0.77
C GLU A 79 -3.44 -14.59 0.71
N PHE A 80 -3.20 -15.82 1.16
CA PHE A 80 -2.88 -16.13 2.53
C PHE A 80 -1.44 -16.64 2.61
N ASP A 81 -0.92 -16.63 3.85
CA ASP A 81 0.43 -16.97 4.24
C ASP A 81 0.56 -17.25 5.72
N ASP A 82 1.46 -18.15 6.15
CA ASP A 82 1.59 -18.52 7.53
C ASP A 82 2.16 -17.45 8.47
N THR A 83 2.80 -16.45 7.88
CA THR A 83 3.31 -15.32 8.63
C THR A 83 2.33 -14.17 8.57
N GLY A 84 1.63 -13.97 7.46
CA GLY A 84 0.64 -12.92 7.28
C GLY A 84 -0.62 -13.29 8.06
N LEU A 85 -0.80 -14.55 8.44
CA LEU A 85 -1.75 -15.07 9.40
C LEU A 85 -1.87 -14.19 10.65
N THR A 86 -0.77 -13.71 11.23
CA THR A 86 -0.83 -13.05 12.50
C THR A 86 -0.62 -11.58 12.20
N LEU A 87 -0.59 -11.10 10.96
CA LEU A 87 -0.70 -9.70 10.62
C LEU A 87 -2.04 -9.17 10.13
N GLY A 88 -2.92 -10.04 9.59
CA GLY A 88 -4.19 -9.72 8.99
C GLY A 88 -4.03 -9.33 7.53
N ASP A 89 -2.80 -9.44 6.98
CA ASP A 89 -2.51 -9.03 5.61
C ASP A 89 -2.70 -10.24 4.70
N VAL A 90 -4.00 -10.55 4.56
CA VAL A 90 -4.52 -11.79 4.05
C VAL A 90 -5.78 -11.70 3.21
N VAL A 91 -6.01 -12.56 2.20
CA VAL A 91 -7.27 -12.77 1.54
C VAL A 91 -8.51 -13.01 2.43
N ASN A 92 -9.19 -11.91 2.74
CA ASN A 92 -10.30 -11.92 3.67
C ASN A 92 -11.57 -12.34 2.98
N ILE A 93 -11.66 -12.18 1.65
CA ILE A 93 -12.83 -12.35 0.81
C ILE A 93 -13.23 -13.80 0.51
N LYS A 94 -12.29 -14.73 0.45
CA LYS A 94 -12.68 -16.11 0.31
C LYS A 94 -12.73 -16.77 1.68
N GLU A 95 -13.74 -17.61 1.95
CA GLU A 95 -13.96 -18.25 3.23
C GLU A 95 -13.22 -19.59 3.29
N GLY A 96 -12.67 -19.86 4.49
CA GLY A 96 -11.63 -20.80 4.81
C GLY A 96 -10.23 -20.51 4.28
N LYS A 97 -10.13 -19.85 3.13
CA LYS A 97 -8.85 -19.53 2.51
C LYS A 97 -7.99 -18.52 3.27
N LYS A 98 -8.61 -17.64 4.04
CA LYS A 98 -8.03 -16.88 5.13
C LYS A 98 -7.25 -17.62 6.23
N LEU A 99 -7.05 -18.92 6.04
CA LEU A 99 -6.34 -19.83 6.94
C LEU A 99 -5.92 -21.07 6.18
N GLU A 100 -5.49 -20.95 4.91
CA GLU A 100 -5.26 -21.97 3.92
C GLU A 100 -4.48 -23.21 4.31
N HIS A 101 -3.17 -23.01 4.53
CA HIS A 101 -2.16 -24.03 4.66
C HIS A 101 -1.46 -24.03 6.01
N HIS A 102 -2.12 -23.38 6.97
CA HIS A 102 -1.88 -23.22 8.40
C HIS A 102 -2.34 -24.47 9.14
N GLU A 1 5.40 14.84 -16.11
CA GLU A 1 4.40 13.90 -16.65
C GLU A 1 4.90 13.05 -17.81
N ASN A 2 5.95 12.30 -17.51
CA ASN A 2 6.45 11.24 -18.38
C ASN A 2 7.31 10.30 -17.57
N ALA A 3 6.70 9.51 -16.69
CA ALA A 3 7.32 8.65 -15.70
C ALA A 3 6.81 7.22 -15.70
N GLU A 4 6.07 6.79 -16.73
CA GLU A 4 5.65 5.44 -17.02
C GLU A 4 6.41 4.84 -18.20
N LEU A 5 7.56 5.46 -18.52
CA LEU A 5 8.40 5.13 -19.65
C LEU A 5 9.48 4.12 -19.33
N GLU A 6 9.91 3.94 -18.08
CA GLU A 6 11.20 3.40 -17.73
C GLU A 6 11.13 2.34 -16.64
N ILE A 7 9.95 1.71 -16.60
CA ILE A 7 9.39 1.19 -15.38
C ILE A 7 9.20 -0.33 -15.46
N VAL A 8 9.01 -0.96 -14.30
CA VAL A 8 8.72 -2.38 -14.31
C VAL A 8 7.33 -2.68 -14.88
N THR A 9 7.01 -3.97 -14.85
CA THR A 9 5.80 -4.65 -15.30
C THR A 9 4.43 -4.23 -14.79
N ASP A 10 4.31 -3.69 -13.57
CA ASP A 10 3.07 -3.61 -12.85
C ASP A 10 3.42 -2.84 -11.60
N TYR A 11 3.83 -1.59 -11.74
CA TYR A 11 3.95 -0.67 -10.63
C TYR A 11 2.66 -0.49 -9.83
N TYR A 12 2.66 -0.95 -8.58
CA TYR A 12 1.55 -1.07 -7.68
C TYR A 12 0.78 0.21 -7.35
N LYS A 13 -0.54 0.09 -7.18
CA LYS A 13 -1.47 1.17 -7.33
C LYS A 13 -2.25 1.57 -6.08
N ILE A 14 -2.08 0.84 -4.97
CA ILE A 14 -2.78 0.98 -3.71
C ILE A 14 -2.98 2.40 -3.20
N ILE A 15 -1.87 3.17 -3.20
CA ILE A 15 -1.97 4.54 -2.75
C ILE A 15 -2.65 5.49 -3.74
N LYS A 16 -2.81 5.15 -5.01
CA LYS A 16 -3.01 6.17 -6.03
C LYS A 16 -4.27 7.01 -6.05
N THR A 17 -5.43 6.37 -6.13
CA THR A 17 -6.73 7.01 -6.02
C THR A 17 -6.80 7.80 -4.73
N ALA A 18 -6.27 7.27 -3.62
CA ALA A 18 -6.26 7.97 -2.34
C ALA A 18 -5.42 9.23 -2.22
N ARG A 19 -4.18 9.20 -2.70
CA ARG A 19 -3.39 10.40 -2.95
C ARG A 19 -4.17 11.47 -3.69
N GLU A 20 -4.94 11.10 -4.72
CA GLU A 20 -5.73 11.99 -5.53
C GLU A 20 -6.96 12.52 -4.80
N GLN A 21 -7.67 11.72 -4.01
CA GLN A 21 -8.84 12.20 -3.29
C GLN A 21 -8.53 13.31 -2.32
N LEU A 22 -7.40 13.17 -1.63
CA LEU A 22 -6.77 14.16 -0.77
C LEU A 22 -6.44 15.42 -1.55
N GLY A 23 -6.06 15.23 -2.81
CA GLY A 23 -5.54 16.20 -3.75
C GLY A 23 -4.23 16.85 -3.37
N ILE A 24 -3.66 16.43 -2.26
CA ILE A 24 -2.56 17.10 -1.57
C ILE A 24 -1.24 17.11 -2.36
N SER A 25 -0.42 18.12 -2.06
CA SER A 25 0.82 18.28 -2.78
C SER A 25 1.93 17.35 -2.27
N GLN A 26 3.06 17.29 -3.01
CA GLN A 26 4.21 16.52 -2.56
C GLN A 26 4.55 17.09 -1.18
N GLN A 27 4.52 18.39 -0.93
CA GLN A 27 4.84 18.93 0.39
C GLN A 27 3.80 18.71 1.48
N GLN A 28 2.48 18.67 1.28
CA GLN A 28 1.57 18.25 2.34
C GLN A 28 1.76 16.79 2.74
N LEU A 29 2.03 15.91 1.79
CA LEU A 29 2.27 14.49 1.92
C LEU A 29 3.58 14.13 2.59
N ALA A 30 4.59 14.93 2.29
CA ALA A 30 5.89 14.95 2.94
C ALA A 30 5.78 15.27 4.42
N GLN A 31 4.99 16.30 4.75
CA GLN A 31 4.65 16.65 6.11
C GLN A 31 3.84 15.56 6.80
N LYS A 32 2.86 14.98 6.14
CA LYS A 32 1.93 13.99 6.67
C LYS A 32 2.62 12.67 6.97
N LEU A 33 3.82 12.48 6.43
CA LEU A 33 4.59 11.26 6.43
C LEU A 33 5.93 11.49 7.12
N LYS A 34 6.21 12.69 7.64
CA LYS A 34 7.43 13.29 8.14
C LYS A 34 8.53 13.44 7.11
N VAL A 35 8.72 12.55 6.14
CA VAL A 35 9.85 12.25 5.28
C VAL A 35 10.03 13.22 4.10
N SER A 36 11.20 13.19 3.49
CA SER A 36 11.65 14.13 2.50
C SER A 36 11.12 13.96 1.09
N GLU A 37 11.15 15.00 0.26
CA GLU A 37 10.30 14.94 -0.92
C GLU A 37 10.99 14.14 -2.03
N ASN A 38 12.30 13.88 -1.84
CA ASN A 38 13.03 12.91 -2.65
C ASN A 38 12.38 11.53 -2.51
N ILE A 39 12.04 11.11 -1.29
CA ILE A 39 11.38 9.88 -0.93
C ILE A 39 9.98 9.89 -1.55
N VAL A 40 9.28 11.03 -1.41
CA VAL A 40 7.93 11.05 -1.90
C VAL A 40 7.78 10.91 -3.42
N LYS A 41 8.56 11.62 -4.21
CA LYS A 41 8.62 11.47 -5.66
C LYS A 41 9.12 10.12 -6.17
N ARG A 42 9.96 9.36 -5.44
CA ARG A 42 10.41 8.04 -5.84
C ARG A 42 9.20 7.13 -6.01
N PHE A 43 8.25 7.18 -5.06
CA PHE A 43 7.09 6.30 -5.09
C PHE A 43 6.02 6.84 -6.03
N GLU A 44 5.93 8.13 -6.26
CA GLU A 44 4.98 8.78 -7.15
C GLU A 44 5.22 8.35 -8.58
N SER A 45 6.47 8.10 -8.94
CA SER A 45 6.93 8.29 -10.32
C SER A 45 7.62 7.07 -10.93
N GLY A 46 7.32 5.89 -10.37
CA GLY A 46 7.63 4.63 -10.99
C GLY A 46 9.08 4.24 -10.76
N LYS A 47 9.74 4.78 -9.72
CA LYS A 47 11.16 4.79 -9.53
C LYS A 47 11.69 3.68 -8.61
N LEU A 48 10.92 2.60 -8.57
CA LEU A 48 11.23 1.43 -7.77
C LEU A 48 10.94 0.11 -8.44
N LYS A 49 11.63 -0.96 -8.04
CA LYS A 49 11.14 -2.32 -8.06
C LYS A 49 10.48 -2.61 -6.72
N PRO A 50 9.16 -2.57 -6.71
CA PRO A 50 8.48 -2.79 -5.44
C PRO A 50 8.33 -4.29 -5.14
N THR A 51 7.90 -4.59 -3.91
CA THR A 51 7.64 -5.93 -3.41
C THR A 51 6.43 -5.96 -2.47
N ILE A 52 6.11 -7.16 -1.97
CA ILE A 52 5.12 -7.46 -0.96
C ILE A 52 5.37 -6.60 0.26
N SER A 53 6.53 -6.71 0.91
CA SER A 53 6.78 -6.03 2.16
C SER A 53 6.87 -4.54 1.86
N GLN A 54 7.34 -4.05 0.70
CA GLN A 54 7.49 -2.66 0.39
C GLN A 54 6.12 -2.07 0.04
N ALA A 55 5.20 -2.76 -0.64
CA ALA A 55 3.83 -2.35 -0.81
C ALA A 55 3.19 -2.33 0.57
N ARG A 56 3.38 -3.35 1.41
CA ARG A 56 2.78 -3.43 2.73
C ARG A 56 3.04 -2.18 3.56
N GLN A 57 4.16 -1.47 3.32
CA GLN A 57 4.57 -0.36 4.13
C GLN A 57 4.04 0.95 3.53
N LEU A 58 3.84 1.06 2.22
CA LEU A 58 3.36 2.23 1.48
C LEU A 58 1.97 2.70 1.84
N GLU A 59 0.94 1.85 1.82
CA GLU A 59 -0.31 2.02 2.55
C GLU A 59 -0.15 2.34 4.03
N LYS A 60 0.98 1.99 4.64
CA LYS A 60 1.15 2.13 6.07
C LYS A 60 1.66 3.53 6.39
N ILE A 61 2.55 4.12 5.59
CA ILE A 61 3.00 5.46 5.88
C ILE A 61 1.86 6.40 5.51
N LEU A 62 0.99 6.09 4.53
CA LEU A 62 -0.16 6.88 4.21
C LEU A 62 -1.22 6.60 5.26
N GLY A 63 -1.11 5.40 5.85
CA GLY A 63 -2.11 4.78 6.69
C GLY A 63 -3.44 4.44 6.05
N ILE A 64 -3.61 4.56 4.73
CA ILE A 64 -4.75 4.22 3.90
C ILE A 64 -4.34 3.86 2.49
N LYS A 65 -5.27 3.48 1.64
CA LYS A 65 -5.10 2.82 0.34
C LYS A 65 -6.46 2.81 -0.32
N LEU A 66 -6.40 2.46 -1.61
CA LEU A 66 -7.53 2.33 -2.52
C LEU A 66 -7.29 1.44 -3.74
N VAL A 67 -8.16 0.56 -4.25
CA VAL A 67 -9.59 0.57 -4.10
C VAL A 67 -10.00 -0.62 -3.24
N THR A 68 -11.27 -0.62 -2.80
CA THR A 68 -11.91 -1.68 -2.06
C THR A 68 -12.58 -2.60 -3.06
N PRO A 69 -13.29 -3.63 -2.59
CA PRO A 69 -14.06 -4.56 -3.42
C PRO A 69 -14.98 -3.91 -4.45
N LEU A 70 -15.04 -2.57 -4.47
CA LEU A 70 -15.58 -1.95 -5.67
C LEU A 70 -14.79 -2.30 -6.93
N GLU A 71 -13.47 -2.43 -6.83
CA GLU A 71 -12.69 -2.87 -7.96
C GLU A 71 -11.54 -3.81 -7.62
N ASN A 72 -11.21 -3.91 -6.33
CA ASN A 72 -10.06 -4.59 -5.79
C ASN A 72 -10.30 -5.14 -4.38
N ASN A 73 -9.74 -6.33 -4.15
CA ASN A 73 -9.99 -7.03 -2.90
C ASN A 73 -8.76 -7.84 -2.52
N GLU A 74 -8.60 -8.01 -1.21
CA GLU A 74 -7.42 -8.62 -0.60
C GLU A 74 -7.69 -9.85 0.25
N GLU A 75 -6.66 -10.68 0.49
CA GLU A 75 -6.65 -11.72 1.50
C GLU A 75 -6.30 -11.22 2.89
N SER A 76 -6.52 -12.06 3.90
CA SER A 76 -6.59 -11.63 5.28
C SER A 76 -5.30 -11.78 6.09
N GLU A 77 -4.38 -12.58 5.58
CA GLU A 77 -3.01 -12.70 6.05
C GLU A 77 -2.25 -11.40 5.91
N LYS A 78 -2.52 -10.60 4.87
CA LYS A 78 -2.01 -9.26 4.63
C LYS A 78 -2.45 -8.20 5.64
N GLU A 79 -3.19 -8.53 6.70
CA GLU A 79 -3.55 -7.63 7.77
C GLU A 79 -2.37 -7.24 8.65
N PHE A 80 -1.44 -8.16 8.86
CA PHE A 80 -0.24 -7.95 9.67
C PHE A 80 0.97 -7.47 8.90
N ASP A 81 2.01 -7.01 9.59
CA ASP A 81 3.33 -6.71 9.05
C ASP A 81 4.33 -6.52 10.18
N ASP A 82 3.98 -5.92 11.32
CA ASP A 82 4.89 -5.58 12.40
C ASP A 82 4.79 -6.54 13.59
N THR A 83 3.66 -7.22 13.71
CA THR A 83 3.37 -8.23 14.69
C THR A 83 2.90 -9.52 14.00
N GLY A 84 2.30 -10.41 14.81
CA GLY A 84 1.70 -11.62 14.29
C GLY A 84 0.56 -12.12 15.14
N LEU A 85 -0.29 -13.07 14.69
CA LEU A 85 -1.50 -13.45 15.38
C LEU A 85 -1.34 -14.36 16.60
N THR A 86 -0.10 -14.64 17.00
CA THR A 86 0.34 -15.60 17.99
C THR A 86 1.43 -15.11 18.94
N LEU A 87 1.38 -15.59 20.18
CA LEU A 87 2.20 -15.12 21.27
C LEU A 87 3.68 -15.40 21.08
N GLY A 88 4.66 -14.77 21.76
CA GLY A 88 6.07 -14.94 21.50
C GLY A 88 6.67 -16.17 22.13
N ASP A 89 5.85 -17.07 22.70
CA ASP A 89 6.09 -18.21 23.54
C ASP A 89 6.79 -19.36 22.82
N VAL A 90 7.85 -18.96 22.12
CA VAL A 90 8.62 -19.69 21.12
C VAL A 90 10.11 -19.45 21.17
N VAL A 91 11.07 -20.26 20.69
CA VAL A 91 10.66 -21.41 19.93
C VAL A 91 10.04 -22.47 20.85
N ASN A 92 9.09 -23.25 20.31
CA ASN A 92 8.43 -24.34 20.98
C ASN A 92 9.31 -25.58 21.15
N ILE A 93 9.63 -26.04 22.35
CA ILE A 93 10.26 -27.30 22.61
C ILE A 93 9.38 -28.47 23.01
N LYS A 94 8.05 -28.34 23.09
CA LYS A 94 7.08 -29.43 23.16
C LYS A 94 7.05 -30.10 21.79
N GLU A 95 7.48 -29.37 20.76
CA GLU A 95 7.84 -29.90 19.47
C GLU A 95 9.12 -30.73 19.50
N GLY A 96 10.17 -30.29 20.20
CA GLY A 96 11.41 -31.00 20.36
C GLY A 96 12.54 -30.03 20.73
N LYS A 97 13.51 -30.55 21.48
CA LYS A 97 14.70 -29.86 21.96
C LYS A 97 15.50 -29.29 20.79
N LYS A 98 15.88 -28.02 20.82
CA LYS A 98 16.57 -27.41 19.71
C LYS A 98 18.07 -27.57 19.88
N LEU A 99 18.50 -28.85 19.82
CA LEU A 99 19.84 -29.37 19.90
C LEU A 99 19.78 -30.90 19.82
N GLU A 100 20.93 -31.61 19.83
CA GLU A 100 21.05 -32.78 19.00
C GLU A 100 22.20 -33.63 19.52
N HIS A 101 23.31 -33.72 18.81
CA HIS A 101 24.47 -34.48 19.24
C HIS A 101 25.14 -34.05 20.55
N HIS A 102 24.85 -32.81 20.94
CA HIS A 102 25.34 -32.03 22.06
C HIS A 102 25.58 -32.85 23.34
N GLU A 1 3.35 6.33 -20.07
CA GLU A 1 2.99 7.73 -20.32
C GLU A 1 1.89 7.87 -21.37
N ASN A 2 1.81 7.04 -22.43
CA ASN A 2 0.84 7.23 -23.48
C ASN A 2 -0.56 6.67 -23.24
N ALA A 3 -0.75 5.70 -22.35
CA ALA A 3 -1.98 5.13 -21.83
C ALA A 3 -2.46 5.85 -20.59
N GLU A 4 -3.68 5.50 -20.15
CA GLU A 4 -4.20 5.70 -18.81
C GLU A 4 -3.73 4.67 -17.82
N LEU A 5 -3.35 3.51 -18.37
CA LEU A 5 -2.81 2.42 -17.59
C LEU A 5 -1.29 2.37 -17.40
N GLU A 6 -0.87 1.72 -16.32
CA GLU A 6 0.50 1.43 -16.01
C GLU A 6 0.73 0.03 -15.45
N ILE A 7 1.74 -0.72 -15.92
CA ILE A 7 2.07 -1.97 -15.27
C ILE A 7 3.44 -1.98 -14.61
N VAL A 8 4.19 -0.86 -14.60
CA VAL A 8 5.52 -0.76 -14.03
C VAL A 8 5.40 -0.15 -12.64
N THR A 9 4.83 1.07 -12.50
CA THR A 9 5.19 2.02 -11.46
C THR A 9 4.75 1.59 -10.06
N ASP A 10 3.63 0.88 -9.87
CA ASP A 10 2.91 0.51 -8.68
C ASP A 10 2.43 1.78 -8.02
N TYR A 11 2.49 2.93 -8.70
CA TYR A 11 1.89 4.21 -8.34
C TYR A 11 0.61 4.55 -9.06
N TYR A 12 -0.28 3.56 -8.93
CA TYR A 12 -1.59 3.55 -9.54
C TYR A 12 -2.60 4.29 -8.69
N LYS A 13 -3.92 4.09 -8.92
CA LYS A 13 -5.00 4.86 -8.36
C LYS A 13 -5.17 4.74 -6.85
N ILE A 14 -4.35 3.93 -6.18
CA ILE A 14 -4.15 4.05 -4.74
C ILE A 14 -3.66 5.43 -4.27
N ILE A 15 -2.94 6.17 -5.11
CA ILE A 15 -2.32 7.43 -4.77
C ILE A 15 -2.46 8.41 -5.92
N LYS A 16 -2.48 8.05 -7.20
CA LYS A 16 -2.30 8.98 -8.29
C LYS A 16 -3.50 9.91 -8.48
N THR A 17 -4.69 9.31 -8.52
CA THR A 17 -5.99 9.92 -8.61
C THR A 17 -6.19 10.72 -7.32
N ALA A 18 -5.74 10.16 -6.19
CA ALA A 18 -5.92 10.66 -4.85
C ALA A 18 -5.29 12.02 -4.50
N ARG A 19 -3.97 12.13 -4.64
CA ARG A 19 -3.29 13.41 -4.57
C ARG A 19 -4.11 14.48 -5.29
N GLU A 20 -4.68 14.31 -6.48
CA GLU A 20 -5.67 15.17 -7.10
C GLU A 20 -6.97 15.39 -6.35
N GLN A 21 -7.67 14.38 -5.84
CA GLN A 21 -8.93 14.60 -5.15
C GLN A 21 -8.75 15.24 -3.77
N LEU A 22 -7.55 15.54 -3.29
CA LEU A 22 -7.24 16.11 -1.99
C LEU A 22 -6.96 17.59 -2.21
N GLY A 23 -6.59 17.99 -3.43
CA GLY A 23 -6.20 19.32 -3.83
C GLY A 23 -4.93 19.86 -3.16
N ILE A 24 -4.49 19.13 -2.13
CA ILE A 24 -3.35 19.52 -1.31
C ILE A 24 -1.96 19.53 -1.95
N SER A 25 -0.94 20.17 -1.37
CA SER A 25 0.46 20.21 -1.78
C SER A 25 1.32 18.99 -1.49
N GLN A 26 2.56 18.94 -2.00
CA GLN A 26 3.54 17.96 -1.62
C GLN A 26 4.05 18.25 -0.21
N GLN A 27 3.96 19.49 0.28
CA GLN A 27 4.36 19.76 1.64
C GLN A 27 3.30 19.18 2.55
N GLN A 28 1.99 19.22 2.21
CA GLN A 28 0.96 18.65 3.04
C GLN A 28 0.87 17.13 2.97
N LEU A 29 1.18 16.52 1.81
CA LEU A 29 1.14 15.12 1.44
C LEU A 29 2.29 14.40 2.13
N ALA A 30 3.48 14.97 2.29
CA ALA A 30 4.57 14.35 3.01
C ALA A 30 4.22 14.02 4.46
N GLN A 31 3.38 14.86 5.09
CA GLN A 31 2.72 14.61 6.36
C GLN A 31 1.82 13.40 6.30
N LYS A 32 0.95 13.34 5.30
CA LYS A 32 -0.04 12.27 5.29
C LYS A 32 0.54 10.89 5.01
N LEU A 33 1.75 10.82 4.44
CA LEU A 33 2.29 9.57 3.94
C LEU A 33 3.31 8.95 4.87
N LYS A 34 3.74 9.69 5.89
CA LYS A 34 4.93 9.46 6.70
C LYS A 34 6.27 9.49 5.98
N VAL A 35 6.25 9.40 4.65
CA VAL A 35 7.43 9.38 3.81
C VAL A 35 7.65 10.72 3.09
N SER A 36 8.85 10.90 2.52
CA SER A 36 9.17 12.11 1.80
C SER A 36 8.53 12.26 0.43
N GLU A 37 8.55 13.46 -0.17
CA GLU A 37 8.03 13.62 -1.52
C GLU A 37 9.01 12.92 -2.47
N ASN A 38 10.27 12.74 -2.10
CA ASN A 38 11.26 11.95 -2.82
C ASN A 38 10.84 10.49 -2.88
N ILE A 39 10.23 9.81 -1.90
CA ILE A 39 9.74 8.48 -2.15
C ILE A 39 8.56 8.51 -3.11
N VAL A 40 7.71 9.52 -2.88
CA VAL A 40 6.54 9.76 -3.69
C VAL A 40 6.90 9.88 -5.17
N LYS A 41 7.94 10.61 -5.55
CA LYS A 41 8.58 10.68 -6.88
C LYS A 41 9.04 9.26 -7.19
N ARG A 42 9.89 8.61 -6.39
CA ARG A 42 10.61 7.43 -6.83
C ARG A 42 9.64 6.40 -7.39
N PHE A 43 8.49 6.24 -6.76
CA PHE A 43 7.48 5.34 -7.25
C PHE A 43 6.82 5.85 -8.53
N GLU A 44 6.30 7.08 -8.63
CA GLU A 44 5.84 7.65 -9.89
C GLU A 44 6.87 7.54 -11.00
N SER A 45 8.17 7.69 -10.79
CA SER A 45 9.09 7.59 -11.90
C SER A 45 9.57 6.21 -12.34
N GLY A 46 9.05 5.14 -11.75
CA GLY A 46 9.17 3.78 -12.26
C GLY A 46 10.43 3.08 -11.72
N LYS A 47 11.13 3.70 -10.77
CA LYS A 47 12.45 3.40 -10.27
C LYS A 47 12.52 2.71 -8.91
N LEU A 48 11.39 2.74 -8.19
CA LEU A 48 11.20 2.15 -6.89
C LEU A 48 9.80 1.62 -6.61
N LYS A 49 9.64 0.46 -5.97
CA LYS A 49 8.35 -0.03 -5.55
C LYS A 49 8.38 -0.66 -4.15
N PRO A 50 7.35 -1.43 -3.77
CA PRO A 50 7.37 -2.07 -2.49
C PRO A 50 8.03 -3.44 -2.53
N THR A 51 8.66 -3.89 -1.44
CA THR A 51 9.47 -5.10 -1.39
C THR A 51 9.36 -5.82 -0.06
N ILE A 52 10.06 -6.96 0.14
CA ILE A 52 10.05 -7.74 1.36
C ILE A 52 10.94 -7.05 2.38
N SER A 53 12.14 -6.57 2.02
CA SER A 53 12.88 -5.70 2.92
C SER A 53 11.99 -4.54 3.33
N GLN A 54 10.81 -4.39 2.73
CA GLN A 54 10.00 -3.26 3.14
C GLN A 54 8.65 -3.61 3.75
N ALA A 55 7.96 -4.64 3.27
CA ALA A 55 6.55 -4.83 3.52
C ALA A 55 6.03 -4.49 4.91
N ARG A 56 6.63 -4.91 6.03
CA ARG A 56 5.96 -4.84 7.31
C ARG A 56 5.76 -3.45 7.90
N GLN A 57 6.80 -2.61 8.05
CA GLN A 57 6.52 -1.24 8.36
C GLN A 57 5.75 -0.53 7.26
N LEU A 58 6.10 -0.82 6.00
CA LEU A 58 5.59 -0.08 4.86
C LEU A 58 4.07 -0.09 4.96
N GLU A 59 3.44 -1.24 5.16
CA GLU A 59 1.99 -1.37 5.32
C GLU A 59 1.48 -0.52 6.46
N LYS A 60 2.08 -0.64 7.65
CA LYS A 60 1.57 -0.10 8.89
C LYS A 60 1.67 1.41 9.04
N ILE A 61 2.64 2.14 8.47
CA ILE A 61 2.51 3.57 8.31
C ILE A 61 1.39 3.96 7.35
N LEU A 62 0.87 3.05 6.52
CA LEU A 62 -0.35 2.99 5.75
C LEU A 62 -0.25 2.27 4.42
N GLY A 63 0.99 1.96 4.00
CA GLY A 63 1.21 1.44 2.66
C GLY A 63 1.05 2.46 1.57
N ILE A 64 0.87 3.76 1.85
CA ILE A 64 0.78 4.97 1.09
C ILE A 64 -0.48 5.19 0.25
N LYS A 65 -1.49 4.34 0.33
CA LYS A 65 -2.71 4.58 -0.40
C LYS A 65 -3.55 5.73 0.15
N LEU A 66 -4.29 6.47 -0.68
CA LEU A 66 -5.29 7.43 -0.27
C LEU A 66 -6.60 7.30 -1.05
N VAL A 67 -7.79 7.63 -0.53
CA VAL A 67 -8.02 8.26 0.76
C VAL A 67 -8.58 7.26 1.75
N THR A 68 -8.05 7.24 2.98
CA THR A 68 -8.46 6.43 4.10
C THR A 68 -9.52 7.21 4.86
N PRO A 69 -10.61 6.54 5.26
CA PRO A 69 -11.65 7.26 5.99
C PRO A 69 -11.24 7.71 7.38
N LEU A 70 -9.97 7.60 7.74
CA LEU A 70 -9.34 8.06 8.97
C LEU A 70 -7.87 8.29 8.70
N GLU A 71 -7.15 8.97 9.62
CA GLU A 71 -5.72 9.22 9.64
C GLU A 71 -4.92 7.97 9.92
N ASN A 72 -4.84 7.11 8.91
CA ASN A 72 -4.45 5.71 8.97
C ASN A 72 -2.99 5.46 9.37
N ASN A 73 -2.83 4.65 10.42
CA ASN A 73 -1.63 4.02 10.90
C ASN A 73 -1.95 2.85 11.82
N GLU A 74 -1.07 1.84 11.88
CA GLU A 74 -1.17 0.71 12.77
C GLU A 74 0.09 0.67 13.65
N GLU A 75 -0.23 0.71 14.94
CA GLU A 75 0.78 0.67 15.98
C GLU A 75 0.87 -0.65 16.70
N SER A 76 0.48 -1.66 15.93
CA SER A 76 0.30 -3.05 16.34
C SER A 76 1.64 -3.80 16.40
N GLU A 77 2.79 -3.30 15.98
CA GLU A 77 3.98 -4.13 15.85
C GLU A 77 5.26 -3.37 16.14
N LYS A 78 5.91 -3.59 17.28
CA LYS A 78 7.08 -2.85 17.69
C LYS A 78 8.45 -3.36 17.21
N GLU A 79 8.53 -4.58 16.67
CA GLU A 79 9.75 -5.07 16.06
C GLU A 79 9.64 -5.01 14.55
N PHE A 80 10.52 -4.20 13.95
CA PHE A 80 10.70 -4.20 12.52
C PHE A 80 12.16 -3.88 12.24
N ASP A 81 12.80 -4.62 11.33
CA ASP A 81 14.15 -4.44 10.83
C ASP A 81 14.31 -5.16 9.50
N ASP A 82 15.03 -4.63 8.50
CA ASP A 82 15.29 -5.37 7.28
C ASP A 82 16.61 -6.12 7.21
N THR A 83 17.50 -5.80 8.16
CA THR A 83 18.90 -6.16 8.29
C THR A 83 19.29 -7.58 7.86
N GLY A 84 18.66 -8.65 8.35
CA GLY A 84 18.95 -10.01 7.96
C GLY A 84 18.28 -10.42 6.67
N LEU A 85 17.52 -9.56 5.98
CA LEU A 85 17.07 -9.69 4.60
C LEU A 85 17.90 -8.90 3.61
N THR A 86 18.82 -8.08 4.09
CA THR A 86 19.46 -7.07 3.28
C THR A 86 20.97 -7.17 3.38
N LEU A 87 21.54 -7.02 4.57
CA LEU A 87 22.96 -7.05 4.86
C LEU A 87 23.47 -8.41 5.35
N GLY A 88 22.50 -9.27 5.68
CA GLY A 88 22.69 -10.66 6.02
C GLY A 88 23.37 -10.89 7.38
N ASP A 89 23.29 -9.87 8.24
CA ASP A 89 23.93 -9.69 9.53
C ASP A 89 23.64 -10.71 10.62
N VAL A 90 23.54 -12.00 10.26
CA VAL A 90 23.13 -13.16 11.01
C VAL A 90 23.82 -14.49 10.87
N VAL A 91 23.68 -15.58 11.64
CA VAL A 91 22.74 -15.63 12.74
C VAL A 91 23.04 -14.44 13.65
N ASN A 92 21.93 -13.99 14.23
CA ASN A 92 21.89 -12.91 15.21
C ASN A 92 22.28 -13.39 16.62
N ILE A 93 23.24 -12.70 17.22
CA ILE A 93 23.93 -13.15 18.43
C ILE A 93 23.88 -12.03 19.43
N LYS A 94 22.79 -11.26 19.55
CA LYS A 94 22.66 -10.13 20.43
C LYS A 94 22.39 -10.68 21.83
N GLU A 95 21.54 -11.69 21.96
CA GLU A 95 21.42 -12.55 23.11
C GLU A 95 22.54 -13.58 23.10
N GLY A 96 23.18 -13.80 21.95
CA GLY A 96 24.16 -14.86 21.77
C GLY A 96 25.63 -14.47 21.93
N LYS A 97 26.52 -15.25 21.33
CA LYS A 97 27.95 -15.08 21.26
C LYS A 97 28.46 -15.52 19.91
N LYS A 98 29.56 -14.95 19.42
CA LYS A 98 30.24 -15.44 18.23
C LYS A 98 30.90 -16.79 18.33
N LEU A 99 30.13 -17.88 18.48
CA LEU A 99 30.53 -19.28 18.51
C LEU A 99 31.00 -19.64 17.11
N GLU A 100 31.68 -20.77 17.02
CA GLU A 100 32.34 -21.25 15.83
C GLU A 100 31.46 -21.32 14.59
N HIS A 101 30.16 -21.61 14.73
CA HIS A 101 29.41 -22.07 13.59
C HIS A 101 28.94 -20.91 12.74
N HIS A 102 29.43 -19.70 13.04
CA HIS A 102 28.78 -18.44 12.74
C HIS A 102 29.12 -17.96 11.33
N GLU A 1 -12.04 6.66 -13.50
CA GLU A 1 -10.93 6.86 -12.56
C GLU A 1 -9.82 7.62 -13.24
N ASN A 2 -9.84 8.95 -13.03
CA ASN A 2 -9.03 9.83 -13.83
C ASN A 2 -7.55 9.89 -13.48
N ALA A 3 -7.22 9.26 -12.35
CA ALA A 3 -5.93 9.01 -11.73
C ALA A 3 -5.11 7.89 -12.38
N GLU A 4 -5.49 7.40 -13.54
CA GLU A 4 -4.90 6.26 -14.22
C GLU A 4 -4.51 6.59 -15.66
N LEU A 5 -4.87 7.76 -16.18
CA LEU A 5 -4.92 8.24 -17.56
C LEU A 5 -3.66 8.95 -18.05
N GLU A 6 -2.69 9.24 -17.19
CA GLU A 6 -1.74 10.31 -17.32
C GLU A 6 -0.42 9.84 -16.72
N ILE A 7 -0.31 8.54 -16.46
CA ILE A 7 0.81 7.74 -16.00
C ILE A 7 1.44 6.78 -16.98
N VAL A 8 2.65 6.29 -16.67
CA VAL A 8 3.17 5.02 -17.17
C VAL A 8 2.29 3.83 -16.81
N THR A 9 2.34 2.75 -17.59
CA THR A 9 1.70 1.47 -17.35
C THR A 9 2.10 0.84 -16.02
N ASP A 10 3.39 0.47 -15.90
CA ASP A 10 4.05 -0.17 -14.79
C ASP A 10 4.22 0.71 -13.56
N TYR A 11 3.18 1.50 -13.23
CA TYR A 11 2.83 2.18 -12.01
C TYR A 11 2.31 1.12 -11.06
N TYR A 12 2.78 1.08 -9.81
CA TYR A 12 2.55 0.10 -8.77
C TYR A 12 1.14 -0.42 -8.52
N LYS A 13 0.89 -1.72 -8.74
CA LYS A 13 -0.45 -2.29 -8.73
C LYS A 13 -1.18 -2.28 -7.40
N ILE A 14 -0.48 -2.50 -6.27
CA ILE A 14 -1.21 -2.66 -5.03
C ILE A 14 -2.04 -1.45 -4.63
N ILE A 15 -1.79 -0.20 -5.06
CA ILE A 15 -2.70 0.88 -4.78
C ILE A 15 -2.89 1.74 -6.01
N LYS A 16 -1.85 2.26 -6.68
CA LYS A 16 -1.92 3.08 -7.85
C LYS A 16 -2.60 4.42 -7.69
N THR A 17 -3.88 4.61 -7.99
CA THR A 17 -4.65 5.82 -8.12
C THR A 17 -4.36 6.79 -6.99
N ALA A 18 -4.02 6.35 -5.76
CA ALA A 18 -4.16 6.96 -4.46
C ALA A 18 -3.54 8.34 -4.25
N ARG A 19 -2.51 8.74 -4.99
CA ARG A 19 -1.79 10.00 -4.86
C ARG A 19 -2.53 11.27 -4.52
N GLU A 20 -3.62 11.60 -5.21
CA GLU A 20 -4.50 12.69 -4.83
C GLU A 20 -5.37 12.42 -3.59
N GLN A 21 -5.89 11.21 -3.37
CA GLN A 21 -6.72 10.84 -2.25
C GLN A 21 -6.03 10.90 -0.90
N LEU A 22 -4.76 11.29 -0.86
CA LEU A 22 -3.96 11.31 0.35
C LEU A 22 -4.34 12.41 1.33
N GLY A 23 -5.23 13.31 0.89
CA GLY A 23 -5.55 14.64 1.34
C GLY A 23 -4.38 15.57 1.59
N ILE A 24 -3.19 15.08 1.21
CA ILE A 24 -1.93 15.71 1.56
C ILE A 24 -0.99 15.75 0.36
N SER A 25 0.11 16.50 0.38
CA SER A 25 1.07 16.58 -0.71
C SER A 25 2.53 16.49 -0.29
N GLN A 26 3.51 16.55 -1.17
CA GLN A 26 4.87 16.07 -0.95
C GLN A 26 5.56 16.46 0.35
N GLN A 27 5.42 17.67 0.87
CA GLN A 27 6.19 18.21 1.97
C GLN A 27 5.71 17.58 3.29
N GLN A 28 4.40 17.39 3.47
CA GLN A 28 3.86 16.47 4.45
C GLN A 28 4.12 15.00 4.19
N LEU A 29 4.15 14.51 2.95
CA LEU A 29 4.31 13.08 2.71
C LEU A 29 5.65 12.58 3.18
N ALA A 30 6.69 13.38 2.95
CA ALA A 30 8.04 13.06 3.40
C ALA A 30 8.08 12.67 4.86
N GLN A 31 7.22 13.27 5.69
CA GLN A 31 7.04 12.93 7.09
C GLN A 31 6.30 11.61 7.28
N LYS A 32 5.17 11.51 6.58
CA LYS A 32 4.23 10.43 6.83
C LYS A 32 4.83 9.07 6.46
N LEU A 33 6.05 9.02 5.91
CA LEU A 33 6.46 7.91 5.08
C LEU A 33 7.95 7.60 5.23
N LYS A 34 8.61 8.40 6.05
CA LYS A 34 10.04 8.35 6.27
C LYS A 34 10.82 8.34 4.96
N VAL A 35 10.71 9.33 4.07
CA VAL A 35 11.30 9.32 2.75
C VAL A 35 11.71 10.77 2.47
N SER A 36 12.54 11.02 1.46
CA SER A 36 12.81 12.36 0.96
C SER A 36 11.72 12.73 -0.05
N GLU A 37 11.66 14.05 -0.22
CA GLU A 37 10.78 14.60 -1.23
C GLU A 37 11.22 14.21 -2.63
N ASN A 38 12.51 13.97 -2.92
CA ASN A 38 12.91 13.34 -4.17
C ASN A 38 12.40 11.93 -4.42
N ILE A 39 12.28 11.08 -3.41
CA ILE A 39 11.57 9.82 -3.58
C ILE A 39 10.12 10.12 -3.99
N VAL A 40 9.51 11.17 -3.46
CA VAL A 40 8.13 11.51 -3.78
C VAL A 40 7.96 11.77 -5.26
N LYS A 41 8.89 12.50 -5.88
CA LYS A 41 9.02 12.76 -7.30
C LYS A 41 9.21 11.47 -8.09
N ARG A 42 9.92 10.47 -7.58
CA ARG A 42 10.31 9.19 -8.15
C ARG A 42 9.16 8.19 -8.17
N PHE A 43 8.14 8.37 -7.32
CA PHE A 43 6.87 7.68 -7.37
C PHE A 43 6.11 8.48 -8.42
N GLU A 44 6.12 9.82 -8.35
CA GLU A 44 5.24 10.72 -9.09
C GLU A 44 5.36 10.42 -10.56
N SER A 45 6.52 9.86 -10.93
CA SER A 45 6.91 9.56 -12.30
C SER A 45 6.85 8.09 -12.67
N GLY A 46 6.75 7.18 -11.70
CA GLY A 46 6.93 5.76 -11.88
C GLY A 46 8.36 5.25 -12.07
N LYS A 47 9.38 6.03 -11.69
CA LYS A 47 10.77 5.62 -11.74
C LYS A 47 11.14 4.64 -10.63
N LEU A 48 10.35 4.58 -9.55
CA LEU A 48 10.44 3.73 -8.37
C LEU A 48 9.08 3.36 -7.80
N LYS A 49 8.98 2.17 -7.22
CA LYS A 49 7.87 1.71 -6.41
C LYS A 49 7.99 1.61 -4.90
N PRO A 50 6.95 1.82 -4.10
CA PRO A 50 6.93 1.69 -2.66
C PRO A 50 7.25 0.29 -2.16
N THR A 51 7.76 0.33 -0.93
CA THR A 51 8.22 -0.87 -0.25
C THR A 51 7.18 -1.43 0.74
N ILE A 52 7.52 -2.44 1.52
CA ILE A 52 6.80 -3.08 2.59
C ILE A 52 6.23 -2.14 3.66
N SER A 53 7.01 -1.51 4.54
CA SER A 53 6.57 -0.50 5.48
C SER A 53 5.89 0.65 4.74
N GLN A 54 6.20 0.83 3.47
CA GLN A 54 5.75 1.99 2.72
C GLN A 54 4.33 1.70 2.23
N ALA A 55 4.05 0.59 1.53
CA ALA A 55 2.74 0.05 1.21
C ALA A 55 1.84 0.05 2.44
N ARG A 56 2.28 -0.47 3.58
CA ARG A 56 1.65 -0.36 4.88
C ARG A 56 1.37 1.08 5.31
N GLN A 57 2.34 1.97 5.34
CA GLN A 57 2.17 3.33 5.79
C GLN A 57 1.30 4.19 4.87
N LEU A 58 1.31 3.95 3.56
CA LEU A 58 0.42 4.39 2.52
C LEU A 58 -0.99 3.97 2.92
N GLU A 59 -1.24 2.66 2.93
CA GLU A 59 -2.43 1.94 3.33
C GLU A 59 -2.98 2.52 4.63
N LYS A 60 -2.15 3.07 5.51
CA LYS A 60 -2.63 3.55 6.79
C LYS A 60 -3.40 4.86 6.71
N ILE A 61 -3.21 5.72 5.71
CA ILE A 61 -4.12 6.79 5.37
C ILE A 61 -5.26 6.19 4.55
N LEU A 62 -4.94 5.35 3.57
CA LEU A 62 -5.76 5.15 2.41
C LEU A 62 -6.96 4.28 2.77
N GLY A 63 -6.70 3.20 3.53
CA GLY A 63 -7.75 2.22 3.79
C GLY A 63 -8.20 1.53 2.51
N ILE A 64 -7.69 1.96 1.35
CA ILE A 64 -7.87 1.28 0.08
C ILE A 64 -6.60 0.53 -0.25
N LYS A 65 -6.71 -0.29 -1.31
CA LYS A 65 -5.66 -0.98 -2.02
C LYS A 65 -6.25 -1.44 -3.36
N LEU A 66 -5.44 -2.03 -4.26
CA LEU A 66 -5.90 -2.58 -5.52
C LEU A 66 -5.27 -3.94 -5.73
N VAL A 67 -5.76 -4.90 -6.51
CA VAL A 67 -6.83 -4.90 -7.49
C VAL A 67 -8.16 -5.44 -7.00
N THR A 68 -9.33 -5.32 -7.63
CA THR A 68 -10.60 -5.85 -7.15
C THR A 68 -10.56 -7.34 -7.45
N PRO A 69 -11.41 -8.13 -6.79
CA PRO A 69 -11.62 -9.55 -7.03
C PRO A 69 -11.78 -10.00 -8.46
N LEU A 70 -11.78 -9.14 -9.49
CA LEU A 70 -11.90 -9.56 -10.87
C LEU A 70 -10.57 -9.97 -11.50
N GLU A 71 -9.52 -9.49 -10.87
CA GLU A 71 -8.12 -9.74 -11.15
C GLU A 71 -7.44 -10.39 -9.96
N ASN A 72 -8.23 -10.77 -8.93
CA ASN A 72 -7.79 -11.55 -7.79
C ASN A 72 -8.79 -12.57 -7.27
N ASN A 73 -9.08 -13.56 -8.12
CA ASN A 73 -10.23 -14.43 -7.94
C ASN A 73 -10.20 -15.47 -6.84
N GLU A 74 -9.01 -15.63 -6.23
CA GLU A 74 -8.72 -16.70 -5.31
C GLU A 74 -9.65 -16.92 -4.13
N GLU A 75 -9.54 -18.03 -3.42
CA GLU A 75 -10.36 -18.33 -2.25
C GLU A 75 -9.96 -17.44 -1.09
N SER A 76 -10.78 -16.45 -0.70
CA SER A 76 -10.54 -15.41 0.26
C SER A 76 -11.48 -15.48 1.49
N GLU A 77 -11.62 -16.71 1.97
CA GLU A 77 -12.16 -17.10 3.26
C GLU A 77 -11.52 -16.35 4.43
N LYS A 78 -12.37 -16.03 5.42
CA LYS A 78 -12.13 -15.37 6.68
C LYS A 78 -11.34 -16.20 7.70
N GLU A 79 -10.45 -15.47 8.37
CA GLU A 79 -9.46 -15.91 9.35
C GLU A 79 -10.05 -15.56 10.72
N PHE A 80 -9.80 -16.44 11.68
CA PHE A 80 -10.28 -16.29 13.04
C PHE A 80 -9.42 -16.96 14.09
N ASP A 81 -9.40 -16.32 15.27
CA ASP A 81 -8.60 -16.82 16.38
C ASP A 81 -9.33 -17.94 17.13
N ASP A 82 -10.64 -18.06 17.19
CA ASP A 82 -11.42 -19.13 17.84
C ASP A 82 -12.36 -19.89 16.92
N THR A 83 -13.36 -19.19 16.40
CA THR A 83 -14.47 -19.55 15.54
C THR A 83 -14.92 -18.34 14.72
N GLY A 84 -15.59 -18.68 13.62
CA GLY A 84 -16.21 -17.85 12.61
C GLY A 84 -17.29 -16.94 13.18
N LEU A 85 -17.24 -15.63 12.90
CA LEU A 85 -17.90 -14.67 13.74
C LEU A 85 -19.33 -14.36 13.28
N THR A 86 -20.19 -14.11 14.28
CA THR A 86 -21.63 -13.98 14.19
C THR A 86 -22.18 -12.81 14.98
N LEU A 87 -23.19 -12.19 14.40
CA LEU A 87 -24.01 -11.06 14.86
C LEU A 87 -24.88 -11.39 16.06
N GLY A 88 -24.96 -10.51 17.06
CA GLY A 88 -25.78 -10.72 18.24
C GLY A 88 -25.16 -11.62 19.30
N ASP A 89 -24.21 -12.50 18.96
CA ASP A 89 -23.63 -13.60 19.69
C ASP A 89 -22.71 -13.24 20.83
N VAL A 90 -22.92 -12.03 21.36
CA VAL A 90 -22.15 -11.15 22.19
C VAL A 90 -22.73 -10.49 23.43
N VAL A 91 -22.08 -10.01 24.49
CA VAL A 91 -20.63 -10.06 24.52
C VAL A 91 -20.07 -11.46 24.75
N ASN A 92 -19.17 -11.91 23.86
CA ASN A 92 -18.71 -13.29 23.90
C ASN A 92 -17.65 -13.45 24.99
N ILE A 93 -17.67 -14.53 25.79
CA ILE A 93 -16.78 -14.95 26.83
C ILE A 93 -16.57 -16.45 26.59
N LYS A 94 -15.78 -17.11 27.45
CA LYS A 94 -15.38 -18.50 27.33
C LYS A 94 -16.46 -19.52 27.68
N GLU A 95 -17.13 -19.09 28.75
CA GLU A 95 -18.34 -19.73 29.22
C GLU A 95 -19.58 -19.37 28.44
N GLY A 96 -19.64 -18.18 27.83
CA GLY A 96 -20.91 -17.55 27.52
C GLY A 96 -21.04 -16.67 26.29
N LYS A 97 -22.32 -16.50 25.96
CA LYS A 97 -22.71 -15.60 24.89
C LYS A 97 -22.88 -14.12 25.18
N LYS A 98 -22.87 -13.83 26.49
CA LYS A 98 -23.51 -12.63 26.96
C LYS A 98 -23.20 -12.40 28.44
N LEU A 99 -23.15 -11.14 28.85
CA LEU A 99 -22.81 -10.80 30.22
C LEU A 99 -24.05 -10.93 31.12
N GLU A 100 -23.94 -11.19 32.42
CA GLU A 100 -24.91 -11.73 33.37
C GLU A 100 -24.29 -11.50 34.74
N HIS A 101 -23.72 -12.44 35.47
CA HIS A 101 -23.14 -12.27 36.80
C HIS A 101 -21.94 -11.33 36.84
N HIS A 102 -21.31 -11.05 35.69
CA HIS A 102 -20.11 -10.32 35.35
C HIS A 102 -20.11 -8.85 35.74
N GLU A 1 -3.37 14.92 -17.18
CA GLU A 1 -3.64 14.49 -15.80
C GLU A 1 -4.26 13.10 -15.91
N ASN A 2 -3.52 12.09 -16.36
CA ASN A 2 -3.91 10.69 -16.49
C ASN A 2 -2.79 9.74 -16.88
N ALA A 3 -1.63 10.06 -16.30
CA ALA A 3 -0.31 9.57 -16.63
C ALA A 3 -0.16 8.07 -16.38
N GLU A 4 -1.18 7.32 -15.95
CA GLU A 4 -1.22 5.92 -15.56
C GLU A 4 -1.40 4.91 -16.69
N LEU A 5 -1.41 5.40 -17.93
CA LEU A 5 -1.48 4.61 -19.14
C LEU A 5 -0.22 3.82 -19.48
N GLU A 6 0.80 4.15 -18.70
CA GLU A 6 2.22 3.89 -18.90
C GLU A 6 3.01 3.28 -17.76
N ILE A 7 2.33 2.70 -16.78
CA ILE A 7 2.92 2.13 -15.59
C ILE A 7 2.95 0.62 -15.59
N VAL A 8 3.72 -0.03 -14.70
CA VAL A 8 3.66 -1.44 -14.43
C VAL A 8 2.31 -1.87 -13.88
N THR A 9 2.08 -3.17 -14.07
CA THR A 9 1.05 -4.02 -13.49
C THR A 9 0.75 -3.79 -12.02
N ASP A 10 1.68 -4.05 -11.11
CA ASP A 10 1.47 -4.21 -9.69
C ASP A 10 1.43 -2.86 -8.94
N TYR A 11 1.14 -1.72 -9.58
CA TYR A 11 1.27 -0.39 -9.03
C TYR A 11 0.39 -0.25 -7.81
N TYR A 12 0.81 0.45 -6.78
CA TYR A 12 0.15 0.92 -5.56
C TYR A 12 -1.03 1.86 -5.76
N LYS A 13 -2.15 1.24 -6.12
CA LYS A 13 -3.40 1.94 -6.28
C LYS A 13 -4.24 2.00 -5.01
N ILE A 14 -4.15 1.24 -3.91
CA ILE A 14 -4.82 1.52 -2.67
C ILE A 14 -4.38 2.87 -2.14
N ILE A 15 -3.13 3.29 -2.32
CA ILE A 15 -2.55 4.60 -2.07
C ILE A 15 -3.19 5.63 -2.99
N LYS A 16 -3.18 5.41 -4.29
CA LYS A 16 -3.60 6.26 -5.39
C LYS A 16 -5.00 6.82 -5.31
N THR A 17 -5.98 5.94 -4.99
CA THR A 17 -7.37 6.25 -4.86
C THR A 17 -7.61 7.35 -3.83
N ALA A 18 -6.90 7.35 -2.70
CA ALA A 18 -6.87 8.37 -1.68
C ALA A 18 -6.15 9.64 -2.09
N ARG A 19 -4.93 9.58 -2.62
CA ARG A 19 -4.22 10.76 -3.08
C ARG A 19 -5.07 11.44 -4.15
N GLU A 20 -6.02 10.91 -4.91
CA GLU A 20 -6.92 11.59 -5.83
C GLU A 20 -7.94 12.39 -5.00
N GLN A 21 -8.59 11.83 -3.99
CA GLN A 21 -9.73 12.44 -3.32
C GLN A 21 -9.20 13.72 -2.68
N LEU A 22 -8.05 13.56 -2.01
CA LEU A 22 -7.37 14.63 -1.33
C LEU A 22 -6.62 15.61 -2.21
N GLY A 23 -6.51 15.24 -3.49
CA GLY A 23 -5.87 16.07 -4.50
C GLY A 23 -4.43 16.52 -4.31
N ILE A 24 -3.91 16.14 -3.13
CA ILE A 24 -2.62 16.44 -2.57
C ILE A 24 -1.35 16.20 -3.37
N SER A 25 -0.46 17.19 -3.46
CA SER A 25 0.82 17.10 -4.14
C SER A 25 1.79 16.20 -3.42
N GLN A 26 2.98 15.99 -4.00
CA GLN A 26 4.05 15.43 -3.20
C GLN A 26 4.39 16.23 -1.95
N GLN A 27 4.49 17.55 -1.95
CA GLN A 27 4.85 18.39 -0.82
C GLN A 27 3.86 18.26 0.31
N GLN A 28 2.56 18.17 0.01
CA GLN A 28 1.51 17.98 0.98
C GLN A 28 1.43 16.58 1.55
N LEU A 29 1.76 15.55 0.77
CA LEU A 29 2.09 14.23 1.27
C LEU A 29 3.33 14.23 2.18
N ALA A 30 4.42 14.93 1.87
CA ALA A 30 5.56 15.13 2.74
C ALA A 30 5.15 15.72 4.08
N GLN A 31 4.20 16.68 4.04
CA GLN A 31 3.57 17.19 5.23
C GLN A 31 2.71 16.24 6.04
N LYS A 32 2.02 15.29 5.41
CA LYS A 32 1.15 14.28 5.98
C LYS A 32 2.01 13.38 6.85
N LEU A 33 3.34 13.43 6.72
CA LEU A 33 4.36 12.45 7.03
C LEU A 33 5.54 13.00 7.81
N LYS A 34 5.55 14.31 8.04
CA LYS A 34 6.49 15.15 8.76
C LYS A 34 7.89 15.16 8.19
N VAL A 35 8.12 14.95 6.89
CA VAL A 35 9.35 14.63 6.20
C VAL A 35 9.52 15.45 4.94
N SER A 36 10.61 15.34 4.18
CA SER A 36 10.84 16.04 2.93
C SER A 36 10.31 15.34 1.67
N GLU A 37 10.16 16.05 0.55
CA GLU A 37 9.92 15.42 -0.74
C GLU A 37 11.08 14.53 -1.21
N ASN A 38 12.28 14.64 -0.64
CA ASN A 38 13.33 13.70 -0.94
C ASN A 38 13.12 12.31 -0.36
N ILE A 39 12.33 12.17 0.70
CA ILE A 39 11.73 11.00 1.27
C ILE A 39 10.57 10.39 0.49
N VAL A 40 9.73 11.22 -0.13
CA VAL A 40 8.57 10.72 -0.84
C VAL A 40 8.92 10.19 -2.22
N LYS A 41 9.65 10.89 -3.11
CA LYS A 41 10.29 10.45 -4.32
C LYS A 41 10.93 9.06 -4.36
N ARG A 42 11.40 8.55 -3.21
CA ARG A 42 11.96 7.23 -3.08
C ARG A 42 11.18 6.26 -3.93
N PHE A 43 9.85 6.09 -3.79
CA PHE A 43 9.04 5.20 -4.57
C PHE A 43 8.28 5.90 -5.69
N GLU A 44 7.90 7.17 -5.50
CA GLU A 44 7.40 7.97 -6.59
C GLU A 44 8.09 8.08 -7.94
N SER A 45 9.41 7.90 -7.98
CA SER A 45 10.25 8.14 -9.14
C SER A 45 10.17 7.02 -10.18
N GLY A 46 9.48 5.93 -9.85
CA GLY A 46 8.86 5.14 -10.90
C GLY A 46 9.82 4.27 -11.67
N LYS A 47 11.08 4.19 -11.24
CA LYS A 47 12.15 3.50 -11.94
C LYS A 47 12.10 1.99 -11.80
N LEU A 48 11.04 1.42 -11.19
CA LEU A 48 10.97 0.06 -10.71
C LEU A 48 9.63 -0.63 -10.85
N LYS A 49 9.65 -1.98 -10.73
CA LYS A 49 8.46 -2.76 -10.53
C LYS A 49 8.27 -3.09 -9.04
N PRO A 50 7.13 -2.79 -8.42
CA PRO A 50 7.03 -3.01 -7.00
C PRO A 50 6.85 -4.49 -6.65
N THR A 51 6.86 -4.79 -5.35
CA THR A 51 6.75 -6.13 -4.81
C THR A 51 5.80 -6.20 -3.61
N ILE A 52 5.70 -7.37 -2.95
CA ILE A 52 4.91 -7.65 -1.77
C ILE A 52 5.38 -6.83 -0.56
N SER A 53 6.68 -6.93 -0.30
CA SER A 53 7.28 -6.11 0.74
C SER A 53 7.23 -4.61 0.49
N GLN A 54 7.26 -4.10 -0.76
CA GLN A 54 7.05 -2.69 -1.00
C GLN A 54 5.59 -2.45 -0.61
N ALA A 55 4.62 -3.06 -1.30
CA ALA A 55 3.26 -2.97 -0.84
C ALA A 55 3.04 -3.00 0.66
N ARG A 56 3.79 -3.89 1.33
CA ARG A 56 3.74 -3.98 2.77
C ARG A 56 4.23 -2.74 3.52
N GLN A 57 5.46 -2.34 3.18
CA GLN A 57 6.08 -1.26 3.95
C GLN A 57 5.34 0.02 3.66
N LEU A 58 4.93 0.31 2.42
CA LEU A 58 4.24 1.47 1.87
C LEU A 58 2.93 1.79 2.57
N GLU A 59 1.98 0.84 2.47
CA GLU A 59 0.68 0.94 3.07
C GLU A 59 0.76 1.40 4.52
N LYS A 60 1.87 1.04 5.19
CA LYS A 60 2.06 1.35 6.60
C LYS A 60 2.39 2.81 6.82
N ILE A 61 3.48 3.35 6.22
CA ILE A 61 4.00 4.64 6.58
C ILE A 61 3.04 5.78 6.24
N LEU A 62 2.36 5.91 5.11
CA LEU A 62 1.91 7.16 4.54
C LEU A 62 0.69 7.77 5.20
N GLY A 63 0.12 7.07 6.18
CA GLY A 63 -1.07 7.50 6.90
C GLY A 63 -2.33 7.68 6.05
N ILE A 64 -2.37 7.32 4.76
CA ILE A 64 -3.47 7.41 3.82
C ILE A 64 -3.55 6.12 3.03
N LYS A 65 -4.71 5.72 2.48
CA LYS A 65 -5.01 4.55 1.67
C LYS A 65 -6.48 4.20 1.53
N LEU A 66 -7.01 3.73 0.38
CA LEU A 66 -8.43 3.55 0.14
C LEU A 66 -8.66 2.33 -0.73
N VAL A 67 -9.69 1.51 -0.55
CA VAL A 67 -10.87 1.62 0.28
C VAL A 67 -10.56 0.96 1.60
N THR A 68 -11.52 1.20 2.51
CA THR A 68 -11.42 0.98 3.94
C THR A 68 -11.73 -0.43 4.39
N PRO A 69 -11.37 -0.93 5.57
CA PRO A 69 -11.52 -2.31 5.95
C PRO A 69 -12.96 -2.79 6.06
N LEU A 70 -13.92 -1.89 5.83
CA LEU A 70 -15.30 -2.28 5.62
C LEU A 70 -15.66 -2.49 4.17
N GLU A 71 -14.94 -1.78 3.29
CA GLU A 71 -15.04 -1.93 1.84
C GLU A 71 -14.19 -3.00 1.18
N ASN A 72 -13.26 -3.54 1.99
CA ASN A 72 -12.39 -4.66 1.68
C ASN A 72 -12.16 -5.50 2.92
N ASN A 73 -11.95 -6.80 2.70
CA ASN A 73 -11.59 -7.66 3.80
C ASN A 73 -10.12 -7.35 3.94
N GLU A 74 -9.76 -6.59 4.97
CA GLU A 74 -8.38 -6.17 5.14
C GLU A 74 -7.57 -7.27 5.82
N GLU A 75 -6.35 -7.50 5.36
CA GLU A 75 -5.59 -8.73 5.54
C GLU A 75 -4.75 -8.66 6.80
N SER A 76 -5.07 -9.47 7.82
CA SER A 76 -4.61 -9.22 9.18
C SER A 76 -3.21 -9.79 9.35
N GLU A 77 -2.68 -10.52 8.36
CA GLU A 77 -1.25 -10.75 8.23
C GLU A 77 -0.44 -9.50 7.91
N LYS A 78 -1.06 -8.32 7.76
CA LYS A 78 -0.23 -7.15 7.61
C LYS A 78 0.30 -6.66 8.95
N GLU A 79 -0.38 -6.98 10.05
CA GLU A 79 -0.23 -6.36 11.34
C GLU A 79 1.12 -6.36 12.07
N PHE A 80 2.01 -7.31 11.74
CA PHE A 80 3.36 -7.46 12.29
C PHE A 80 4.37 -6.84 11.34
N ASP A 81 5.53 -6.50 11.91
CA ASP A 81 6.54 -5.81 11.14
C ASP A 81 6.79 -6.35 9.73
N ASP A 82 7.73 -7.28 9.59
CA ASP A 82 8.38 -7.60 8.33
C ASP A 82 7.65 -8.60 7.47
N THR A 83 6.79 -9.40 8.10
CA THR A 83 5.98 -10.49 7.60
C THR A 83 5.05 -10.96 8.70
N GLY A 84 4.25 -12.01 8.48
CA GLY A 84 3.37 -12.59 9.47
C GLY A 84 4.02 -13.67 10.30
N LEU A 85 3.83 -13.71 11.63
CA LEU A 85 4.49 -14.59 12.58
C LEU A 85 3.86 -15.98 12.62
N THR A 86 4.69 -17.02 12.51
CA THR A 86 4.37 -18.42 12.66
C THR A 86 5.23 -19.14 13.69
N LEU A 87 4.92 -20.41 13.92
CA LEU A 87 5.83 -21.21 14.71
C LEU A 87 7.23 -21.31 14.12
N GLY A 88 7.44 -22.23 13.18
CA GLY A 88 8.77 -22.51 12.66
C GLY A 88 9.75 -23.13 13.65
N ASP A 89 9.40 -23.12 14.94
CA ASP A 89 10.39 -23.43 15.97
C ASP A 89 10.65 -24.92 16.19
N VAL A 90 10.49 -25.75 15.17
CA VAL A 90 10.29 -27.18 15.26
C VAL A 90 11.19 -27.98 14.34
N VAL A 91 11.66 -29.22 14.47
CA VAL A 91 11.06 -30.18 15.39
C VAL A 91 11.24 -29.63 16.80
N ASN A 92 10.30 -29.77 17.74
CA ASN A 92 10.36 -29.32 19.12
C ASN A 92 11.26 -30.09 20.06
N ILE A 93 12.41 -30.63 19.62
CA ILE A 93 13.39 -31.17 20.51
C ILE A 93 14.74 -30.62 20.07
N LYS A 94 15.75 -30.64 20.93
CA LYS A 94 17.12 -30.20 20.69
C LYS A 94 18.02 -31.38 20.35
N GLU A 95 17.72 -32.54 20.95
CA GLU A 95 18.35 -33.78 20.56
C GLU A 95 18.05 -34.17 19.11
N GLY A 96 16.85 -33.88 18.63
CA GLY A 96 16.52 -34.07 17.23
C GLY A 96 16.94 -32.94 16.28
N LYS A 97 17.89 -32.12 16.73
CA LYS A 97 18.23 -30.84 16.17
C LYS A 97 19.67 -30.43 16.38
N LYS A 98 20.50 -31.34 16.88
CA LYS A 98 21.91 -31.29 17.19
C LYS A 98 22.77 -31.23 15.93
N LEU A 99 22.44 -32.05 14.93
CA LEU A 99 22.66 -31.69 13.54
C LEU A 99 21.37 -31.15 12.93
N GLU A 100 21.45 -30.76 11.66
CA GLU A 100 20.32 -30.22 10.92
C GLU A 100 20.32 -30.57 9.44
N HIS A 101 21.43 -30.24 8.76
CA HIS A 101 21.49 -30.18 7.31
C HIS A 101 22.89 -30.57 6.86
N HIS A 102 23.53 -31.44 7.63
CA HIS A 102 24.93 -31.78 7.50
C HIS A 102 25.10 -32.93 6.50
N GLU A 1 -9.29 11.13 -17.66
CA GLU A 1 -10.22 10.35 -18.51
C GLU A 1 -9.91 8.89 -18.69
N ASN A 2 -8.95 8.34 -17.95
CA ASN A 2 -8.88 7.01 -17.37
C ASN A 2 -7.57 6.68 -16.67
N ALA A 3 -7.62 6.18 -15.43
CA ALA A 3 -6.50 6.31 -14.52
C ALA A 3 -5.38 5.30 -14.68
N GLU A 4 -5.58 4.21 -15.43
CA GLU A 4 -4.66 3.13 -15.70
C GLU A 4 -3.87 3.29 -17.00
N LEU A 5 -4.29 4.25 -17.79
CA LEU A 5 -3.56 4.71 -18.96
C LEU A 5 -2.70 5.87 -18.48
N GLU A 6 -2.71 6.36 -17.24
CA GLU A 6 -2.21 7.64 -16.80
C GLU A 6 -0.96 7.39 -15.97
N ILE A 7 -0.55 6.11 -15.89
CA ILE A 7 0.51 5.54 -15.08
C ILE A 7 1.41 4.56 -15.82
N VAL A 8 2.44 4.01 -15.18
CA VAL A 8 3.02 2.72 -15.49
C VAL A 8 2.21 1.53 -14.97
N THR A 9 2.62 0.33 -15.33
CA THR A 9 2.13 -0.97 -14.89
C THR A 9 2.35 -1.05 -13.38
N ASP A 10 3.61 -0.92 -12.92
CA ASP A 10 3.95 -1.42 -11.62
C ASP A 10 3.41 -0.60 -10.45
N TYR A 11 3.12 0.68 -10.67
CA TYR A 11 2.71 1.64 -9.67
C TYR A 11 1.50 1.25 -8.83
N TYR A 12 1.39 1.82 -7.63
CA TYR A 12 0.36 1.52 -6.67
C TYR A 12 -1.03 2.08 -6.96
N LYS A 13 -1.70 1.39 -7.87
CA LYS A 13 -2.97 1.69 -8.52
C LYS A 13 -4.09 1.86 -7.50
N ILE A 14 -4.04 1.13 -6.38
CA ILE A 14 -5.12 1.20 -5.41
C ILE A 14 -5.14 2.58 -4.76
N ILE A 15 -3.99 3.21 -4.48
CA ILE A 15 -3.87 4.47 -3.79
C ILE A 15 -4.60 5.60 -4.50
N LYS A 16 -4.44 5.64 -5.83
CA LYS A 16 -4.57 6.73 -6.77
C LYS A 16 -5.78 7.63 -6.56
N THR A 17 -6.97 7.15 -6.93
CA THR A 17 -8.24 7.85 -7.05
C THR A 17 -8.63 8.59 -5.78
N ALA A 18 -8.45 7.92 -4.65
CA ALA A 18 -8.71 8.47 -3.35
C ALA A 18 -7.89 9.65 -2.87
N ARG A 19 -6.55 9.51 -3.01
CA ARG A 19 -5.60 10.59 -2.80
C ARG A 19 -5.88 11.74 -3.75
N GLU A 20 -6.27 11.57 -5.02
CA GLU A 20 -6.57 12.60 -5.97
C GLU A 20 -7.84 13.38 -5.66
N GLN A 21 -8.83 12.72 -5.06
CA GLN A 21 -10.02 13.37 -4.56
C GLN A 21 -9.64 14.41 -3.52
N LEU A 22 -8.53 14.24 -2.83
CA LEU A 22 -8.02 15.09 -1.77
C LEU A 22 -7.36 16.36 -2.26
N GLY A 23 -6.90 16.26 -3.52
CA GLY A 23 -6.13 17.29 -4.20
C GLY A 23 -4.72 17.59 -3.67
N ILE A 24 -4.25 16.89 -2.65
CA ILE A 24 -3.00 16.92 -1.92
C ILE A 24 -1.67 16.47 -2.50
N SER A 25 -0.55 17.05 -2.04
CA SER A 25 0.73 16.94 -2.70
C SER A 25 1.76 16.07 -1.99
N GLN A 26 2.89 15.87 -2.66
CA GLN A 26 3.96 15.07 -2.09
C GLN A 26 4.50 15.50 -0.73
N GLN A 27 4.42 16.78 -0.37
CA GLN A 27 4.86 17.23 0.94
C GLN A 27 4.14 16.45 2.04
N GLN A 28 2.86 16.11 1.88
CA GLN A 28 2.09 15.34 2.82
C GLN A 28 2.60 13.91 2.99
N LEU A 29 3.01 13.21 1.93
CA LEU A 29 3.64 11.90 1.86
C LEU A 29 4.98 11.90 2.60
N ALA A 30 5.71 12.99 2.36
CA ALA A 30 7.00 13.22 2.96
C ALA A 30 6.92 13.30 4.48
N GLN A 31 5.91 14.02 4.97
CA GLN A 31 5.49 14.02 6.35
C GLN A 31 4.88 12.70 6.76
N LYS A 32 4.15 11.90 5.98
CA LYS A 32 3.57 10.72 6.59
C LYS A 32 4.56 9.65 7.04
N LEU A 33 5.73 9.63 6.45
CA LEU A 33 6.70 8.53 6.38
C LEU A 33 8.05 9.02 6.90
N LYS A 34 8.12 10.26 7.38
CA LYS A 34 9.26 11.01 7.83
C LYS A 34 10.44 10.88 6.87
N VAL A 35 10.33 11.40 5.65
CA VAL A 35 11.30 11.52 4.58
C VAL A 35 11.10 12.76 3.72
N SER A 36 12.12 12.98 2.87
CA SER A 36 12.24 14.22 2.12
C SER A 36 11.57 13.95 0.79
N GLU A 37 11.14 14.95 0.02
CA GLU A 37 10.59 14.73 -1.32
C GLU A 37 11.60 14.24 -2.35
N ASN A 38 12.92 14.34 -2.17
CA ASN A 38 13.92 13.51 -2.80
C ASN A 38 13.63 12.02 -2.73
N ILE A 39 13.27 11.49 -1.56
CA ILE A 39 13.07 10.08 -1.35
C ILE A 39 11.73 9.60 -1.92
N VAL A 40 10.73 10.49 -2.00
CA VAL A 40 9.42 10.17 -2.48
C VAL A 40 9.40 10.13 -4.01
N LYS A 41 9.94 11.12 -4.73
CA LYS A 41 9.67 11.27 -6.14
C LYS A 41 9.95 10.01 -6.94
N ARG A 42 10.89 9.20 -6.44
CA ARG A 42 11.30 7.93 -6.98
C ARG A 42 10.24 6.95 -7.45
N PHE A 43 9.30 6.54 -6.59
CA PHE A 43 8.22 5.64 -6.95
C PHE A 43 6.95 6.43 -7.30
N GLU A 44 6.82 7.63 -6.74
CA GLU A 44 5.76 8.55 -7.09
C GLU A 44 5.70 8.73 -8.59
N SER A 45 6.85 8.55 -9.27
CA SER A 45 6.88 8.69 -10.72
C SER A 45 6.81 7.42 -11.53
N GLY A 46 6.71 6.25 -10.89
CA GLY A 46 6.77 4.92 -11.47
C GLY A 46 8.17 4.39 -11.76
N LYS A 47 9.23 5.06 -11.35
CA LYS A 47 10.57 4.72 -11.80
C LYS A 47 11.35 3.83 -10.84
N LEU A 48 10.79 3.48 -9.68
CA LEU A 48 11.42 2.74 -8.59
C LEU A 48 10.34 1.88 -7.97
N LYS A 49 10.63 0.58 -7.80
CA LYS A 49 9.81 -0.28 -6.95
C LYS A 49 10.20 -0.12 -5.49
N PRO A 50 9.31 0.17 -4.54
CA PRO A 50 9.64 0.35 -3.14
C PRO A 50 9.72 -1.04 -2.52
N THR A 51 10.05 -1.14 -1.23
CA THR A 51 10.57 -2.39 -0.71
C THR A 51 9.52 -3.28 -0.06
N ILE A 52 9.86 -4.56 0.20
CA ILE A 52 9.05 -5.48 0.97
C ILE A 52 8.59 -4.94 2.32
N SER A 53 9.47 -4.39 3.16
CA SER A 53 9.04 -3.54 4.25
C SER A 53 8.18 -2.37 3.79
N GLN A 54 8.66 -1.56 2.84
CA GLN A 54 8.06 -0.26 2.62
C GLN A 54 6.70 -0.35 1.97
N ALA A 55 6.33 -1.26 1.07
CA ALA A 55 5.00 -1.52 0.57
C ALA A 55 4.12 -1.98 1.72
N ARG A 56 4.50 -2.84 2.65
CA ARG A 56 3.74 -3.22 3.83
C ARG A 56 3.57 -1.96 4.65
N GLN A 57 4.52 -1.05 4.87
CA GLN A 57 4.23 0.18 5.61
C GLN A 57 3.40 1.20 4.86
N LEU A 58 3.49 1.28 3.53
CA LEU A 58 2.97 2.28 2.61
C LEU A 58 1.49 2.45 2.83
N GLU A 59 0.76 1.46 2.31
CA GLU A 59 -0.68 1.31 2.28
C GLU A 59 -1.24 1.59 3.67
N LYS A 60 -0.40 1.35 4.67
CA LYS A 60 -0.75 1.26 6.08
C LYS A 60 -0.70 2.62 6.75
N ILE A 61 0.30 3.43 6.41
CA ILE A 61 0.38 4.82 6.89
C ILE A 61 -0.73 5.63 6.24
N LEU A 62 -1.00 5.41 4.96
CA LEU A 62 -1.94 6.23 4.22
C LEU A 62 -3.35 6.01 4.71
N GLY A 63 -3.57 4.82 5.28
CA GLY A 63 -4.88 4.31 5.69
C GLY A 63 -5.84 4.16 4.51
N ILE A 64 -5.62 4.81 3.37
CA ILE A 64 -6.60 4.96 2.32
C ILE A 64 -6.22 4.26 1.02
N LYS A 65 -7.14 4.05 0.07
CA LYS A 65 -7.08 3.46 -1.25
C LYS A 65 -8.43 3.56 -1.96
N LEU A 66 -8.59 3.27 -3.25
CA LEU A 66 -9.79 2.82 -3.93
C LEU A 66 -9.47 1.70 -4.90
N VAL A 67 -10.30 0.67 -5.01
CA VAL A 67 -11.76 0.65 -4.98
C VAL A 67 -12.31 0.31 -3.62
N THR A 68 -13.64 0.35 -3.46
CA THR A 68 -14.25 0.05 -2.19
C THR A 68 -14.36 -1.45 -1.99
N PRO A 69 -14.53 -1.85 -0.72
CA PRO A 69 -15.03 -3.19 -0.47
C PRO A 69 -16.36 -3.64 -1.07
N LEU A 70 -17.04 -2.66 -1.67
CA LEU A 70 -18.26 -2.86 -2.42
C LEU A 70 -17.94 -2.90 -3.91
N GLU A 71 -16.72 -2.62 -4.34
CA GLU A 71 -16.30 -3.14 -5.62
C GLU A 71 -15.27 -4.27 -5.60
N ASN A 72 -14.63 -4.58 -4.49
CA ASN A 72 -13.54 -5.56 -4.44
C ASN A 72 -13.64 -6.31 -3.12
N ASN A 73 -12.80 -7.31 -2.80
CA ASN A 73 -12.64 -8.04 -1.57
C ASN A 73 -12.22 -7.17 -0.39
N GLU A 74 -12.40 -7.64 0.85
CA GLU A 74 -11.85 -7.18 2.10
C GLU A 74 -11.73 -8.31 3.12
N GLU A 75 -10.78 -8.13 4.03
CA GLU A 75 -10.05 -9.08 4.86
C GLU A 75 -10.23 -8.71 6.32
N SER A 76 -10.44 -9.71 7.22
CA SER A 76 -10.51 -9.44 8.62
C SER A 76 -9.13 -9.39 9.28
N GLU A 77 -8.15 -10.16 8.78
CA GLU A 77 -6.81 -10.36 9.30
C GLU A 77 -5.86 -9.23 8.97
N LYS A 78 -5.74 -8.24 9.86
CA LYS A 78 -5.15 -6.93 9.72
C LYS A 78 -4.45 -6.47 10.98
N GLU A 79 -4.46 -7.32 12.01
CA GLU A 79 -3.72 -7.04 13.21
C GLU A 79 -2.20 -7.22 13.01
N PHE A 80 -1.79 -8.27 12.30
CA PHE A 80 -0.37 -8.39 12.09
C PHE A 80 0.13 -7.12 11.42
N ASP A 81 1.28 -6.61 11.86
CA ASP A 81 1.89 -5.40 11.34
C ASP A 81 2.69 -5.68 10.08
N ASP A 82 3.36 -6.81 10.04
CA ASP A 82 4.33 -7.10 8.99
C ASP A 82 4.13 -8.46 8.37
N THR A 83 3.74 -9.53 9.11
CA THR A 83 3.93 -10.92 8.80
C THR A 83 3.13 -11.76 9.80
N GLY A 84 2.84 -13.01 9.43
CA GLY A 84 2.00 -13.98 10.11
C GLY A 84 2.80 -14.51 11.29
N LEU A 85 2.31 -14.58 12.53
CA LEU A 85 2.96 -14.95 13.77
C LEU A 85 2.06 -15.86 14.58
N THR A 86 2.58 -16.90 15.25
CA THR A 86 1.92 -17.93 16.03
C THR A 86 2.67 -18.21 17.33
N LEU A 87 2.04 -18.21 18.51
CA LEU A 87 2.67 -18.34 19.82
C LEU A 87 1.78 -18.84 20.95
N GLY A 88 0.64 -18.19 21.14
CA GLY A 88 -0.40 -18.50 22.12
C GLY A 88 0.03 -18.04 23.51
N ASP A 89 1.24 -17.52 23.75
CA ASP A 89 1.90 -17.36 25.03
C ASP A 89 1.70 -15.98 25.64
N VAL A 90 0.42 -15.67 25.81
CA VAL A 90 -0.13 -14.32 25.87
C VAL A 90 -1.22 -14.13 26.91
N VAL A 91 -1.69 -13.03 27.50
CA VAL A 91 -1.25 -11.71 27.09
C VAL A 91 0.25 -11.51 27.25
N ASN A 92 0.76 -10.63 26.40
CA ASN A 92 2.16 -10.23 26.41
C ASN A 92 2.08 -8.80 25.90
N ILE A 93 2.27 -7.85 26.82
CA ILE A 93 2.29 -6.46 26.43
C ILE A 93 3.70 -6.01 26.06
N LYS A 94 3.81 -4.73 25.73
CA LYS A 94 5.02 -4.22 25.13
C LYS A 94 6.19 -4.08 26.10
N GLU A 95 5.84 -3.89 27.38
CA GLU A 95 6.69 -3.87 28.55
C GLU A 95 6.99 -5.25 29.14
N GLY A 96 6.12 -6.27 29.00
CA GLY A 96 6.27 -7.55 29.64
C GLY A 96 5.12 -8.56 29.51
N LYS A 97 5.19 -9.70 30.20
CA LYS A 97 4.38 -10.84 29.82
C LYS A 97 3.11 -10.86 30.65
N LYS A 98 2.73 -9.70 31.23
CA LYS A 98 1.52 -9.38 31.98
C LYS A 98 1.33 -7.91 32.32
N LEU A 99 0.07 -7.58 32.60
CA LEU A 99 -0.45 -6.50 33.40
C LEU A 99 -0.09 -6.67 34.86
N GLU A 100 0.28 -5.59 35.57
CA GLU A 100 0.93 -5.55 36.86
C GLU A 100 0.41 -4.46 37.78
N HIS A 101 1.00 -3.25 37.81
CA HIS A 101 0.45 -2.12 38.52
C HIS A 101 -0.53 -1.26 37.72
N HIS A 102 -0.81 -1.81 36.54
CA HIS A 102 -1.83 -1.32 35.60
C HIS A 102 -3.16 -0.94 36.24
N GLU A 1 0.49 19.84 -13.60
CA GLU A 1 1.42 19.01 -14.41
C GLU A 1 1.05 17.54 -14.31
N ASN A 2 0.75 16.76 -15.34
CA ASN A 2 0.37 15.36 -15.24
C ASN A 2 1.57 14.43 -15.14
N ALA A 3 1.34 13.29 -14.48
CA ALA A 3 2.38 12.35 -14.19
C ALA A 3 2.37 10.98 -14.86
N GLU A 4 1.41 10.81 -15.77
CA GLU A 4 1.12 9.59 -16.51
C GLU A 4 1.92 9.24 -17.74
N LEU A 5 2.87 10.15 -18.02
CA LEU A 5 3.77 10.30 -19.14
C LEU A 5 4.90 9.29 -19.08
N GLU A 6 5.30 8.92 -17.85
CA GLU A 6 6.64 8.58 -17.44
C GLU A 6 6.81 7.27 -16.68
N ILE A 7 5.69 6.54 -16.70
CA ILE A 7 5.34 5.35 -15.95
C ILE A 7 5.34 4.12 -16.85
N VAL A 8 5.29 2.90 -16.33
CA VAL A 8 4.83 1.80 -17.17
C VAL A 8 3.31 1.81 -17.31
N THR A 9 2.74 0.97 -18.17
CA THR A 9 1.37 0.55 -18.40
C THR A 9 0.70 0.30 -17.07
N ASP A 10 0.88 -0.90 -16.51
CA ASP A 10 0.15 -1.49 -15.40
C ASP A 10 0.73 -1.26 -14.02
N TYR A 11 1.17 -0.05 -13.69
CA TYR A 11 1.85 0.32 -12.46
C TYR A 11 0.77 0.32 -11.40
N TYR A 12 1.08 -0.24 -10.22
CA TYR A 12 0.13 -0.59 -9.17
C TYR A 12 -0.47 0.62 -8.48
N LYS A 13 -1.64 0.48 -7.84
CA LYS A 13 -2.68 1.48 -7.72
C LYS A 13 -3.35 1.50 -6.36
N ILE A 14 -2.81 0.86 -5.31
CA ILE A 14 -3.32 0.79 -3.96
C ILE A 14 -4.02 2.07 -3.49
N ILE A 15 -3.24 3.16 -3.55
CA ILE A 15 -3.59 4.39 -2.88
C ILE A 15 -3.77 5.52 -3.88
N LYS A 16 -3.67 5.24 -5.18
CA LYS A 16 -3.72 6.20 -6.26
C LYS A 16 -4.87 7.21 -6.18
N THR A 17 -6.13 6.81 -6.26
CA THR A 17 -7.31 7.65 -6.30
C THR A 17 -7.43 8.67 -5.18
N ALA A 18 -7.19 8.08 -4.00
CA ALA A 18 -7.13 8.66 -2.70
C ALA A 18 -6.20 9.85 -2.57
N ARG A 19 -4.99 9.79 -3.14
CA ARG A 19 -4.10 10.93 -3.28
C ARG A 19 -4.81 12.15 -3.87
N GLU A 20 -5.62 12.02 -4.90
CA GLU A 20 -6.32 13.17 -5.42
C GLU A 20 -7.45 13.66 -4.55
N GLN A 21 -8.30 12.75 -4.08
CA GLN A 21 -9.59 12.96 -3.45
C GLN A 21 -9.44 13.63 -2.09
N LEU A 22 -8.29 13.47 -1.45
CA LEU A 22 -7.96 13.93 -0.10
C LEU A 22 -7.42 15.35 -0.14
N GLY A 23 -7.00 15.81 -1.32
CA GLY A 23 -6.51 17.17 -1.48
C GLY A 23 -5.20 17.44 -0.77
N ILE A 24 -4.58 16.37 -0.29
CA ILE A 24 -3.30 16.27 0.40
C ILE A 24 -2.08 16.44 -0.49
N SER A 25 -1.01 17.06 -0.03
CA SER A 25 0.16 17.34 -0.86
C SER A 25 1.26 16.27 -0.81
N GLN A 26 2.18 16.39 -1.78
CA GLN A 26 3.36 15.58 -1.82
C GLN A 26 4.23 15.73 -0.58
N GLN A 27 4.29 16.97 -0.04
CA GLN A 27 5.04 17.24 1.16
C GLN A 27 4.34 16.57 2.34
N GLN A 28 3.01 16.51 2.42
CA GLN A 28 2.26 15.89 3.49
C GLN A 28 2.43 14.38 3.54
N LEU A 29 2.67 13.73 2.38
CA LEU A 29 2.93 12.31 2.30
C LEU A 29 4.36 11.97 2.68
N ALA A 30 5.25 12.88 2.28
CA ALA A 30 6.62 12.93 2.74
C ALA A 30 6.72 12.96 4.26
N GLN A 31 5.86 13.71 4.97
CA GLN A 31 5.90 13.75 6.42
C GLN A 31 5.41 12.42 7.01
N LYS A 32 4.42 11.75 6.45
CA LYS A 32 3.72 10.55 6.92
C LYS A 32 4.66 9.36 6.95
N LEU A 33 5.83 9.46 6.30
CA LEU A 33 6.74 8.43 5.90
C LEU A 33 8.17 8.73 6.29
N LYS A 34 8.34 9.90 6.89
CA LYS A 34 9.57 10.67 7.09
C LYS A 34 10.44 11.08 5.91
N VAL A 35 10.45 10.39 4.77
CA VAL A 35 11.35 10.50 3.64
C VAL A 35 10.91 11.60 2.68
N SER A 36 11.70 11.96 1.66
CA SER A 36 11.71 13.28 1.04
C SER A 36 10.77 13.35 -0.14
N GLU A 37 10.32 14.54 -0.54
CA GLU A 37 9.45 14.80 -1.68
C GLU A 37 10.18 14.33 -2.94
N ASN A 38 11.50 14.43 -2.98
CA ASN A 38 12.27 13.79 -4.03
C ASN A 38 12.24 12.26 -4.06
N ILE A 39 12.12 11.60 -2.91
CA ILE A 39 11.93 10.16 -2.81
C ILE A 39 10.57 9.72 -3.34
N VAL A 40 9.50 10.47 -3.09
CA VAL A 40 8.15 10.09 -3.49
C VAL A 40 7.83 10.38 -4.96
N LYS A 41 8.44 11.42 -5.54
CA LYS A 41 8.69 11.58 -6.97
C LYS A 41 9.39 10.35 -7.51
N ARG A 42 10.33 9.75 -6.78
CA ARG A 42 11.18 8.65 -7.22
C ARG A 42 10.28 7.42 -7.29
N PHE A 43 9.33 7.21 -6.38
CA PHE A 43 8.35 6.15 -6.44
C PHE A 43 7.42 6.41 -7.63
N GLU A 44 7.01 7.67 -7.83
CA GLU A 44 6.01 7.95 -8.83
C GLU A 44 6.55 7.75 -10.24
N SER A 45 7.85 7.66 -10.52
CA SER A 45 8.41 7.56 -11.85
C SER A 45 9.05 6.20 -12.09
N GLY A 46 9.00 5.39 -11.02
CA GLY A 46 9.51 4.04 -10.91
C GLY A 46 11.02 3.82 -10.97
N LYS A 47 11.87 4.78 -10.59
CA LYS A 47 13.31 4.89 -10.71
C LYS A 47 14.07 4.19 -9.59
N LEU A 48 13.32 3.48 -8.74
CA LEU A 48 13.71 2.95 -7.46
C LEU A 48 13.20 1.52 -7.32
N LYS A 49 14.01 0.68 -6.65
CA LYS A 49 13.61 -0.70 -6.45
C LYS A 49 12.68 -0.81 -5.25
N PRO A 50 11.50 -1.40 -5.36
CA PRO A 50 10.46 -1.35 -4.37
C PRO A 50 10.67 -2.36 -3.26
N THR A 51 10.22 -2.12 -2.02
CA THR A 51 10.31 -3.10 -0.96
C THR A 51 8.96 -3.43 -0.33
N ILE A 52 8.89 -4.54 0.41
CA ILE A 52 7.71 -4.93 1.17
C ILE A 52 7.32 -3.94 2.25
N SER A 53 8.21 -3.48 3.13
CA SER A 53 7.90 -2.38 4.03
C SER A 53 7.41 -1.09 3.39
N GLN A 54 7.70 -0.89 2.10
CA GLN A 54 7.23 0.31 1.41
C GLN A 54 5.74 0.21 1.07
N ALA A 55 5.30 -0.54 0.07
CA ALA A 55 4.02 -1.21 -0.05
C ALA A 55 3.15 -1.29 1.20
N ARG A 56 3.59 -1.97 2.27
CA ARG A 56 2.90 -2.17 3.53
C ARG A 56 2.57 -0.80 4.10
N GLN A 57 3.50 0.15 4.19
CA GLN A 57 3.26 1.48 4.71
C GLN A 57 2.24 2.14 3.80
N LEU A 58 2.38 2.03 2.48
CA LEU A 58 1.58 2.85 1.60
C LEU A 58 0.10 2.54 1.79
N GLU A 59 -0.34 1.28 1.80
CA GLU A 59 -1.67 0.82 2.15
C GLU A 59 -2.24 1.31 3.46
N LYS A 60 -1.34 1.71 4.37
CA LYS A 60 -1.69 2.14 5.71
C LYS A 60 -1.86 3.66 5.87
N ILE A 61 -0.87 4.46 5.47
CA ILE A 61 -0.72 5.86 5.76
C ILE A 61 -1.98 6.71 5.63
N LEU A 62 -2.75 6.64 4.54
CA LEU A 62 -3.83 7.57 4.26
C LEU A 62 -5.06 7.21 5.10
N GLY A 63 -4.98 6.14 5.88
CA GLY A 63 -6.12 5.54 6.57
C GLY A 63 -7.01 4.77 5.61
N ILE A 64 -6.71 4.70 4.31
CA ILE A 64 -7.43 4.06 3.25
C ILE A 64 -6.53 3.54 2.12
N LYS A 65 -7.06 2.73 1.22
CA LYS A 65 -6.38 2.08 0.11
C LYS A 65 -7.37 1.24 -0.68
N LEU A 66 -7.09 0.80 -1.91
CA LEU A 66 -8.07 0.11 -2.72
C LEU A 66 -7.37 -0.86 -3.67
N VAL A 67 -7.96 -2.00 -3.99
CA VAL A 67 -9.36 -2.35 -4.03
C VAL A 67 -9.90 -3.43 -3.09
N THR A 68 -11.18 -3.49 -2.79
CA THR A 68 -11.89 -4.44 -1.94
C THR A 68 -12.57 -5.55 -2.70
N PRO A 69 -13.09 -6.58 -2.02
CA PRO A 69 -13.91 -7.62 -2.62
C PRO A 69 -15.17 -7.07 -3.29
N LEU A 70 -15.34 -5.77 -3.49
CA LEU A 70 -16.12 -5.23 -4.59
C LEU A 70 -15.54 -5.68 -5.92
N GLU A 71 -14.23 -5.87 -6.07
CA GLU A 71 -13.65 -6.47 -7.25
C GLU A 71 -12.41 -7.28 -6.97
N ASN A 72 -12.02 -7.48 -5.70
CA ASN A 72 -10.70 -8.00 -5.40
C ASN A 72 -10.52 -8.22 -3.89
N ASN A 73 -9.87 -9.33 -3.58
CA ASN A 73 -9.59 -9.85 -2.26
C ASN A 73 -8.12 -10.26 -2.28
N GLU A 74 -7.63 -10.67 -1.10
CA GLU A 74 -6.24 -10.88 -0.80
C GLU A 74 -6.16 -11.66 0.51
N GLU A 75 -5.10 -12.45 0.67
CA GLU A 75 -4.75 -13.06 1.93
C GLU A 75 -4.73 -12.04 3.07
N SER A 76 -5.40 -12.34 4.17
CA SER A 76 -5.74 -11.42 5.25
C SER A 76 -4.49 -11.18 6.09
N GLU A 77 -3.51 -12.10 6.21
CA GLU A 77 -2.27 -11.92 6.92
C GLU A 77 -1.30 -10.96 6.24
N LYS A 78 -1.59 -10.46 5.04
CA LYS A 78 -0.71 -9.46 4.47
C LYS A 78 -0.82 -8.14 5.20
N GLU A 79 -2.00 -7.85 5.77
CA GLU A 79 -2.48 -6.60 6.33
C GLU A 79 -1.68 -5.96 7.45
N PHE A 80 -0.86 -6.76 8.15
CA PHE A 80 0.00 -6.30 9.22
C PHE A 80 1.24 -5.53 8.83
N ASP A 81 2.10 -5.12 9.77
CA ASP A 81 3.37 -4.47 9.53
C ASP A 81 4.54 -5.37 9.19
N ASP A 82 4.61 -6.61 9.69
CA ASP A 82 5.58 -7.55 9.15
C ASP A 82 5.03 -8.95 8.97
N THR A 83 4.21 -9.40 9.93
CA THR A 83 3.78 -10.77 10.15
C THR A 83 2.42 -10.75 10.80
N GLY A 84 1.65 -11.83 10.59
CA GLY A 84 0.31 -11.96 11.13
C GLY A 84 0.37 -12.20 12.62
N LEU A 85 -0.76 -11.95 13.27
CA LEU A 85 -0.82 -11.78 14.71
C LEU A 85 -1.12 -13.03 15.53
N THR A 86 -1.92 -13.89 14.88
CA THR A 86 -2.58 -15.06 15.41
C THR A 86 -2.16 -16.34 14.73
N LEU A 87 -2.00 -17.44 15.49
CA LEU A 87 -1.73 -18.77 14.98
C LEU A 87 -3.03 -19.53 14.77
N GLY A 88 -3.23 -20.10 13.57
CA GLY A 88 -4.47 -20.77 13.24
C GLY A 88 -4.45 -22.25 13.64
N ASP A 89 -3.30 -22.83 13.95
CA ASP A 89 -3.11 -24.23 13.68
C ASP A 89 -3.46 -25.24 14.77
N VAL A 90 -4.40 -24.80 15.62
CA VAL A 90 -4.69 -25.15 16.99
C VAL A 90 -6.17 -25.26 17.33
N VAL A 91 -6.85 -25.89 18.28
CA VAL A 91 -5.98 -26.35 19.36
C VAL A 91 -5.63 -27.82 19.15
N ASN A 92 -5.96 -28.44 18.03
CA ASN A 92 -5.61 -29.83 17.77
C ASN A 92 -4.12 -30.08 17.79
N ILE A 93 -3.69 -31.00 18.68
CA ILE A 93 -2.33 -31.40 18.92
C ILE A 93 -2.04 -32.74 18.23
N LYS A 94 -0.89 -32.81 17.53
CA LYS A 94 -0.60 -33.79 16.52
C LYS A 94 0.35 -34.83 17.14
N GLU A 95 0.98 -34.47 18.25
CA GLU A 95 1.46 -35.34 19.29
C GLU A 95 0.28 -35.98 20.01
N GLY A 96 -0.95 -35.53 19.74
CA GLY A 96 -2.08 -35.78 20.60
C GLY A 96 -2.73 -37.16 20.56
N LYS A 97 -2.12 -38.12 19.83
CA LYS A 97 -2.44 -39.53 19.87
C LYS A 97 -1.20 -40.38 20.15
N LYS A 98 -0.15 -39.89 20.79
CA LYS A 98 1.07 -40.54 21.25
C LYS A 98 0.88 -41.47 22.44
N LEU A 99 0.36 -42.68 22.23
CA LEU A 99 -0.11 -43.70 23.13
C LEU A 99 -0.41 -44.94 22.31
N GLU A 100 -0.86 -46.02 22.95
CA GLU A 100 -1.09 -47.29 22.31
C GLU A 100 -2.27 -47.92 23.03
N HIS A 101 -1.95 -48.92 23.87
CA HIS A 101 -2.87 -49.81 24.53
C HIS A 101 -3.45 -49.35 25.86
N HIS A 102 -2.92 -48.23 26.32
CA HIS A 102 -3.30 -47.41 27.45
C HIS A 102 -4.76 -47.68 27.82
N GLU A 1 -0.87 3.57 -30.60
CA GLU A 1 0.53 3.32 -30.22
C GLU A 1 0.65 2.56 -28.91
N ASN A 2 0.49 3.33 -27.83
CA ASN A 2 0.90 2.94 -26.49
C ASN A 2 -0.25 2.20 -25.84
N ALA A 3 -0.01 1.23 -24.95
CA ALA A 3 -0.99 0.35 -24.36
C ALA A 3 -1.93 1.05 -23.39
N GLU A 4 -3.06 0.38 -23.10
CA GLU A 4 -4.23 1.05 -22.56
C GLU A 4 -4.01 1.26 -21.07
N LEU A 5 -2.93 0.80 -20.46
CA LEU A 5 -2.76 0.47 -19.05
C LEU A 5 -1.37 -0.06 -18.71
N GLU A 6 -1.02 -0.07 -17.43
CA GLU A 6 0.33 -0.47 -17.02
C GLU A 6 0.28 -1.35 -15.79
N ILE A 7 1.24 -2.28 -15.70
CA ILE A 7 1.29 -3.33 -14.71
C ILE A 7 2.57 -3.34 -13.88
N VAL A 8 3.64 -2.67 -14.29
CA VAL A 8 4.78 -2.73 -13.41
C VAL A 8 4.66 -1.76 -12.24
N THR A 9 4.30 -0.49 -12.45
CA THR A 9 4.53 0.70 -11.66
C THR A 9 4.16 0.57 -10.20
N ASP A 10 2.98 0.00 -9.89
CA ASP A 10 2.24 0.03 -8.66
C ASP A 10 1.73 1.40 -8.20
N TYR A 11 2.31 2.51 -8.65
CA TYR A 11 1.94 3.85 -8.27
C TYR A 11 0.86 4.30 -9.25
N TYR A 12 -0.33 3.75 -9.04
CA TYR A 12 -1.56 4.05 -9.77
C TYR A 12 -2.55 5.00 -9.13
N LYS A 13 -3.75 5.22 -9.70
CA LYS A 13 -4.73 6.15 -9.24
C LYS A 13 -5.28 6.02 -7.82
N ILE A 14 -5.23 4.83 -7.23
CA ILE A 14 -5.00 4.66 -5.80
C ILE A 14 -4.17 5.70 -5.04
N ILE A 15 -3.13 6.28 -5.59
CA ILE A 15 -2.29 7.32 -4.99
C ILE A 15 -1.93 8.45 -5.93
N LYS A 16 -1.55 8.24 -7.20
CA LYS A 16 -1.28 9.17 -8.28
C LYS A 16 -2.20 10.38 -8.44
N THR A 17 -3.48 10.05 -8.63
CA THR A 17 -4.55 11.04 -8.78
C THR A 17 -5.00 11.50 -7.41
N ALA A 18 -4.90 10.61 -6.42
CA ALA A 18 -5.62 10.67 -5.15
C ALA A 18 -5.18 11.90 -4.36
N ARG A 19 -3.87 12.03 -4.19
CA ARG A 19 -3.26 13.19 -3.56
C ARG A 19 -3.82 14.51 -4.07
N GLU A 20 -4.11 14.64 -5.36
CA GLU A 20 -4.68 15.77 -6.06
C GLU A 20 -6.17 15.97 -5.79
N GLN A 21 -6.93 14.89 -5.74
CA GLN A 21 -8.36 14.87 -5.49
C GLN A 21 -8.80 15.26 -4.07
N LEU A 22 -7.79 15.22 -3.19
CA LEU A 22 -7.85 15.62 -1.81
C LEU A 22 -7.37 17.05 -1.60
N GLY A 23 -6.71 17.59 -2.63
CA GLY A 23 -6.24 18.95 -2.86
C GLY A 23 -5.06 19.42 -2.03
N ILE A 24 -4.60 18.54 -1.15
CA ILE A 24 -3.45 18.71 -0.27
C ILE A 24 -2.12 18.73 -1.01
N SER A 25 -1.09 19.35 -0.41
CA SER A 25 0.21 19.54 -1.02
C SER A 25 1.24 18.44 -0.77
N GLN A 26 2.38 18.49 -1.44
CA GLN A 26 3.47 17.54 -1.29
C GLN A 26 3.91 17.57 0.16
N GLN A 27 4.05 18.74 0.81
CA GLN A 27 4.55 18.89 2.16
C GLN A 27 3.59 18.22 3.13
N GLN A 28 2.27 18.37 2.94
CA GLN A 28 1.27 17.68 3.72
C GLN A 28 1.27 16.17 3.55
N LEU A 29 1.49 15.63 2.36
CA LEU A 29 1.40 14.23 2.00
C LEU A 29 2.42 13.35 2.69
N ALA A 30 3.66 13.83 2.87
CA ALA A 30 4.69 13.16 3.65
C ALA A 30 4.18 12.99 5.07
N GLN A 31 3.66 14.06 5.68
CA GLN A 31 3.21 14.07 7.05
C GLN A 31 2.03 13.12 7.18
N LYS A 32 1.41 12.68 6.09
CA LYS A 32 0.27 11.81 6.11
C LYS A 32 0.46 10.33 5.78
N LEU A 33 1.58 9.95 5.18
CA LEU A 33 1.70 8.63 4.57
C LEU A 33 3.01 7.94 4.88
N LYS A 34 3.72 8.47 5.88
CA LYS A 34 5.13 8.49 6.22
C LYS A 34 6.13 8.80 5.12
N VAL A 35 5.87 8.54 3.83
CA VAL A 35 6.84 8.48 2.75
C VAL A 35 7.16 9.81 2.06
N SER A 36 8.38 10.07 1.60
CA SER A 36 8.85 11.37 1.15
C SER A 36 8.54 11.91 -0.23
N GLU A 37 8.60 13.19 -0.60
CA GLU A 37 8.61 13.68 -1.96
C GLU A 37 9.61 13.03 -2.91
N ASN A 38 10.64 12.33 -2.46
CA ASN A 38 11.60 11.58 -3.26
C ASN A 38 11.13 10.18 -3.54
N ILE A 39 10.43 9.59 -2.55
CA ILE A 39 9.67 8.37 -2.68
C ILE A 39 8.65 8.50 -3.80
N VAL A 40 8.09 9.71 -3.94
CA VAL A 40 7.13 9.85 -5.03
C VAL A 40 7.79 9.56 -6.36
N LYS A 41 8.75 10.38 -6.79
CA LYS A 41 9.49 10.24 -8.03
C LYS A 41 9.96 8.84 -8.32
N ARG A 42 10.47 8.16 -7.29
CA ARG A 42 10.88 6.77 -7.44
C ARG A 42 9.79 5.85 -7.98
N PHE A 43 8.60 5.89 -7.39
CA PHE A 43 7.50 4.97 -7.65
C PHE A 43 6.63 5.56 -8.76
N GLU A 44 6.32 6.86 -8.80
CA GLU A 44 5.74 7.55 -9.92
C GLU A 44 6.41 7.14 -11.23
N SER A 45 7.71 6.88 -11.30
CA SER A 45 8.43 6.65 -12.54
C SER A 45 8.48 5.19 -12.97
N GLY A 46 7.92 4.30 -12.17
CA GLY A 46 7.91 2.86 -12.32
C GLY A 46 9.17 2.04 -12.05
N LYS A 47 10.15 2.73 -11.45
CA LYS A 47 11.53 2.32 -11.29
C LYS A 47 11.75 1.48 -10.04
N LEU A 48 10.92 1.71 -9.01
CA LEU A 48 11.00 1.21 -7.66
C LEU A 48 9.63 1.09 -7.01
N LYS A 49 9.27 -0.04 -6.38
CA LYS A 49 8.16 -0.22 -5.47
C LYS A 49 8.68 -0.59 -4.10
N PRO A 50 7.88 -0.83 -3.06
CA PRO A 50 8.32 -1.09 -1.70
C PRO A 50 9.44 -2.10 -1.54
N THR A 51 10.28 -1.99 -0.50
CA THR A 51 11.49 -2.74 -0.24
C THR A 51 11.54 -3.37 1.13
N ILE A 52 12.69 -3.98 1.43
CA ILE A 52 13.01 -4.57 2.72
C ILE A 52 12.95 -3.46 3.78
N SER A 53 13.66 -2.33 3.67
CA SER A 53 13.63 -1.37 4.77
C SER A 53 12.27 -0.70 4.90
N GLN A 54 11.37 -0.73 3.91
CA GLN A 54 10.12 0.00 3.97
C GLN A 54 8.99 -0.92 4.39
N ALA A 55 8.82 -2.12 3.82
CA ALA A 55 7.51 -2.75 3.65
C ALA A 55 6.72 -2.96 4.93
N ARG A 56 7.23 -3.63 5.96
CA ARG A 56 6.44 -4.08 7.08
C ARG A 56 5.60 -3.01 7.73
N GLN A 57 6.15 -1.87 8.17
CA GLN A 57 5.36 -0.71 8.55
C GLN A 57 4.51 -0.12 7.45
N LEU A 58 4.96 -0.02 6.18
CA LEU A 58 4.39 0.63 5.02
C LEU A 58 3.00 0.08 4.81
N GLU A 59 2.90 -1.25 4.68
CA GLU A 59 1.68 -2.03 4.55
C GLU A 59 0.65 -1.62 5.62
N LYS A 60 1.11 -1.56 6.86
CA LYS A 60 0.25 -1.50 8.04
C LYS A 60 -0.43 -0.15 8.22
N ILE A 61 0.30 0.92 7.87
CA ILE A 61 -0.19 2.27 8.01
C ILE A 61 -1.36 2.58 7.07
N LEU A 62 -1.42 1.90 5.94
CA LEU A 62 -2.45 1.86 4.90
C LEU A 62 -1.92 1.22 3.63
N GLY A 63 -0.59 1.18 3.43
CA GLY A 63 0.03 0.78 2.17
C GLY A 63 -0.05 1.86 1.10
N ILE A 64 -0.07 3.09 1.60
CA ILE A 64 0.14 4.39 0.98
C ILE A 64 -0.94 4.73 -0.06
N LYS A 65 -2.01 3.94 -0.21
CA LYS A 65 -3.20 4.11 -1.04
C LYS A 65 -4.08 5.26 -0.55
N LEU A 66 -4.88 5.99 -1.33
CA LEU A 66 -5.64 7.13 -0.79
C LEU A 66 -7.08 7.15 -1.26
N VAL A 67 -8.07 7.50 -0.42
CA VAL A 67 -8.07 8.30 0.77
C VAL A 67 -8.19 7.55 2.09
N THR A 68 -8.01 8.19 3.24
CA THR A 68 -8.47 7.81 4.58
C THR A 68 -9.84 8.49 4.65
N PRO A 69 -10.91 7.74 4.44
CA PRO A 69 -12.00 8.19 5.30
C PRO A 69 -11.54 8.41 6.74
N LEU A 70 -10.54 7.71 7.29
CA LEU A 70 -9.92 7.94 8.57
C LEU A 70 -8.54 7.28 8.70
N GLU A 71 -7.72 7.81 9.59
CA GLU A 71 -6.40 7.27 9.87
C GLU A 71 -6.48 5.90 10.54
N ASN A 72 -5.96 4.84 9.89
CA ASN A 72 -5.79 3.58 10.56
C ASN A 72 -4.33 3.15 10.74
N ASN A 73 -4.11 2.09 11.53
CA ASN A 73 -2.96 1.20 11.52
C ASN A 73 -3.36 -0.22 11.88
N GLU A 74 -2.69 -1.20 11.26
CA GLU A 74 -2.89 -2.58 11.62
C GLU A 74 -2.06 -2.91 12.85
N GLU A 75 -2.64 -3.31 13.99
CA GLU A 75 -1.97 -3.61 15.22
C GLU A 75 -1.26 -4.95 15.21
N SER A 76 -1.09 -5.58 14.04
CA SER A 76 -0.54 -6.88 13.78
C SER A 76 0.94 -7.00 14.16
N GLU A 77 1.77 -5.96 14.18
CA GLU A 77 3.20 -5.97 14.45
C GLU A 77 3.77 -4.56 14.52
N LYS A 78 4.09 -4.10 15.73
CA LYS A 78 4.77 -2.87 16.11
C LYS A 78 6.24 -2.68 15.75
N GLU A 79 7.04 -3.66 16.14
CA GLU A 79 8.49 -3.54 16.18
C GLU A 79 9.10 -3.59 14.81
N PHE A 80 9.74 -2.49 14.36
CA PHE A 80 10.08 -2.24 12.96
C PHE A 80 11.45 -1.67 12.68
N ASP A 81 12.26 -2.47 12.01
CA ASP A 81 13.66 -2.36 11.62
C ASP A 81 14.30 -3.59 10.96
N ASP A 82 15.20 -3.21 10.06
CA ASP A 82 15.89 -3.94 9.02
C ASP A 82 17.39 -4.14 9.23
N THR A 83 17.90 -3.36 10.19
CA THR A 83 19.34 -3.38 10.33
C THR A 83 19.96 -4.74 10.60
N GLY A 84 19.30 -5.54 11.43
CA GLY A 84 19.79 -6.83 11.89
C GLY A 84 19.79 -7.88 10.78
N LEU A 85 19.26 -7.55 9.61
CA LEU A 85 19.25 -8.44 8.46
C LEU A 85 20.15 -7.97 7.32
N THR A 86 20.10 -6.68 6.99
CA THR A 86 20.53 -6.10 5.75
C THR A 86 21.97 -5.65 5.92
N LEU A 87 22.24 -4.80 6.93
CA LEU A 87 23.59 -4.65 7.44
C LEU A 87 23.97 -5.87 8.26
N GLY A 88 22.99 -6.68 8.69
CA GLY A 88 23.21 -7.85 9.52
C GLY A 88 23.79 -7.57 10.88
N ASP A 89 23.40 -6.48 11.54
CA ASP A 89 24.02 -6.01 12.76
C ASP A 89 23.60 -6.82 13.96
N VAL A 90 23.83 -8.14 13.99
CA VAL A 90 23.51 -9.12 15.00
C VAL A 90 24.61 -10.13 15.29
N VAL A 91 24.73 -10.84 16.41
CA VAL A 91 23.79 -10.76 17.50
C VAL A 91 23.94 -9.50 18.34
N ASN A 92 22.81 -8.79 18.43
CA ASN A 92 22.64 -7.57 19.20
C ASN A 92 22.27 -7.93 20.62
N ILE A 93 23.13 -7.55 21.55
CA ILE A 93 22.98 -7.91 22.96
C ILE A 93 22.71 -6.70 23.83
N LYS A 94 22.66 -5.49 23.28
CA LYS A 94 22.54 -4.17 23.87
C LYS A 94 21.20 -3.50 23.79
N GLU A 95 20.43 -3.93 22.77
CA GLU A 95 19.04 -3.63 22.47
C GLU A 95 18.28 -4.82 21.90
N GLY A 96 18.99 -5.76 21.27
CA GLY A 96 18.31 -6.65 20.37
C GLY A 96 17.35 -7.65 21.01
N LYS A 97 16.74 -8.54 20.21
CA LYS A 97 15.91 -9.65 20.64
C LYS A 97 16.15 -10.86 19.75
N LYS A 98 17.37 -11.36 19.54
CA LYS A 98 17.82 -12.54 18.84
C LYS A 98 17.57 -13.83 19.64
N LEU A 99 16.35 -14.34 19.58
CA LEU A 99 15.79 -15.31 20.51
C LEU A 99 16.23 -16.75 20.30
N GLU A 100 16.08 -17.63 21.29
CA GLU A 100 16.52 -19.01 21.46
C GLU A 100 16.21 -19.86 20.23
N HIS A 101 15.06 -19.70 19.55
CA HIS A 101 14.53 -20.54 18.51
C HIS A 101 14.89 -20.05 17.10
N HIS A 102 15.55 -18.90 17.03
CA HIS A 102 15.87 -18.23 15.79
C HIS A 102 17.10 -18.87 15.14
N GLU A 1 26.13 -2.66 -13.84
CA GLU A 1 24.90 -1.82 -13.84
C GLU A 1 23.96 -2.30 -14.92
N ASN A 2 22.66 -2.00 -14.74
CA ASN A 2 21.48 -2.23 -15.53
C ASN A 2 20.24 -1.66 -14.84
N ALA A 3 19.55 -0.84 -15.63
CA ALA A 3 18.32 -0.14 -15.31
C ALA A 3 17.04 -0.96 -15.14
N GLU A 4 17.05 -2.20 -15.68
CA GLU A 4 15.91 -3.06 -15.61
C GLU A 4 15.57 -3.71 -14.28
N LEU A 5 16.42 -3.33 -13.32
CA LEU A 5 16.41 -3.77 -11.94
C LEU A 5 16.09 -2.72 -10.89
N GLU A 6 15.68 -1.51 -11.31
CA GLU A 6 15.72 -0.29 -10.54
C GLU A 6 14.44 0.53 -10.55
N ILE A 7 13.33 -0.16 -10.80
CA ILE A 7 12.05 0.38 -11.18
C ILE A 7 10.87 -0.26 -10.44
N VAL A 8 9.72 0.40 -10.31
CA VAL A 8 8.48 -0.12 -9.72
C VAL A 8 7.88 -1.10 -10.71
N THR A 9 7.34 -2.20 -10.19
CA THR A 9 6.76 -3.19 -11.08
C THR A 9 5.54 -2.73 -11.89
N ASP A 10 4.51 -2.34 -11.15
CA ASP A 10 3.12 -2.15 -11.53
C ASP A 10 2.41 -1.55 -10.34
N TYR A 11 2.41 -0.25 -10.11
CA TYR A 11 2.13 0.51 -8.89
C TYR A 11 0.67 0.49 -8.48
N TYR A 12 0.44 0.58 -7.17
CA TYR A 12 -0.87 0.41 -6.59
C TYR A 12 -1.89 1.51 -6.84
N LYS A 13 -3.05 1.09 -7.33
CA LYS A 13 -4.14 1.95 -7.77
C LYS A 13 -5.26 2.06 -6.75
N ILE A 14 -5.33 1.20 -5.74
CA ILE A 14 -6.44 1.33 -4.80
C ILE A 14 -6.28 2.56 -3.92
N ILE A 15 -5.03 3.01 -3.72
CA ILE A 15 -4.63 4.24 -3.07
C ILE A 15 -5.22 5.40 -3.83
N LYS A 16 -5.33 5.32 -5.16
CA LYS A 16 -5.46 6.34 -6.19
C LYS A 16 -6.47 7.45 -5.90
N THR A 17 -7.75 7.11 -5.96
CA THR A 17 -8.85 8.04 -6.03
C THR A 17 -9.07 8.76 -4.69
N ALA A 18 -8.60 8.13 -3.62
CA ALA A 18 -8.67 8.56 -2.24
C ALA A 18 -7.63 9.65 -2.03
N ARG A 19 -6.36 9.34 -2.25
CA ARG A 19 -5.23 10.24 -2.33
C ARG A 19 -5.64 11.45 -3.15
N GLU A 20 -6.47 11.35 -4.20
CA GLU A 20 -6.98 12.49 -4.93
C GLU A 20 -8.04 13.29 -4.20
N GLN A 21 -9.01 12.70 -3.50
CA GLN A 21 -9.93 13.46 -2.66
C GLN A 21 -9.20 14.20 -1.53
N LEU A 22 -7.97 13.80 -1.19
CA LEU A 22 -7.21 14.31 -0.07
C LEU A 22 -6.72 15.73 -0.34
N GLY A 23 -6.42 15.90 -1.64
CA GLY A 23 -6.06 17.14 -2.28
C GLY A 23 -4.62 17.56 -1.98
N ILE A 24 -4.01 16.90 -0.99
CA ILE A 24 -2.71 17.27 -0.44
C ILE A 24 -1.61 16.97 -1.46
N SER A 25 -0.47 17.67 -1.39
CA SER A 25 0.54 17.71 -2.41
C SER A 25 1.70 16.73 -2.16
N GLN A 26 2.65 16.62 -3.10
CA GLN A 26 3.93 16.03 -2.76
C GLN A 26 4.58 16.64 -1.53
N GLN A 27 4.52 17.97 -1.37
CA GLN A 27 5.18 18.68 -0.28
C GLN A 27 4.63 18.20 1.05
N GLN A 28 3.32 17.98 1.15
CA GLN A 28 2.62 17.56 2.34
C GLN A 28 2.86 16.10 2.70
N LEU A 29 3.03 15.23 1.69
CA LEU A 29 3.19 13.82 1.94
C LEU A 29 4.57 13.46 2.51
N ALA A 30 5.56 14.27 2.18
CA ALA A 30 6.88 14.23 2.80
C ALA A 30 6.69 14.52 4.28
N GLN A 31 5.77 15.41 4.69
CA GLN A 31 5.48 15.79 6.05
C GLN A 31 4.72 14.69 6.79
N LYS A 32 3.90 13.89 6.10
CA LYS A 32 3.10 12.80 6.61
C LYS A 32 3.97 11.64 7.09
N LEU A 33 5.18 11.58 6.53
CA LEU A 33 6.12 10.47 6.54
C LEU A 33 7.46 10.93 7.07
N LYS A 34 7.60 12.22 7.37
CA LYS A 34 8.79 12.99 7.73
C LYS A 34 10.02 12.91 6.83
N VAL A 35 9.94 12.24 5.68
CA VAL A 35 11.01 11.93 4.76
C VAL A 35 11.14 13.09 3.77
N SER A 36 11.89 12.90 2.70
CA SER A 36 12.24 13.93 1.73
C SER A 36 11.38 13.86 0.47
N GLU A 37 11.35 15.01 -0.20
CA GLU A 37 10.66 15.21 -1.47
C GLU A 37 11.08 14.15 -2.49
N ASN A 38 12.34 13.73 -2.38
CA ASN A 38 12.90 12.67 -3.18
C ASN A 38 12.46 11.25 -2.81
N ILE A 39 12.14 10.92 -1.56
CA ILE A 39 11.60 9.65 -1.09
C ILE A 39 10.13 9.48 -1.46
N VAL A 40 9.36 10.58 -1.46
CA VAL A 40 8.05 10.64 -2.08
C VAL A 40 8.11 10.46 -3.60
N LYS A 41 8.84 11.31 -4.32
CA LYS A 41 9.01 11.14 -5.75
C LYS A 41 9.45 9.78 -6.31
N ARG A 42 10.02 8.96 -5.45
CA ARG A 42 10.64 7.70 -5.87
C ARG A 42 9.71 6.74 -6.59
N PHE A 43 8.44 6.78 -6.18
CA PHE A 43 7.39 5.99 -6.80
C PHE A 43 6.69 6.80 -7.87
N GLU A 44 6.34 8.07 -7.64
CA GLU A 44 5.74 9.00 -8.58
C GLU A 44 6.55 8.99 -9.88
N SER A 45 7.87 8.74 -9.82
CA SER A 45 8.78 8.65 -10.93
C SER A 45 9.00 7.23 -11.46
N GLY A 46 8.85 6.26 -10.56
CA GLY A 46 8.94 4.84 -10.79
C GLY A 46 10.31 4.24 -10.47
N LYS A 47 11.24 4.95 -9.86
CA LYS A 47 12.65 4.71 -9.62
C LYS A 47 12.92 3.94 -8.33
N LEU A 48 12.16 2.87 -8.04
CA LEU A 48 11.92 2.24 -6.76
C LEU A 48 12.35 0.77 -6.75
N LYS A 49 13.03 0.38 -5.66
CA LYS A 49 13.48 -0.99 -5.52
C LYS A 49 12.76 -1.80 -4.46
N PRO A 50 11.54 -2.32 -4.59
CA PRO A 50 10.68 -2.71 -3.47
C PRO A 50 10.97 -4.10 -2.94
N THR A 51 10.57 -4.36 -1.69
CA THR A 51 10.50 -5.64 -1.02
C THR A 51 9.19 -5.86 -0.30
N ILE A 52 8.98 -7.04 0.30
CA ILE A 52 7.83 -7.30 1.14
C ILE A 52 7.53 -6.26 2.18
N SER A 53 8.43 -5.89 3.10
CA SER A 53 8.24 -4.69 3.92
C SER A 53 7.83 -3.43 3.16
N GLN A 54 8.27 -3.20 1.92
CA GLN A 54 7.99 -2.08 1.06
C GLN A 54 6.59 -2.14 0.46
N ALA A 55 6.27 -3.29 -0.10
CA ALA A 55 4.93 -3.74 -0.41
C ALA A 55 3.96 -3.44 0.72
N ARG A 56 4.31 -3.87 1.95
CA ARG A 56 3.49 -3.65 3.11
C ARG A 56 3.33 -2.16 3.43
N GLN A 57 4.37 -1.37 3.18
CA GLN A 57 4.46 0.01 3.64
C GLN A 57 3.68 0.96 2.75
N LEU A 58 3.69 0.68 1.44
CA LEU A 58 3.28 1.46 0.29
C LEU A 58 1.79 1.62 0.11
N GLU A 59 1.02 0.52 0.15
CA GLU A 59 -0.40 0.61 0.45
C GLU A 59 -0.69 1.52 1.61
N LYS A 60 0.18 1.61 2.63
CA LYS A 60 -0.19 2.23 3.89
C LYS A 60 0.26 3.66 4.04
N ILE A 61 0.75 4.34 2.99
CA ILE A 61 1.23 5.69 3.10
C ILE A 61 0.22 6.64 3.72
N LEU A 62 -1.00 6.59 3.17
CA LEU A 62 -2.13 7.36 3.66
C LEU A 62 -3.20 6.56 4.40
N GLY A 63 -2.97 5.26 4.53
CA GLY A 63 -3.78 4.31 5.28
C GLY A 63 -5.18 4.05 4.70
N ILE A 64 -5.58 4.66 3.60
CA ILE A 64 -6.87 4.60 2.94
C ILE A 64 -6.90 4.00 1.54
N LYS A 65 -8.00 3.98 0.78
CA LYS A 65 -8.10 3.31 -0.51
C LYS A 65 -9.44 3.63 -1.13
N LEU A 66 -9.57 3.72 -2.46
CA LEU A 66 -10.83 3.70 -3.17
C LEU A 66 -10.77 2.73 -4.35
N VAL A 67 -11.87 2.20 -4.86
CA VAL A 67 -13.30 2.38 -4.61
C VAL A 67 -14.14 1.30 -3.93
N THR A 68 -15.21 1.68 -3.28
CA THR A 68 -16.08 0.82 -2.50
C THR A 68 -17.17 0.25 -3.42
N PRO A 69 -18.01 -0.63 -2.88
CA PRO A 69 -19.23 -1.01 -3.58
C PRO A 69 -20.07 0.11 -4.21
N LEU A 70 -19.86 1.35 -3.80
CA LEU A 70 -20.34 2.49 -4.56
C LEU A 70 -19.89 2.54 -6.01
N GLU A 71 -18.89 1.75 -6.44
CA GLU A 71 -18.43 1.61 -7.79
C GLU A 71 -17.96 0.19 -8.06
N ASN A 72 -17.29 -0.44 -7.08
CA ASN A 72 -16.73 -1.76 -7.28
C ASN A 72 -16.76 -2.59 -6.01
N ASN A 73 -16.78 -3.92 -6.17
CA ASN A 73 -16.89 -4.87 -5.08
C ASN A 73 -15.86 -5.99 -5.18
N GLU A 74 -15.17 -6.32 -4.08
CA GLU A 74 -14.18 -7.36 -3.95
C GLU A 74 -14.64 -8.73 -4.45
N GLU A 75 -14.07 -9.11 -5.60
CA GLU A 75 -14.59 -10.21 -6.40
C GLU A 75 -13.51 -11.18 -6.84
N SER A 76 -12.85 -11.82 -5.87
CA SER A 76 -11.57 -12.49 -6.01
C SER A 76 -11.70 -13.86 -6.69
N GLU A 77 -12.92 -14.38 -6.82
CA GLU A 77 -13.15 -15.58 -7.60
C GLU A 77 -12.66 -15.58 -9.05
N LYS A 78 -12.56 -14.38 -9.65
CA LYS A 78 -11.86 -14.15 -10.89
C LYS A 78 -10.34 -14.16 -10.94
N GLU A 79 -9.66 -13.95 -9.82
CA GLU A 79 -8.22 -13.85 -9.79
C GLU A 79 -7.47 -14.88 -8.97
N PHE A 80 -8.10 -15.39 -7.92
CA PHE A 80 -7.46 -16.33 -7.01
C PHE A 80 -8.01 -17.76 -7.13
N ASP A 81 -7.14 -18.74 -6.87
CA ASP A 81 -7.53 -20.12 -6.68
C ASP A 81 -8.30 -20.37 -5.39
N ASP A 82 -8.05 -19.65 -4.29
CA ASP A 82 -8.66 -20.03 -3.04
C ASP A 82 -9.08 -18.91 -2.12
N THR A 83 -9.08 -17.64 -2.53
CA THR A 83 -9.47 -16.46 -1.78
C THR A 83 -10.79 -15.94 -2.33
N GLY A 84 -11.73 -15.55 -1.46
CA GLY A 84 -13.02 -15.07 -1.87
C GLY A 84 -13.88 -16.15 -2.55
N LEU A 85 -13.48 -17.41 -2.47
CA LEU A 85 -13.94 -18.52 -3.29
C LEU A 85 -15.04 -19.30 -2.56
N THR A 86 -15.10 -19.12 -1.23
CA THR A 86 -16.23 -19.53 -0.40
C THR A 86 -16.37 -18.72 0.87
N LEU A 87 -17.63 -18.38 1.16
CA LEU A 87 -18.06 -17.97 2.49
C LEU A 87 -18.79 -19.07 3.25
N GLY A 88 -19.50 -20.00 2.61
CA GLY A 88 -20.16 -21.13 3.20
C GLY A 88 -21.55 -20.70 3.67
N ASP A 89 -21.93 -19.47 3.33
CA ASP A 89 -23.18 -18.85 3.74
C ASP A 89 -24.37 -19.39 2.96
N VAL A 90 -25.17 -20.14 3.73
CA VAL A 90 -26.41 -20.75 3.32
C VAL A 90 -27.63 -20.52 4.20
N VAL A 91 -28.89 -20.72 3.78
CA VAL A 91 -29.23 -21.09 2.43
C VAL A 91 -28.75 -20.13 1.35
N ASN A 92 -28.04 -20.66 0.34
CA ASN A 92 -27.28 -19.84 -0.61
C ASN A 92 -28.15 -19.48 -1.80
N ILE A 93 -28.35 -18.18 -2.03
CA ILE A 93 -29.22 -17.61 -3.04
C ILE A 93 -28.41 -16.81 -4.04
N LYS A 94 -27.08 -16.76 -3.98
CA LYS A 94 -26.19 -16.64 -5.11
C LYS A 94 -26.04 -17.96 -5.88
N GLU A 95 -26.55 -19.05 -5.31
CA GLU A 95 -26.99 -20.14 -6.17
C GLU A 95 -28.21 -19.72 -6.98
N GLY A 96 -28.93 -18.73 -6.44
CA GLY A 96 -30.11 -18.30 -7.14
C GLY A 96 -31.24 -17.70 -6.30
N LYS A 97 -32.03 -16.97 -7.09
CA LYS A 97 -33.10 -16.09 -6.66
C LYS A 97 -34.44 -16.76 -6.38
N LYS A 98 -34.29 -17.88 -5.69
CA LYS A 98 -35.38 -18.72 -5.26
C LYS A 98 -36.08 -18.18 -4.03
N LEU A 99 -35.43 -17.29 -3.28
CA LEU A 99 -36.02 -16.24 -2.47
C LEU A 99 -35.87 -14.94 -3.25
N GLU A 100 -36.80 -14.02 -3.04
CA GLU A 100 -37.28 -13.03 -3.98
C GLU A 100 -38.08 -11.86 -3.40
N HIS A 101 -39.37 -12.06 -3.08
CA HIS A 101 -40.24 -11.01 -2.61
C HIS A 101 -40.34 -10.77 -1.10
N HIS A 102 -39.47 -11.44 -0.35
CA HIS A 102 -39.44 -11.64 1.09
C HIS A 102 -39.34 -10.32 1.83
N GLU A 1 24.30 -0.95 -16.60
CA GLU A 1 23.14 -1.81 -16.38
C GLU A 1 21.78 -1.18 -16.69
N ASN A 2 20.79 -2.04 -16.87
CA ASN A 2 19.47 -1.69 -17.39
C ASN A 2 18.45 -1.50 -16.29
N ALA A 3 17.38 -0.73 -16.38
CA ALA A 3 16.49 -0.26 -15.35
C ALA A 3 15.01 -0.58 -15.62
N GLU A 4 14.70 -1.46 -16.57
CA GLU A 4 13.35 -1.85 -16.92
C GLU A 4 12.75 -2.77 -15.89
N LEU A 5 13.66 -3.59 -15.30
CA LEU A 5 13.38 -4.54 -14.25
C LEU A 5 13.44 -4.06 -12.81
N GLU A 6 13.95 -2.84 -12.69
CA GLU A 6 14.59 -2.26 -11.51
C GLU A 6 13.93 -0.96 -11.14
N ILE A 7 12.78 -0.69 -11.75
CA ILE A 7 11.72 0.24 -11.40
C ILE A 7 10.47 -0.56 -11.09
N VAL A 8 9.36 0.04 -10.66
CA VAL A 8 8.24 -0.68 -10.07
C VAL A 8 7.48 -1.59 -11.05
N THR A 9 6.71 -2.43 -10.37
CA THR A 9 5.88 -3.41 -11.05
C THR A 9 4.73 -2.69 -11.77
N ASP A 10 3.88 -2.00 -11.01
CA ASP A 10 2.55 -1.64 -11.47
C ASP A 10 1.98 -1.02 -10.21
N TYR A 11 2.43 0.19 -9.85
CA TYR A 11 2.23 0.83 -8.56
C TYR A 11 0.82 1.08 -8.09
N TYR A 12 0.58 0.82 -6.80
CA TYR A 12 -0.63 0.46 -6.10
C TYR A 12 -1.89 1.27 -6.40
N LYS A 13 -3.03 0.57 -6.40
CA LYS A 13 -4.27 1.22 -6.75
C LYS A 13 -5.19 1.68 -5.60
N ILE A 14 -5.22 0.96 -4.49
CA ILE A 14 -6.11 1.13 -3.37
C ILE A 14 -5.85 2.51 -2.77
N ILE A 15 -4.57 2.90 -2.85
CA ILE A 15 -4.06 4.18 -2.39
C ILE A 15 -4.73 5.35 -3.11
N LYS A 16 -4.98 5.20 -4.41
CA LYS A 16 -5.24 6.27 -5.34
C LYS A 16 -6.23 7.37 -4.93
N THR A 17 -7.53 7.09 -4.94
CA THR A 17 -8.68 7.96 -4.71
C THR A 17 -8.61 8.74 -3.41
N ALA A 18 -8.00 8.15 -2.39
CA ALA A 18 -7.80 8.70 -1.06
C ALA A 18 -6.81 9.84 -1.09
N ARG A 19 -5.56 9.79 -1.56
CA ARG A 19 -4.79 11.01 -1.68
C ARG A 19 -5.51 12.02 -2.58
N GLU A 20 -6.13 11.62 -3.69
CA GLU A 20 -6.91 12.44 -4.59
C GLU A 20 -7.97 13.31 -3.94
N GLN A 21 -8.68 12.87 -2.88
CA GLN A 21 -9.65 13.70 -2.19
C GLN A 21 -9.02 15.05 -1.82
N LEU A 22 -7.78 14.99 -1.34
CA LEU A 22 -6.90 16.02 -0.83
C LEU A 22 -6.23 16.75 -2.00
N GLY A 23 -6.15 16.01 -3.09
CA GLY A 23 -5.41 16.35 -4.28
C GLY A 23 -3.92 16.65 -4.08
N ILE A 24 -3.37 16.48 -2.88
CA ILE A 24 -2.10 17.01 -2.43
C ILE A 24 -1.01 16.46 -3.33
N SER A 25 0.10 17.16 -3.62
CA SER A 25 1.27 16.62 -4.31
C SER A 25 2.56 17.01 -3.58
N GLN A 26 3.68 16.60 -4.17
CA GLN A 26 5.00 16.53 -3.59
C GLN A 26 5.25 17.40 -2.37
N GLN A 27 5.17 18.73 -2.36
CA GLN A 27 5.52 19.59 -1.24
C GLN A 27 4.67 19.22 -0.03
N GLN A 28 3.34 19.16 -0.18
CA GLN A 28 2.44 18.81 0.90
C GLN A 28 2.64 17.35 1.31
N LEU A 29 3.04 16.46 0.41
CA LEU A 29 3.03 15.02 0.56
C LEU A 29 4.23 14.52 1.36
N ALA A 30 5.33 15.29 1.37
CA ALA A 30 6.39 15.42 2.33
C ALA A 30 5.85 15.67 3.72
N GLN A 31 4.88 16.58 3.88
CA GLN A 31 4.31 16.84 5.18
C GLN A 31 3.32 15.76 5.55
N LYS A 32 2.76 15.01 4.60
CA LYS A 32 1.65 14.13 4.93
C LYS A 32 2.30 12.86 5.49
N LEU A 33 3.61 12.72 5.34
CA LEU A 33 4.37 11.54 5.70
C LEU A 33 5.47 12.01 6.63
N LYS A 34 5.67 13.32 6.78
CA LYS A 34 6.59 14.05 7.63
C LYS A 34 8.05 13.66 7.38
N VAL A 35 8.35 13.76 6.09
CA VAL A 35 9.54 13.48 5.32
C VAL A 35 10.01 14.67 4.49
N SER A 36 11.14 14.61 3.76
CA SER A 36 11.54 15.57 2.78
C SER A 36 10.92 15.44 1.40
N GLU A 37 10.92 16.50 0.58
CA GLU A 37 10.55 16.28 -0.80
C GLU A 37 11.46 15.37 -1.62
N ASN A 38 12.67 15.08 -1.13
CA ASN A 38 13.53 14.09 -1.72
C ASN A 38 13.19 12.66 -1.30
N ILE A 39 12.52 12.49 -0.17
CA ILE A 39 12.05 11.19 0.29
C ILE A 39 10.90 10.64 -0.57
N VAL A 40 9.92 11.47 -0.94
CA VAL A 40 8.76 11.07 -1.72
C VAL A 40 8.97 10.67 -3.18
N LYS A 41 10.03 11.18 -3.85
CA LYS A 41 10.44 10.96 -5.21
C LYS A 41 10.38 9.52 -5.73
N ARG A 42 10.87 8.47 -5.06
CA ARG A 42 10.80 7.11 -5.53
C ARG A 42 9.36 6.65 -5.68
N PHE A 43 8.46 7.03 -4.76
CA PHE A 43 7.16 6.43 -4.72
C PHE A 43 6.29 7.15 -5.74
N GLU A 44 6.52 8.46 -5.94
CA GLU A 44 5.82 9.25 -6.92
C GLU A 44 6.18 8.73 -8.32
N SER A 45 7.46 8.55 -8.65
CA SER A 45 7.88 8.30 -10.02
C SER A 45 7.67 6.87 -10.46
N GLY A 46 7.71 5.92 -9.54
CA GLY A 46 7.72 4.51 -9.91
C GLY A 46 9.14 3.97 -10.00
N LYS A 47 10.12 4.81 -9.63
CA LYS A 47 11.55 4.62 -9.69
C LYS A 47 12.12 4.05 -8.40
N LEU A 48 11.53 2.92 -8.03
CA LEU A 48 11.58 2.19 -6.80
C LEU A 48 11.51 0.71 -7.15
N LYS A 49 12.38 -0.14 -6.62
CA LYS A 49 12.10 -1.56 -6.53
C LYS A 49 11.45 -2.10 -5.28
N PRO A 50 10.35 -2.86 -5.40
CA PRO A 50 9.57 -3.46 -4.32
C PRO A 50 10.11 -4.86 -4.07
N THR A 51 9.38 -5.59 -3.23
CA THR A 51 9.62 -6.94 -2.77
C THR A 51 8.35 -7.61 -2.31
N ILE A 52 8.42 -8.89 -1.97
CA ILE A 52 7.43 -9.66 -1.26
C ILE A 52 7.17 -9.17 0.15
N SER A 53 8.16 -8.84 0.96
CA SER A 53 8.04 -8.07 2.20
C SER A 53 7.61 -6.64 1.94
N GLN A 54 7.99 -5.83 0.94
CA GLN A 54 7.69 -4.42 0.83
C GLN A 54 6.23 -4.07 0.55
N ALA A 55 5.39 -4.90 -0.09
CA ALA A 55 4.12 -4.48 -0.63
C ALA A 55 3.18 -3.84 0.38
N ARG A 56 2.57 -4.62 1.29
CA ARG A 56 1.63 -4.19 2.31
C ARG A 56 2.22 -3.03 3.09
N GLN A 57 3.56 -2.86 3.10
CA GLN A 57 4.23 -1.78 3.79
C GLN A 57 4.15 -0.46 3.05
N LEU A 58 4.19 -0.54 1.71
CA LEU A 58 4.20 0.54 0.75
C LEU A 58 2.72 0.97 0.66
N GLU A 59 1.73 0.09 0.63
CA GLU A 59 0.43 0.51 1.10
C GLU A 59 0.51 1.10 2.50
N LYS A 60 1.43 0.80 3.42
CA LYS A 60 1.36 1.30 4.76
C LYS A 60 1.84 2.72 4.95
N ILE A 61 2.71 3.37 4.14
CA ILE A 61 3.40 4.60 4.45
C ILE A 61 2.43 5.72 4.84
N LEU A 62 1.62 6.27 3.94
CA LEU A 62 0.62 7.29 4.10
C LEU A 62 -0.59 6.78 4.86
N GLY A 63 -0.71 5.46 4.87
CA GLY A 63 -1.66 4.60 5.57
C GLY A 63 -3.13 4.68 5.18
N ILE A 64 -3.38 5.35 4.05
CA ILE A 64 -4.61 5.66 3.37
C ILE A 64 -5.07 4.53 2.47
N LYS A 65 -6.32 4.57 1.96
CA LYS A 65 -6.93 3.66 1.02
C LYS A 65 -8.34 4.06 0.59
N LEU A 66 -8.73 3.81 -0.65
CA LEU A 66 -10.11 3.82 -1.14
C LEU A 66 -10.24 2.89 -2.34
N VAL A 67 -11.46 2.51 -2.70
CA VAL A 67 -12.85 2.83 -2.48
C VAL A 67 -13.65 1.76 -1.77
N THR A 68 -14.67 2.10 -0.97
CA THR A 68 -15.46 1.19 -0.16
C THR A 68 -16.70 0.68 -0.88
N PRO A 69 -17.56 -0.14 -0.28
CA PRO A 69 -18.78 -0.62 -0.90
C PRO A 69 -19.75 0.48 -1.31
N LEU A 70 -19.49 1.75 -1.02
CA LEU A 70 -20.27 2.87 -1.55
C LEU A 70 -19.81 3.20 -2.96
N GLU A 71 -18.83 2.50 -3.53
CA GLU A 71 -18.30 2.59 -4.87
C GLU A 71 -17.91 1.22 -5.40
N ASN A 72 -17.23 0.35 -4.63
CA ASN A 72 -16.81 -0.95 -5.10
C ASN A 72 -16.59 -1.91 -3.96
N ASN A 73 -16.73 -3.23 -4.18
CA ASN A 73 -16.79 -4.27 -3.17
C ASN A 73 -15.97 -5.51 -3.48
N GLU A 74 -15.15 -6.02 -2.54
CA GLU A 74 -14.20 -7.06 -2.85
C GLU A 74 -14.09 -7.96 -1.63
N GLU A 75 -14.22 -9.26 -1.84
CA GLU A 75 -14.40 -10.30 -0.84
C GLU A 75 -13.54 -11.52 -1.07
N SER A 76 -12.99 -12.17 -0.03
CA SER A 76 -12.00 -13.20 -0.27
C SER A 76 -12.74 -14.52 -0.51
N GLU A 77 -14.08 -14.54 -0.37
CA GLU A 77 -14.90 -15.61 -0.88
C GLU A 77 -14.73 -15.85 -2.37
N LYS A 78 -14.16 -14.91 -3.13
CA LYS A 78 -13.85 -15.21 -4.50
C LYS A 78 -12.38 -15.43 -4.78
N GLU A 79 -11.61 -15.90 -3.80
CA GLU A 79 -10.18 -16.06 -3.82
C GLU A 79 -9.75 -17.35 -3.12
N PHE A 80 -10.47 -17.90 -2.13
CA PHE A 80 -10.20 -19.12 -1.40
C PHE A 80 -10.72 -20.24 -2.29
N ASP A 81 -10.18 -21.42 -1.99
CA ASP A 81 -10.54 -22.72 -2.56
C ASP A 81 -11.47 -23.49 -1.65
N ASP A 82 -11.42 -23.37 -0.31
CA ASP A 82 -12.23 -24.13 0.61
C ASP A 82 -13.13 -23.38 1.56
N THR A 83 -13.17 -22.06 1.36
CA THR A 83 -13.70 -21.06 2.27
C THR A 83 -14.36 -19.91 1.54
N GLY A 84 -15.38 -19.32 2.20
CA GLY A 84 -16.32 -18.38 1.66
C GLY A 84 -17.55 -19.00 1.01
N LEU A 85 -17.77 -20.29 1.35
CA LEU A 85 -18.76 -21.12 0.71
C LEU A 85 -20.20 -20.97 1.19
N THR A 86 -20.35 -20.28 2.33
CA THR A 86 -21.57 -19.87 2.99
C THR A 86 -21.52 -18.46 3.52
N LEU A 87 -22.64 -17.73 3.38
CA LEU A 87 -23.03 -16.56 4.12
C LEU A 87 -22.67 -16.60 5.60
N GLY A 88 -22.80 -17.82 6.14
CA GLY A 88 -22.81 -18.14 7.56
C GLY A 88 -24.14 -17.88 8.24
N ASP A 89 -25.24 -17.44 7.59
CA ASP A 89 -26.53 -17.29 8.20
C ASP A 89 -27.15 -18.64 8.60
N VAL A 90 -27.09 -19.02 9.87
CA VAL A 90 -27.28 -20.36 10.38
C VAL A 90 -28.27 -20.38 11.54
N VAL A 91 -29.04 -21.44 11.79
CA VAL A 91 -28.77 -22.68 11.10
C VAL A 91 -29.31 -22.57 9.67
N ASN A 92 -28.48 -22.99 8.73
CA ASN A 92 -28.72 -22.90 7.29
C ASN A 92 -29.57 -24.09 6.86
N ILE A 93 -30.84 -23.87 6.52
CA ILE A 93 -31.78 -24.93 6.21
C ILE A 93 -31.83 -25.17 4.70
N LYS A 94 -31.11 -24.40 3.87
CA LYS A 94 -30.98 -24.76 2.48
C LYS A 94 -30.17 -26.02 2.35
N GLU A 95 -29.06 -26.19 3.08
CA GLU A 95 -28.18 -27.34 3.11
C GLU A 95 -28.83 -28.56 3.75
N GLY A 96 -29.97 -28.39 4.42
CA GLY A 96 -30.73 -29.52 4.91
C GLY A 96 -31.91 -29.11 5.78
N LYS A 97 -33.05 -29.75 5.54
CA LYS A 97 -34.24 -29.59 6.35
C LYS A 97 -34.97 -30.93 6.17
N LYS A 98 -35.45 -31.59 7.22
CA LYS A 98 -36.14 -32.85 7.13
C LYS A 98 -36.48 -33.26 8.54
N LEU A 99 -35.88 -32.73 9.61
CA LEU A 99 -36.28 -32.88 11.00
C LEU A 99 -37.50 -32.00 11.18
N GLU A 100 -37.88 -31.89 12.46
CA GLU A 100 -39.28 -31.77 12.78
C GLU A 100 -39.57 -31.08 14.12
N HIS A 101 -39.19 -31.66 15.24
CA HIS A 101 -39.39 -31.15 16.60
C HIS A 101 -38.05 -30.86 17.25
N HIS A 102 -36.98 -30.89 16.45
CA HIS A 102 -35.60 -30.87 16.88
C HIS A 102 -35.25 -29.69 17.78
N GLU A 1 21.25 6.57 -23.55
CA GLU A 1 21.63 5.64 -22.47
C GLU A 1 20.34 5.06 -21.94
N ASN A 2 20.46 3.98 -21.16
CA ASN A 2 19.31 3.15 -20.87
C ASN A 2 18.45 3.68 -19.74
N ALA A 3 17.12 3.65 -19.95
CA ALA A 3 16.21 4.37 -19.10
C ALA A 3 15.57 3.51 -18.00
N GLU A 4 15.69 2.19 -18.12
CA GLU A 4 15.01 1.21 -17.32
C GLU A 4 15.84 0.51 -16.24
N LEU A 5 16.77 1.24 -15.63
CA LEU A 5 17.76 0.77 -14.69
C LEU A 5 17.32 0.94 -13.25
N GLU A 6 16.38 1.79 -12.86
CA GLU A 6 16.07 2.20 -11.48
C GLU A 6 14.60 2.10 -11.09
N ILE A 7 13.75 1.50 -11.92
CA ILE A 7 12.30 1.61 -11.86
C ILE A 7 11.62 0.27 -11.58
N VAL A 8 10.39 0.26 -11.07
CA VAL A 8 9.67 -0.92 -10.64
C VAL A 8 9.10 -1.61 -11.87
N THR A 9 8.90 -2.94 -11.87
CA THR A 9 8.41 -3.67 -13.02
C THR A 9 7.05 -3.15 -13.47
N ASP A 10 6.16 -2.67 -12.60
CA ASP A 10 4.90 -1.97 -12.79
C ASP A 10 4.37 -1.66 -11.39
N TYR A 11 4.05 -0.39 -11.11
CA TYR A 11 3.55 0.06 -9.82
C TYR A 11 2.30 -0.67 -9.35
N TYR A 12 2.09 -0.52 -8.05
CA TYR A 12 0.91 -1.12 -7.45
C TYR A 12 -0.32 -0.19 -7.42
N LYS A 13 -1.50 -0.78 -7.32
CA LYS A 13 -2.70 -0.35 -7.99
C LYS A 13 -3.80 0.22 -7.10
N ILE A 14 -4.14 -0.41 -5.98
CA ILE A 14 -5.23 -0.01 -5.10
C ILE A 14 -4.90 1.32 -4.45
N ILE A 15 -3.62 1.63 -4.19
CA ILE A 15 -3.10 2.85 -3.61
C ILE A 15 -3.57 4.07 -4.43
N LYS A 16 -3.42 4.05 -5.76
CA LYS A 16 -3.66 5.06 -6.78
C LYS A 16 -4.72 6.12 -6.63
N THR A 17 -5.98 5.80 -6.90
CA THR A 17 -6.98 6.81 -7.21
C THR A 17 -7.56 7.63 -6.06
N ALA A 18 -7.46 7.09 -4.83
CA ALA A 18 -7.75 7.56 -3.50
C ALA A 18 -6.96 8.80 -3.06
N ARG A 19 -5.82 8.99 -3.74
CA ARG A 19 -4.97 10.15 -3.53
C ARG A 19 -5.71 11.48 -3.45
N GLU A 20 -6.59 11.77 -4.39
CA GLU A 20 -7.43 12.95 -4.46
C GLU A 20 -8.18 13.30 -3.18
N GLN A 21 -8.63 12.37 -2.35
CA GLN A 21 -9.42 12.59 -1.13
C GLN A 21 -8.72 13.48 -0.14
N LEU A 22 -7.38 13.50 -0.21
CA LEU A 22 -6.54 14.29 0.66
C LEU A 22 -6.08 15.64 0.08
N GLY A 23 -5.95 15.66 -1.24
CA GLY A 23 -5.67 16.80 -2.10
C GLY A 23 -4.33 17.46 -1.77
N ILE A 24 -3.54 16.93 -0.84
CA ILE A 24 -2.33 17.59 -0.38
C ILE A 24 -1.24 17.71 -1.42
N SER A 25 -0.32 18.67 -1.39
CA SER A 25 0.86 18.82 -2.20
C SER A 25 1.96 17.81 -1.87
N GLN A 26 2.95 17.55 -2.72
CA GLN A 26 4.11 16.71 -2.49
C GLN A 26 4.83 17.20 -1.23
N GLN A 27 5.06 18.49 -1.04
CA GLN A 27 5.76 19.03 0.12
C GLN A 27 5.01 18.72 1.40
N GLN A 28 3.68 18.70 1.38
CA GLN A 28 3.00 18.49 2.64
C GLN A 28 2.98 17.02 3.02
N LEU A 29 3.18 16.21 1.99
CA LEU A 29 3.33 14.76 2.10
C LEU A 29 4.69 14.39 2.64
N ALA A 30 5.72 15.04 2.07
CA ALA A 30 7.10 14.96 2.54
C ALA A 30 7.19 15.30 4.03
N GLN A 31 6.44 16.30 4.47
CA GLN A 31 6.06 16.55 5.86
C GLN A 31 5.21 15.48 6.51
N LYS A 32 4.28 14.79 5.84
CA LYS A 32 3.31 13.90 6.45
C LYS A 32 4.04 12.64 6.87
N LEU A 33 5.26 12.41 6.36
CA LEU A 33 6.07 11.24 6.53
C LEU A 33 7.43 11.54 7.13
N LYS A 34 7.68 12.84 7.31
CA LYS A 34 8.98 13.40 7.61
C LYS A 34 10.20 12.89 6.84
N VAL A 35 10.17 12.97 5.52
CA VAL A 35 11.07 12.51 4.49
C VAL A 35 11.40 13.68 3.58
N SER A 36 12.30 13.49 2.60
CA SER A 36 12.52 14.42 1.50
C SER A 36 11.49 14.36 0.36
N GLU A 37 11.41 15.45 -0.39
CA GLU A 37 10.64 15.31 -1.60
C GLU A 37 11.37 14.51 -2.64
N ASN A 38 12.68 14.19 -2.59
CA ASN A 38 13.25 13.12 -3.37
C ASN A 38 12.51 11.81 -3.14
N ILE A 39 12.27 11.37 -1.91
CA ILE A 39 11.58 10.14 -1.56
C ILE A 39 10.16 10.12 -2.13
N VAL A 40 9.44 11.22 -1.99
CA VAL A 40 8.04 11.25 -2.39
C VAL A 40 8.03 11.10 -3.90
N LYS A 41 8.82 11.86 -4.66
CA LYS A 41 9.02 11.76 -6.09
C LYS A 41 9.36 10.36 -6.57
N ARG A 42 10.18 9.61 -5.82
CA ARG A 42 10.45 8.20 -6.08
C ARG A 42 9.25 7.27 -6.03
N PHE A 43 8.26 7.59 -5.21
CA PHE A 43 7.00 6.88 -5.22
C PHE A 43 6.28 7.29 -6.51
N GLU A 44 6.16 8.58 -6.76
CA GLU A 44 5.40 9.17 -7.85
C GLU A 44 5.75 8.63 -9.22
N SER A 45 7.06 8.68 -9.48
CA SER A 45 7.61 8.22 -10.74
C SER A 45 7.72 6.73 -11.02
N GLY A 46 7.48 5.86 -10.02
CA GLY A 46 7.81 4.46 -10.20
C GLY A 46 9.31 4.23 -10.10
N LYS A 47 10.23 5.05 -9.60
CA LYS A 47 11.67 4.92 -9.63
C LYS A 47 12.18 4.17 -8.42
N LEU A 48 11.61 2.99 -8.15
CA LEU A 48 11.70 2.26 -6.90
C LEU A 48 12.05 0.80 -6.99
N LYS A 49 12.76 0.25 -6.01
CA LYS A 49 12.95 -1.19 -5.87
C LYS A 49 12.25 -1.73 -4.62
N PRO A 50 10.91 -1.83 -4.54
CA PRO A 50 10.18 -2.07 -3.30
C PRO A 50 10.25 -3.59 -3.15
N THR A 51 9.40 -4.13 -2.28
CA THR A 51 9.33 -5.46 -1.74
C THR A 51 7.88 -5.76 -1.34
N ILE A 52 7.64 -7.02 -0.94
CA ILE A 52 6.28 -7.47 -0.64
C ILE A 52 5.80 -6.92 0.70
N SER A 53 6.50 -6.96 1.82
CA SER A 53 6.07 -6.15 2.96
C SER A 53 6.01 -4.67 2.64
N GLN A 54 6.85 -4.12 1.78
CA GLN A 54 6.89 -2.70 1.43
C GLN A 54 5.65 -2.27 0.65
N ALA A 55 5.18 -3.03 -0.31
CA ALA A 55 3.83 -2.78 -0.84
C ALA A 55 2.79 -2.75 0.28
N ARG A 56 2.73 -3.61 1.30
CA ARG A 56 1.88 -3.48 2.45
C ARG A 56 2.14 -2.15 3.17
N GLN A 57 3.37 -1.66 3.14
CA GLN A 57 3.75 -0.44 3.83
C GLN A 57 3.39 0.78 3.02
N LEU A 58 3.30 0.78 1.69
CA LEU A 58 2.76 1.76 0.77
C LEU A 58 1.28 1.94 1.10
N GLU A 59 0.50 0.85 1.14
CA GLU A 59 -0.88 0.79 1.54
C GLU A 59 -1.04 1.48 2.89
N LYS A 60 -0.25 1.05 3.88
CA LYS A 60 -0.42 1.47 5.27
C LYS A 60 -0.12 2.93 5.59
N ILE A 61 0.93 3.60 5.11
CA ILE A 61 1.19 4.94 5.55
C ILE A 61 -0.02 5.84 5.51
N LEU A 62 -0.57 6.12 4.32
CA LEU A 62 -1.68 7.03 4.14
C LEU A 62 -3.02 6.43 4.57
N GLY A 63 -3.08 5.12 4.77
CA GLY A 63 -4.25 4.40 5.24
C GLY A 63 -5.34 4.17 4.18
N ILE A 64 -5.28 4.85 3.04
CA ILE A 64 -6.22 4.90 1.92
C ILE A 64 -5.96 3.91 0.80
N LYS A 65 -6.91 3.60 -0.11
CA LYS A 65 -6.83 2.73 -1.25
C LYS A 65 -8.13 2.86 -2.03
N LEU A 66 -8.15 2.67 -3.36
CA LEU A 66 -9.32 2.47 -4.20
C LEU A 66 -9.16 1.59 -5.41
N VAL A 67 -10.21 0.91 -5.89
CA VAL A 67 -11.60 1.24 -5.77
C VAL A 67 -12.44 0.32 -4.89
N THR A 68 -13.73 0.65 -4.74
CA THR A 68 -14.75 -0.11 -4.05
C THR A 68 -15.55 -0.94 -5.02
N PRO A 69 -16.30 -1.91 -4.49
CA PRO A 69 -17.36 -2.56 -5.25
C PRO A 69 -18.31 -1.62 -5.97
N LEU A 70 -18.22 -0.29 -6.01
CA LEU A 70 -18.84 0.54 -7.01
C LEU A 70 -18.22 0.44 -8.40
N GLU A 71 -17.11 -0.28 -8.52
CA GLU A 71 -16.44 -0.73 -9.72
C GLU A 71 -15.68 -2.02 -9.56
N ASN A 72 -15.17 -2.30 -8.35
CA ASN A 72 -14.37 -3.49 -8.11
C ASN A 72 -13.95 -3.81 -6.68
N ASN A 73 -13.59 -5.07 -6.45
CA ASN A 73 -13.08 -5.61 -5.20
C ASN A 73 -12.05 -6.70 -5.42
N GLU A 74 -10.85 -6.49 -4.91
CA GLU A 74 -9.82 -7.47 -4.70
C GLU A 74 -10.19 -8.81 -4.10
N GLU A 75 -9.66 -9.91 -4.69
CA GLU A 75 -9.90 -11.30 -4.40
C GLU A 75 -9.04 -11.89 -3.29
N SER A 76 -9.70 -12.81 -2.57
CA SER A 76 -9.16 -13.39 -1.36
C SER A 76 -8.09 -14.45 -1.68
N GLU A 77 -8.23 -15.24 -2.74
CA GLU A 77 -7.21 -16.21 -3.08
C GLU A 77 -5.98 -15.54 -3.75
N LYS A 78 -6.00 -14.24 -4.02
CA LYS A 78 -4.88 -13.40 -4.33
C LYS A 78 -4.36 -12.58 -3.15
N GLU A 79 -5.17 -12.36 -2.10
CA GLU A 79 -4.80 -11.75 -0.83
C GLU A 79 -3.58 -12.43 -0.23
N PHE A 80 -3.62 -13.77 -0.11
CA PHE A 80 -2.66 -14.59 0.59
C PHE A 80 -2.97 -16.07 0.43
N ASP A 81 -2.04 -16.90 0.92
CA ASP A 81 -1.98 -18.32 0.63
C ASP A 81 -2.86 -19.12 1.57
N ASP A 82 -3.28 -18.60 2.73
CA ASP A 82 -4.08 -19.19 3.78
C ASP A 82 -5.48 -18.60 3.72
N THR A 83 -5.76 -17.90 2.61
CA THR A 83 -6.94 -17.06 2.51
C THR A 83 -7.76 -17.51 1.32
N GLY A 84 -9.05 -17.16 1.31
CA GLY A 84 -9.98 -17.52 0.26
C GLY A 84 -10.53 -18.95 0.16
N LEU A 85 -9.94 -19.87 0.92
CA LEU A 85 -9.95 -21.30 0.73
C LEU A 85 -11.00 -22.14 1.47
N THR A 86 -11.48 -21.56 2.57
CA THR A 86 -12.70 -21.91 3.26
C THR A 86 -13.22 -20.64 3.97
N LEU A 87 -14.53 -20.49 3.96
CA LEU A 87 -15.34 -19.64 4.78
C LEU A 87 -15.94 -20.23 6.05
N GLY A 88 -16.04 -21.56 6.09
CA GLY A 88 -16.52 -22.25 7.27
C GLY A 88 -18.02 -22.38 7.32
N ASP A 89 -18.71 -22.17 6.19
CA ASP A 89 -20.16 -22.00 6.04
C ASP A 89 -20.73 -23.37 5.72
N VAL A 90 -20.82 -24.17 6.80
CA VAL A 90 -21.28 -25.53 6.88
C VAL A 90 -22.16 -25.87 8.07
N VAL A 91 -22.73 -27.05 8.37
CA VAL A 91 -22.44 -28.33 7.75
C VAL A 91 -22.71 -28.25 6.26
N ASN A 92 -21.94 -29.02 5.49
CA ASN A 92 -21.82 -28.88 4.05
C ASN A 92 -23.09 -29.37 3.36
N ILE A 93 -23.96 -28.45 2.91
CA ILE A 93 -25.25 -28.75 2.33
C ILE A 93 -25.12 -29.21 0.87
N LYS A 94 -23.91 -29.15 0.30
CA LYS A 94 -23.75 -29.75 -1.00
C LYS A 94 -23.57 -31.26 -0.96
N GLU A 95 -23.32 -31.74 0.26
CA GLU A 95 -23.24 -33.09 0.80
C GLU A 95 -24.50 -33.39 1.60
N GLY A 96 -25.28 -32.38 1.94
CA GLY A 96 -26.69 -32.56 2.22
C GLY A 96 -27.13 -32.15 3.62
N LYS A 97 -28.44 -32.01 3.87
CA LYS A 97 -29.02 -31.92 5.19
C LYS A 97 -29.98 -33.07 5.43
N LYS A 98 -30.00 -33.56 6.67
CA LYS A 98 -30.38 -34.92 7.01
C LYS A 98 -30.71 -35.16 8.48
N LEU A 99 -30.19 -34.25 9.31
CA LEU A 99 -30.69 -33.80 10.60
C LEU A 99 -31.61 -32.58 10.48
N GLU A 100 -32.11 -32.04 11.59
CA GLU A 100 -33.24 -31.15 11.54
C GLU A 100 -33.35 -30.29 12.78
N HIS A 101 -34.10 -30.76 13.78
CA HIS A 101 -34.53 -29.94 14.89
C HIS A 101 -33.60 -30.09 16.09
N HIS A 102 -32.49 -30.82 15.94
CA HIS A 102 -31.32 -30.91 16.81
C HIS A 102 -30.66 -29.55 16.96
N GLU A 1 15.34 10.16 -23.06
CA GLU A 1 15.06 9.67 -21.71
C GLU A 1 14.07 8.52 -21.74
N ASN A 2 14.64 7.32 -21.82
CA ASN A 2 13.90 6.07 -21.91
C ASN A 2 13.71 5.55 -20.50
N ALA A 3 12.48 5.55 -19.96
CA ALA A 3 12.22 5.35 -18.55
C ALA A 3 12.32 3.91 -18.06
N GLU A 4 12.26 2.96 -19.00
CA GLU A 4 12.30 1.53 -18.91
C GLU A 4 13.52 1.10 -18.09
N LEU A 5 14.49 2.00 -18.00
CA LEU A 5 15.82 1.89 -17.44
C LEU A 5 15.90 2.26 -15.96
N GLU A 6 14.78 2.79 -15.42
CA GLU A 6 14.77 3.49 -14.16
C GLU A 6 13.58 3.06 -13.30
N ILE A 7 12.69 2.25 -13.86
CA ILE A 7 11.53 1.73 -13.17
C ILE A 7 11.61 0.25 -12.81
N VAL A 8 10.89 -0.21 -11.80
CA VAL A 8 10.47 -1.60 -11.79
C VAL A 8 9.24 -1.85 -12.66
N THR A 9 9.16 -3.11 -13.09
CA THR A 9 8.23 -3.74 -14.01
C THR A 9 6.89 -3.74 -13.29
N ASP A 10 6.61 -4.71 -12.42
CA ASP A 10 5.25 -5.01 -12.00
C ASP A 10 4.86 -4.11 -10.83
N TYR A 11 4.45 -2.85 -11.03
CA TYR A 11 4.24 -1.81 -10.05
C TYR A 11 2.85 -1.75 -9.42
N TYR A 12 2.80 -1.16 -8.22
CA TYR A 12 1.57 -0.99 -7.47
C TYR A 12 0.72 0.13 -8.04
N LYS A 13 -0.55 -0.24 -8.25
CA LYS A 13 -1.62 0.53 -8.86
C LYS A 13 -2.65 1.05 -7.88
N ILE A 14 -2.85 0.52 -6.67
CA ILE A 14 -3.88 0.88 -5.73
C ILE A 14 -3.69 2.27 -5.12
N ILE A 15 -2.44 2.63 -4.84
CA ILE A 15 -1.99 3.87 -4.27
C ILE A 15 -2.16 5.10 -5.16
N LYS A 16 -2.29 4.94 -6.47
CA LYS A 16 -1.98 6.05 -7.35
C LYS A 16 -2.83 7.32 -7.38
N THR A 17 -4.13 7.35 -7.73
CA THR A 17 -4.96 8.54 -7.82
C THR A 17 -5.25 9.30 -6.54
N ALA A 18 -5.18 8.52 -5.46
CA ALA A 18 -5.58 8.84 -4.11
C ALA A 18 -4.94 10.08 -3.47
N ARG A 19 -3.72 10.51 -3.76
CA ARG A 19 -3.15 11.73 -3.22
C ARG A 19 -4.04 12.96 -3.34
N GLU A 20 -4.76 13.13 -4.46
CA GLU A 20 -5.61 14.27 -4.77
C GLU A 20 -6.71 14.47 -3.74
N GLN A 21 -7.23 13.45 -3.05
CA GLN A 21 -8.30 13.54 -2.08
C GLN A 21 -8.01 14.51 -0.96
N LEU A 22 -6.74 14.45 -0.54
CA LEU A 22 -6.28 14.91 0.76
C LEU A 22 -6.17 16.41 0.95
N GLY A 23 -6.34 17.11 -0.19
CA GLY A 23 -6.40 18.55 -0.27
C GLY A 23 -5.05 19.25 -0.16
N ILE A 24 -4.06 18.46 0.26
CA ILE A 24 -2.78 18.93 0.74
C ILE A 24 -1.70 19.12 -0.32
N SER A 25 -0.63 19.84 -0.03
CA SER A 25 0.36 20.13 -1.03
C SER A 25 1.38 19.00 -1.17
N GLN A 26 2.34 19.06 -2.09
CA GLN A 26 3.41 18.09 -2.15
C GLN A 26 4.15 17.96 -0.82
N GLN A 27 4.58 19.08 -0.26
CA GLN A 27 5.36 19.18 0.96
C GLN A 27 4.71 18.62 2.22
N GLN A 28 3.38 18.68 2.28
CA GLN A 28 2.61 18.11 3.38
C GLN A 28 2.40 16.59 3.35
N LEU A 29 2.16 16.13 2.12
CA LEU A 29 2.20 14.76 1.63
C LEU A 29 3.47 14.07 2.09
N ALA A 30 4.63 14.73 2.01
CA ALA A 30 5.92 14.32 2.50
C ALA A 30 5.91 14.05 4.01
N GLN A 31 5.50 14.98 4.85
CA GLN A 31 5.33 14.80 6.28
C GLN A 31 4.27 13.79 6.62
N LYS A 32 3.19 13.69 5.84
CA LYS A 32 2.05 12.86 6.16
C LYS A 32 2.49 11.42 6.19
N LEU A 33 3.40 11.09 5.27
CA LEU A 33 3.98 9.86 4.78
C LEU A 33 5.35 9.57 5.38
N LYS A 34 5.87 10.51 6.17
CA LYS A 34 7.19 10.44 6.78
C LYS A 34 8.32 10.21 5.77
N VAL A 35 8.51 11.05 4.74
CA VAL A 35 9.39 10.95 3.60
C VAL A 35 9.82 12.30 3.09
N SER A 36 10.58 12.38 1.99
CA SER A 36 10.86 13.57 1.23
C SER A 36 9.93 13.83 0.05
N GLU A 37 9.89 15.05 -0.49
CA GLU A 37 9.15 15.30 -1.71
C GLU A 37 9.83 14.66 -2.91
N ASN A 38 11.13 14.34 -2.69
CA ASN A 38 11.66 13.36 -3.62
C ASN A 38 11.14 11.93 -3.54
N ILE A 39 10.79 11.42 -2.36
CA ILE A 39 10.31 10.06 -2.20
C ILE A 39 8.88 9.96 -2.72
N VAL A 40 8.05 10.98 -2.46
CA VAL A 40 6.70 10.96 -2.94
C VAL A 40 6.66 10.85 -4.46
N LYS A 41 7.37 11.64 -5.26
CA LYS A 41 7.64 11.53 -6.67
C LYS A 41 8.09 10.10 -6.97
N ARG A 42 8.94 9.44 -6.21
CA ARG A 42 9.45 8.10 -6.44
C ARG A 42 8.40 7.02 -6.29
N PHE A 43 7.40 7.17 -5.41
CA PHE A 43 6.20 6.37 -5.23
C PHE A 43 5.25 6.71 -6.37
N GLU A 44 5.11 7.95 -6.83
CA GLU A 44 4.20 8.24 -7.92
C GLU A 44 4.62 7.44 -9.14
N SER A 45 5.93 7.21 -9.32
CA SER A 45 6.55 7.18 -10.63
C SER A 45 7.05 5.82 -11.08
N GLY A 46 7.02 4.80 -10.21
CA GLY A 46 7.53 3.47 -10.44
C GLY A 46 9.03 3.33 -10.29
N LYS A 47 9.71 4.27 -9.63
CA LYS A 47 11.14 4.29 -9.48
C LYS A 47 11.64 3.73 -8.16
N LEU A 48 10.91 2.71 -7.66
CA LEU A 48 11.05 1.97 -6.43
C LEU A 48 11.00 0.46 -6.71
N LYS A 49 11.99 -0.28 -6.20
CA LYS A 49 11.94 -1.72 -6.17
C LYS A 49 11.55 -2.12 -4.74
N PRO A 50 10.30 -2.52 -4.47
CA PRO A 50 9.94 -2.71 -3.08
C PRO A 50 10.41 -4.05 -2.54
N THR A 51 10.23 -4.32 -1.26
CA THR A 51 10.61 -5.55 -0.61
C THR A 51 9.54 -5.98 0.40
N ILE A 52 9.64 -7.15 1.00
CA ILE A 52 8.58 -7.71 1.83
C ILE A 52 8.23 -6.91 3.07
N SER A 53 9.02 -6.16 3.84
CA SER A 53 8.64 -5.08 4.74
C SER A 53 7.88 -3.98 4.04
N GLN A 54 8.43 -3.43 2.95
CA GLN A 54 7.97 -2.26 2.25
C GLN A 54 6.64 -2.32 1.51
N ALA A 55 6.26 -3.45 0.89
CA ALA A 55 4.97 -3.87 0.41
C ALA A 55 3.76 -3.40 1.21
N ARG A 56 3.61 -4.02 2.37
CA ARG A 56 2.65 -3.65 3.39
C ARG A 56 2.79 -2.20 3.80
N GLN A 57 4.00 -1.62 3.88
CA GLN A 57 4.05 -0.24 4.30
C GLN A 57 3.62 0.70 3.19
N LEU A 58 3.72 0.37 1.90
CA LEU A 58 3.40 1.30 0.84
C LEU A 58 1.88 1.49 0.85
N GLU A 59 1.09 0.43 1.04
CA GLU A 59 -0.32 0.61 1.37
C GLU A 59 -0.65 1.46 2.59
N LYS A 60 0.14 1.36 3.66
CA LYS A 60 -0.15 1.92 4.97
C LYS A 60 0.29 3.36 5.18
N ILE A 61 1.42 3.84 4.63
CA ILE A 61 1.92 5.17 4.87
C ILE A 61 0.89 6.15 4.34
N LEU A 62 0.39 5.85 3.14
CA LEU A 62 -0.74 6.50 2.50
C LEU A 62 -2.05 6.20 3.20
N GLY A 63 -2.06 5.07 3.90
CA GLY A 63 -3.24 4.54 4.56
C GLY A 63 -4.41 4.10 3.68
N ILE A 64 -4.42 4.64 2.44
CA ILE A 64 -5.51 4.58 1.50
C ILE A 64 -5.16 4.22 0.06
N LYS A 65 -6.12 4.04 -0.86
CA LYS A 65 -5.97 3.52 -2.20
C LYS A 65 -7.01 4.18 -3.08
N LEU A 66 -6.93 4.08 -4.42
CA LEU A 66 -7.96 4.28 -5.40
C LEU A 66 -7.84 3.34 -6.60
N VAL A 67 -8.90 3.01 -7.31
CA VAL A 67 -10.17 3.67 -7.49
C VAL A 67 -11.34 2.99 -6.76
N THR A 68 -12.56 3.53 -6.76
CA THR A 68 -13.82 2.91 -6.44
C THR A 68 -14.74 2.74 -7.63
N PRO A 69 -15.89 2.09 -7.47
CA PRO A 69 -16.82 1.95 -8.60
C PRO A 69 -17.32 3.29 -9.09
N LEU A 70 -16.91 4.43 -8.53
CA LEU A 70 -17.00 5.69 -9.22
C LEU A 70 -16.31 5.75 -10.56
N GLU A 71 -15.34 4.84 -10.66
CA GLU A 71 -14.68 4.54 -11.91
C GLU A 71 -14.61 3.04 -12.18
N ASN A 72 -14.18 2.20 -11.24
CA ASN A 72 -14.03 0.77 -11.33
C ASN A 72 -14.29 -0.02 -10.05
N ASN A 73 -14.70 -1.30 -10.16
CA ASN A 73 -14.85 -2.18 -9.00
C ASN A 73 -13.78 -3.25 -9.06
N GLU A 74 -12.75 -3.26 -8.21
CA GLU A 74 -11.67 -4.23 -8.27
C GLU A 74 -11.80 -5.07 -7.02
N GLU A 75 -11.79 -6.40 -7.16
CA GLU A 75 -12.07 -7.37 -6.12
C GLU A 75 -10.86 -8.27 -5.90
N SER A 76 -10.63 -9.07 -4.86
CA SER A 76 -9.44 -9.81 -4.48
C SER A 76 -8.82 -10.47 -5.70
N GLU A 77 -9.59 -10.94 -6.68
CA GLU A 77 -9.07 -11.66 -7.82
C GLU A 77 -8.23 -10.75 -8.71
N LYS A 78 -8.35 -9.41 -8.63
CA LYS A 78 -7.43 -8.43 -9.16
C LYS A 78 -6.64 -7.62 -8.12
N GLU A 79 -7.13 -7.51 -6.89
CA GLU A 79 -6.43 -6.67 -5.93
C GLU A 79 -5.28 -7.41 -5.27
N PHE A 80 -5.17 -8.74 -5.32
CA PHE A 80 -4.22 -9.55 -4.59
C PHE A 80 -3.81 -10.70 -5.48
N ASP A 81 -2.56 -10.62 -5.94
CA ASP A 81 -1.84 -11.40 -6.93
C ASP A 81 -1.89 -12.90 -6.66
N ASP A 82 -2.17 -13.29 -5.42
CA ASP A 82 -2.07 -14.65 -4.92
C ASP A 82 -3.40 -15.39 -4.91
N THR A 83 -4.46 -14.78 -5.45
CA THR A 83 -5.77 -15.36 -5.53
C THR A 83 -6.32 -15.44 -6.94
N GLY A 84 -7.53 -16.00 -7.07
CA GLY A 84 -8.21 -15.88 -8.34
C GLY A 84 -7.66 -16.82 -9.41
N LEU A 85 -7.02 -17.92 -8.99
CA LEU A 85 -6.44 -18.88 -9.90
C LEU A 85 -7.21 -20.18 -9.87
N THR A 86 -8.12 -20.40 -8.90
CA THR A 86 -8.85 -21.59 -8.51
C THR A 86 -9.61 -21.45 -7.20
N LEU A 87 -10.59 -22.32 -6.90
CA LEU A 87 -11.16 -22.50 -5.58
C LEU A 87 -10.34 -23.44 -4.74
N GLY A 88 -9.17 -23.90 -5.19
CA GLY A 88 -8.41 -25.07 -4.79
C GLY A 88 -9.35 -26.19 -4.40
N ASP A 89 -10.31 -26.52 -5.27
CA ASP A 89 -11.38 -27.49 -5.06
C ASP A 89 -10.98 -28.95 -5.15
N VAL A 90 -10.68 -29.52 -3.96
CA VAL A 90 -10.00 -30.79 -3.84
C VAL A 90 -10.85 -31.83 -3.11
N VAL A 91 -10.74 -33.15 -3.22
CA VAL A 91 -9.58 -33.84 -3.75
C VAL A 91 -9.26 -33.45 -5.19
N ASN A 92 -7.97 -33.21 -5.45
CA ASN A 92 -7.47 -33.17 -6.81
C ASN A 92 -7.94 -34.38 -7.61
N ILE A 93 -8.56 -34.16 -8.78
CA ILE A 93 -9.09 -35.21 -9.63
C ILE A 93 -8.11 -36.21 -10.24
N LYS A 94 -6.79 -35.98 -10.26
CA LYS A 94 -5.79 -36.96 -10.66
C LYS A 94 -5.65 -38.05 -9.59
N GLU A 95 -5.80 -37.65 -8.33
CA GLU A 95 -5.95 -38.52 -7.19
C GLU A 95 -7.35 -39.03 -6.85
N GLY A 96 -8.40 -38.53 -7.50
CA GLY A 96 -9.69 -39.19 -7.57
C GLY A 96 -10.86 -38.45 -8.22
N LYS A 97 -11.39 -38.98 -9.32
CA LYS A 97 -12.50 -38.47 -10.09
C LYS A 97 -13.57 -39.56 -10.18
N LYS A 98 -14.78 -38.99 -10.10
CA LYS A 98 -16.11 -39.56 -9.98
C LYS A 98 -17.30 -38.65 -10.19
N LEU A 99 -17.07 -37.42 -10.65
CA LEU A 99 -17.88 -36.49 -11.40
C LEU A 99 -17.45 -36.36 -12.85
N GLU A 100 -18.27 -35.75 -13.72
CA GLU A 100 -18.55 -36.09 -15.10
C GLU A 100 -18.96 -34.91 -15.94
N HIS A 101 -20.28 -34.72 -16.20
CA HIS A 101 -20.79 -33.62 -17.00
C HIS A 101 -20.83 -32.31 -16.23
N HIS A 102 -20.54 -32.32 -14.93
CA HIS A 102 -20.61 -31.21 -14.00
C HIS A 102 -20.11 -29.86 -14.56
N GLU A 1 2.20 20.60 -14.79
CA GLU A 1 2.03 19.44 -13.89
C GLU A 1 0.75 18.71 -14.29
N ASN A 2 0.87 17.40 -14.13
CA ASN A 2 0.03 16.37 -14.71
C ASN A 2 0.50 14.95 -14.46
N ALA A 3 -0.27 14.11 -13.76
CA ALA A 3 0.22 12.88 -13.13
C ALA A 3 0.19 11.68 -14.05
N GLU A 4 -0.78 11.55 -14.98
CA GLU A 4 -0.85 10.55 -16.04
C GLU A 4 0.26 10.54 -17.08
N LEU A 5 0.90 11.69 -17.23
CA LEU A 5 1.84 11.82 -18.33
C LEU A 5 3.23 11.31 -17.97
N GLU A 6 3.40 10.60 -16.87
CA GLU A 6 4.71 10.25 -16.36
C GLU A 6 4.79 8.98 -15.55
N ILE A 7 3.72 8.16 -15.60
CA ILE A 7 3.68 6.78 -15.16
C ILE A 7 3.42 5.83 -16.32
N VAL A 8 3.51 4.51 -16.14
CA VAL A 8 3.13 3.48 -17.10
C VAL A 8 1.64 3.14 -17.15
N THR A 9 1.20 2.46 -18.21
CA THR A 9 -0.16 1.99 -18.30
C THR A 9 -0.48 1.01 -17.18
N ASP A 10 0.37 0.02 -16.91
CA ASP A 10 0.08 -1.05 -15.98
C ASP A 10 0.36 -0.65 -14.54
N TYR A 11 0.10 0.58 -14.09
CA TYR A 11 0.35 1.21 -12.82
C TYR A 11 -0.56 0.84 -11.66
N TYR A 12 -0.07 0.72 -10.43
CA TYR A 12 -0.88 0.47 -9.24
C TYR A 12 -1.94 1.51 -8.94
N LYS A 13 -3.10 1.06 -8.47
CA LYS A 13 -4.35 1.82 -8.43
C LYS A 13 -4.88 2.17 -7.06
N ILE A 14 -4.34 1.51 -6.04
CA ILE A 14 -4.91 1.51 -4.71
C ILE A 14 -4.98 2.91 -4.15
N ILE A 15 -3.84 3.63 -4.24
CA ILE A 15 -3.63 5.02 -3.93
C ILE A 15 -4.23 6.05 -4.87
N LYS A 16 -4.51 5.77 -6.16
CA LYS A 16 -4.71 6.74 -7.20
C LYS A 16 -5.80 7.78 -7.01
N THR A 17 -7.09 7.44 -6.98
CA THR A 17 -8.20 8.37 -6.95
C THR A 17 -8.16 9.06 -5.58
N ALA A 18 -7.77 8.29 -4.56
CA ALA A 18 -7.62 8.71 -3.18
C ALA A 18 -6.56 9.75 -2.95
N ARG A 19 -5.38 9.83 -3.58
CA ARG A 19 -4.52 10.98 -3.54
C ARG A 19 -5.22 12.25 -3.95
N GLU A 20 -5.94 12.32 -5.08
CA GLU A 20 -6.70 13.44 -5.63
C GLU A 20 -7.84 13.83 -4.71
N GLN A 21 -8.51 12.95 -3.97
CA GLN A 21 -9.65 13.24 -3.12
C GLN A 21 -9.15 13.92 -1.86
N LEU A 22 -7.92 13.71 -1.41
CA LEU A 22 -7.27 14.48 -0.36
C LEU A 22 -6.80 15.81 -0.90
N GLY A 23 -6.58 16.02 -2.19
CA GLY A 23 -6.23 17.30 -2.76
C GLY A 23 -4.78 17.67 -2.48
N ILE A 24 -4.13 16.98 -1.55
CA ILE A 24 -2.99 17.48 -0.79
C ILE A 24 -1.71 17.59 -1.60
N SER A 25 -0.81 18.45 -1.15
CA SER A 25 0.42 18.69 -1.89
C SER A 25 1.39 17.53 -1.76
N GLN A 26 2.52 17.57 -2.46
CA GLN A 26 3.68 16.76 -2.14
C GLN A 26 4.20 17.12 -0.75
N GLN A 27 4.33 18.43 -0.48
CA GLN A 27 4.81 18.88 0.82
C GLN A 27 3.95 18.39 1.98
N GLN A 28 2.66 18.14 1.87
CA GLN A 28 1.84 17.59 2.92
C GLN A 28 2.01 16.07 3.01
N LEU A 29 2.31 15.28 1.98
CA LEU A 29 2.64 13.88 2.08
C LEU A 29 3.99 13.67 2.76
N ALA A 30 4.98 14.53 2.59
CA ALA A 30 6.23 14.50 3.33
C ALA A 30 6.02 14.60 4.84
N GLN A 31 5.08 15.49 5.16
CA GLN A 31 4.65 15.59 6.54
C GLN A 31 4.02 14.25 6.95
N LYS A 32 3.21 13.70 6.05
CA LYS A 32 2.43 12.52 6.36
C LYS A 32 3.32 11.45 6.96
N LEU A 33 4.58 11.42 6.51
CA LEU A 33 5.46 10.28 6.46
C LEU A 33 6.71 10.53 7.28
N LYS A 34 6.84 11.69 7.96
CA LYS A 34 8.06 12.30 8.45
C LYS A 34 9.31 12.45 7.63
N VAL A 35 9.48 11.74 6.51
CA VAL A 35 10.64 11.61 5.65
C VAL A 35 10.65 12.53 4.44
N SER A 36 11.82 12.83 3.88
CA SER A 36 11.98 13.74 2.77
C SER A 36 11.50 13.24 1.41
N GLU A 37 11.41 14.16 0.45
CA GLU A 37 10.88 13.81 -0.86
C GLU A 37 11.66 12.82 -1.73
N ASN A 38 12.97 12.69 -1.42
CA ASN A 38 13.71 11.55 -1.93
C ASN A 38 13.09 10.17 -1.79
N ILE A 39 12.34 9.94 -0.69
CA ILE A 39 11.50 8.76 -0.65
C ILE A 39 10.18 8.94 -1.40
N VAL A 40 9.55 10.11 -1.30
CA VAL A 40 8.20 10.30 -1.80
C VAL A 40 8.02 10.18 -3.31
N LYS A 41 8.89 10.73 -4.15
CA LYS A 41 8.87 10.66 -5.60
C LYS A 41 8.92 9.24 -6.14
N ARG A 42 9.32 8.21 -5.39
CA ARG A 42 9.38 6.79 -5.68
C ARG A 42 7.98 6.20 -5.70
N PHE A 43 7.14 6.41 -4.70
CA PHE A 43 5.79 5.87 -4.63
C PHE A 43 4.90 6.61 -5.62
N GLU A 44 5.23 7.87 -5.96
CA GLU A 44 4.45 8.63 -6.94
C GLU A 44 4.69 7.97 -8.29
N SER A 45 5.91 7.61 -8.70
CA SER A 45 6.26 7.23 -10.04
C SER A 45 6.24 5.75 -10.38
N GLY A 46 6.61 4.88 -9.44
CA GLY A 46 6.53 3.44 -9.53
C GLY A 46 7.63 2.70 -10.26
N LYS A 47 8.83 3.26 -10.45
CA LYS A 47 9.86 2.89 -11.39
C LYS A 47 10.93 1.95 -10.81
N LEU A 48 10.57 1.56 -9.59
CA LEU A 48 11.35 0.66 -8.77
C LEU A 48 10.54 -0.45 -8.12
N LYS A 49 11.17 -1.63 -8.03
CA LYS A 49 10.66 -2.68 -7.18
C LYS A 49 11.48 -2.72 -5.89
N PRO A 50 11.06 -2.02 -4.85
CA PRO A 50 11.78 -1.73 -3.62
C PRO A 50 11.78 -2.99 -2.78
N THR A 51 12.45 -2.97 -1.63
CA THR A 51 12.49 -4.10 -0.73
C THR A 51 11.23 -4.30 0.10
N ILE A 52 11.30 -5.35 0.91
CA ILE A 52 10.22 -5.96 1.69
C ILE A 52 9.60 -4.88 2.54
N SER A 53 10.32 -4.24 3.48
CA SER A 53 9.75 -3.19 4.29
C SER A 53 9.12 -2.06 3.49
N GLN A 54 9.64 -1.78 2.31
CA GLN A 54 9.33 -0.61 1.53
C GLN A 54 8.06 -0.92 0.75
N ALA A 55 7.95 -1.99 -0.04
CA ALA A 55 6.74 -2.64 -0.52
C ALA A 55 5.72 -2.93 0.54
N ARG A 56 6.07 -3.24 1.80
CA ARG A 56 5.05 -3.19 2.82
C ARG A 56 4.69 -1.77 3.24
N GLN A 57 5.57 -0.77 3.29
CA GLN A 57 5.15 0.56 3.66
C GLN A 57 4.29 1.27 2.64
N LEU A 58 4.60 0.94 1.37
CA LEU A 58 3.98 1.37 0.11
C LEU A 58 2.47 1.41 0.13
N GLU A 59 1.77 0.28 0.14
CA GLU A 59 0.34 0.16 0.28
C GLU A 59 -0.14 0.99 1.46
N LYS A 60 0.78 1.32 2.36
CA LYS A 60 0.51 1.81 3.70
C LYS A 60 0.61 3.32 3.89
N ILE A 61 1.08 4.16 2.98
CA ILE A 61 1.32 5.57 3.25
C ILE A 61 0.21 6.51 3.66
N LEU A 62 -0.95 6.53 3.01
CA LEU A 62 -2.04 7.48 3.21
C LEU A 62 -2.77 7.18 4.51
N GLY A 63 -2.60 5.96 5.04
CA GLY A 63 -3.58 5.46 5.97
C GLY A 63 -4.94 5.10 5.38
N ILE A 64 -5.11 5.31 4.07
CA ILE A 64 -6.31 5.04 3.31
C ILE A 64 -5.92 4.49 1.93
N LYS A 65 -6.87 4.08 1.09
CA LYS A 65 -6.71 3.44 -0.20
C LYS A 65 -8.09 3.25 -0.80
N LEU A 66 -8.22 3.27 -2.13
CA LEU A 66 -9.48 3.04 -2.80
C LEU A 66 -9.22 2.07 -3.95
N VAL A 67 -10.17 1.17 -4.25
CA VAL A 67 -11.59 1.10 -4.02
C VAL A 67 -12.01 -0.01 -3.08
N THR A 68 -13.12 0.14 -2.36
CA THR A 68 -13.58 -0.68 -1.25
C THR A 68 -14.51 -1.76 -1.78
N PRO A 69 -15.03 -2.73 -1.00
CA PRO A 69 -15.93 -3.78 -1.44
C PRO A 69 -17.14 -3.21 -2.13
N LEU A 70 -17.35 -1.90 -2.27
CA LEU A 70 -18.25 -1.36 -3.26
C LEU A 70 -17.89 -1.81 -4.66
N GLU A 71 -16.60 -2.03 -4.97
CA GLU A 71 -16.05 -2.48 -6.23
C GLU A 71 -15.20 -3.74 -6.06
N ASN A 72 -14.46 -3.68 -4.95
CA ASN A 72 -13.29 -4.49 -4.71
C ASN A 72 -12.86 -4.60 -3.23
N ASN A 73 -12.80 -5.87 -2.83
CA ASN A 73 -12.39 -6.33 -1.51
C ASN A 73 -10.95 -6.81 -1.60
N GLU A 74 -10.29 -6.96 -0.45
CA GLU A 74 -9.02 -7.55 -0.15
C GLU A 74 -8.98 -8.04 1.29
N GLU A 75 -8.21 -9.11 1.54
CA GLU A 75 -8.02 -9.60 2.90
C GLU A 75 -7.19 -8.70 3.79
N SER A 76 -7.72 -8.42 4.97
CA SER A 76 -7.17 -7.48 5.92
C SER A 76 -5.93 -7.97 6.64
N GLU A 77 -5.59 -9.27 6.57
CA GLU A 77 -4.46 -9.73 7.33
C GLU A 77 -3.16 -9.11 6.87
N LYS A 78 -3.04 -8.54 5.66
CA LYS A 78 -1.86 -7.90 5.12
C LYS A 78 -1.39 -6.80 6.05
N GLU A 79 -2.25 -6.25 6.92
CA GLU A 79 -1.93 -5.07 7.70
C GLU A 79 -1.13 -5.37 8.96
N PHE A 80 -0.82 -6.62 9.31
CA PHE A 80 0.04 -6.90 10.45
C PHE A 80 1.03 -7.98 10.05
N ASP A 81 2.21 -7.85 10.68
CA ASP A 81 3.44 -8.41 10.19
C ASP A 81 4.25 -8.65 11.46
N ASP A 82 4.70 -7.60 12.17
CA ASP A 82 5.65 -7.68 13.27
C ASP A 82 4.99 -7.95 14.63
N THR A 83 3.67 -7.80 14.49
CA THR A 83 2.68 -7.98 15.54
C THR A 83 1.69 -9.07 15.14
N GLY A 84 0.82 -9.37 16.10
CA GLY A 84 -0.44 -10.10 16.05
C GLY A 84 -1.57 -9.21 16.51
N LEU A 85 -2.63 -9.04 15.73
CA LEU A 85 -3.72 -8.10 15.89
C LEU A 85 -5.04 -8.71 16.37
N THR A 86 -5.21 -10.04 16.26
CA THR A 86 -6.49 -10.71 16.21
C THR A 86 -6.58 -12.13 16.72
N LEU A 87 -5.50 -12.67 17.27
CA LEU A 87 -5.34 -13.95 17.95
C LEU A 87 -4.09 -14.07 18.81
N GLY A 88 -4.33 -14.23 20.12
CA GLY A 88 -3.36 -14.54 21.16
C GLY A 88 -2.64 -15.87 21.00
N ASP A 89 -3.19 -16.81 20.25
CA ASP A 89 -2.82 -18.22 20.12
C ASP A 89 -1.54 -18.38 19.31
N VAL A 90 -0.51 -17.59 19.62
CA VAL A 90 0.71 -17.37 18.84
C VAL A 90 1.95 -17.47 19.71
N VAL A 91 3.11 -17.96 19.27
CA VAL A 91 3.52 -17.98 17.87
C VAL A 91 2.68 -19.05 17.24
N ASN A 92 2.36 -18.79 15.97
CA ASN A 92 1.53 -19.62 15.10
C ASN A 92 2.10 -21.00 14.82
N ILE A 93 1.63 -22.03 15.54
CA ILE A 93 2.07 -23.40 15.45
C ILE A 93 1.45 -23.98 14.18
N LYS A 94 2.22 -24.06 13.09
CA LYS A 94 1.83 -24.67 11.84
C LYS A 94 1.73 -26.18 12.03
N GLU A 95 2.26 -26.81 13.09
CA GLU A 95 2.29 -28.23 13.35
C GLU A 95 0.95 -28.80 13.80
N GLY A 96 -0.01 -27.90 14.04
CA GLY A 96 -1.42 -28.18 14.31
C GLY A 96 -2.05 -27.21 15.29
N LYS A 97 -3.39 -27.09 15.18
CA LYS A 97 -4.20 -26.38 16.14
C LYS A 97 -4.25 -27.08 17.47
N LYS A 98 -4.79 -26.40 18.50
CA LYS A 98 -5.09 -26.95 19.81
C LYS A 98 -5.92 -28.20 19.77
N LEU A 99 -5.33 -29.38 19.95
CA LEU A 99 -5.90 -30.71 19.91
C LEU A 99 -4.82 -31.76 20.05
N GLU A 100 -5.19 -33.05 20.03
CA GLU A 100 -4.22 -34.13 20.10
C GLU A 100 -4.72 -35.43 19.52
N HIS A 101 -4.99 -36.51 20.27
CA HIS A 101 -5.56 -37.74 19.79
C HIS A 101 -7.00 -37.62 19.28
N HIS A 102 -7.38 -36.43 18.80
CA HIS A 102 -8.69 -36.03 18.35
C HIS A 102 -8.98 -36.45 16.91
N GLU A 1 -10.51 13.39 -19.24
CA GLU A 1 -10.70 12.74 -20.54
C GLU A 1 -10.25 11.28 -20.44
N ASN A 2 -9.05 11.11 -19.88
CA ASN A 2 -8.52 9.80 -19.55
C ASN A 2 -7.48 9.73 -18.45
N ALA A 3 -7.96 9.38 -17.25
CA ALA A 3 -7.25 9.16 -16.02
C ALA A 3 -6.28 7.99 -15.93
N GLU A 4 -6.19 7.10 -16.92
CA GLU A 4 -5.23 6.01 -16.97
C GLU A 4 -4.29 6.14 -18.17
N LEU A 5 -4.20 7.30 -18.82
CA LEU A 5 -3.46 7.66 -20.02
C LEU A 5 -1.97 7.45 -19.79
N GLU A 6 -1.46 8.00 -18.68
CA GLU A 6 -0.10 8.40 -18.52
C GLU A 6 0.69 7.55 -17.53
N ILE A 7 0.14 6.40 -17.10
CA ILE A 7 0.72 5.37 -16.25
C ILE A 7 1.04 4.15 -17.09
N VAL A 8 1.98 3.27 -16.73
CA VAL A 8 1.90 1.94 -17.28
C VAL A 8 0.79 1.11 -16.65
N THR A 9 0.46 -0.03 -17.26
CA THR A 9 -0.59 -0.87 -16.72
C THR A 9 -0.29 -1.47 -15.34
N ASP A 10 0.92 -1.97 -15.12
CA ASP A 10 1.33 -2.71 -13.96
C ASP A 10 1.57 -1.82 -12.76
N TYR A 11 1.15 -0.55 -12.85
CA TYR A 11 1.23 0.53 -11.89
C TYR A 11 0.33 0.22 -10.69
N TYR A 12 0.65 0.78 -9.54
CA TYR A 12 -0.14 0.56 -8.34
C TYR A 12 -1.48 1.28 -8.18
N LYS A 13 -2.44 0.89 -9.02
CA LYS A 13 -3.72 1.59 -9.17
C LYS A 13 -4.54 1.67 -7.89
N ILE A 14 -4.30 0.76 -6.94
CA ILE A 14 -4.92 0.82 -5.63
C ILE A 14 -4.54 2.07 -4.85
N ILE A 15 -3.37 2.70 -5.03
CA ILE A 15 -2.98 3.95 -4.42
C ILE A 15 -3.94 4.98 -4.96
N LYS A 16 -3.99 5.12 -6.29
CA LYS A 16 -4.35 6.19 -7.19
C LYS A 16 -5.73 6.75 -6.82
N THR A 17 -6.71 5.87 -6.97
CA THR A 17 -8.10 6.30 -6.98
C THR A 17 -8.51 7.05 -5.73
N ALA A 18 -7.93 6.73 -4.57
CA ALA A 18 -8.11 7.42 -3.31
C ALA A 18 -7.35 8.74 -3.37
N ARG A 19 -6.02 8.76 -3.59
CA ARG A 19 -5.17 9.92 -3.60
C ARG A 19 -5.66 11.05 -4.49
N GLU A 20 -6.27 10.86 -5.66
CA GLU A 20 -6.91 11.85 -6.49
C GLU A 20 -8.17 12.43 -5.88
N GLN A 21 -9.05 11.63 -5.27
CA GLN A 21 -10.26 12.19 -4.68
C GLN A 21 -9.95 13.32 -3.69
N LEU A 22 -8.86 13.06 -2.97
CA LEU A 22 -8.57 13.73 -1.71
C LEU A 22 -7.75 14.99 -1.92
N GLY A 23 -7.21 15.22 -3.11
CA GLY A 23 -6.42 16.40 -3.48
C GLY A 23 -5.13 16.66 -2.73
N ILE A 24 -4.79 15.70 -1.85
CA ILE A 24 -3.69 15.81 -0.92
C ILE A 24 -2.33 15.78 -1.62
N SER A 25 -1.29 16.39 -1.03
CA SER A 25 -0.12 16.70 -1.82
C SER A 25 1.23 16.27 -1.26
N GLN A 26 2.26 16.31 -2.13
CA GLN A 26 3.61 15.87 -1.82
C GLN A 26 4.24 16.65 -0.67
N GLN A 27 4.01 17.96 -0.54
CA GLN A 27 4.32 18.70 0.67
C GLN A 27 3.76 18.08 1.93
N GLN A 28 2.56 17.45 1.95
CA GLN A 28 1.99 16.87 3.14
C GLN A 28 2.63 15.53 3.48
N LEU A 29 2.97 14.73 2.46
CA LEU A 29 3.52 13.39 2.64
C LEU A 29 4.95 13.52 3.10
N ALA A 30 5.70 14.54 2.70
CA ALA A 30 6.98 14.85 3.34
C ALA A 30 6.95 15.07 4.84
N GLN A 31 5.99 15.86 5.34
CA GLN A 31 5.78 16.08 6.74
C GLN A 31 5.44 14.79 7.49
N LYS A 32 4.58 13.93 6.93
CA LYS A 32 4.04 12.74 7.54
C LYS A 32 5.18 11.73 7.64
N LEU A 33 6.26 11.96 6.90
CA LEU A 33 7.32 10.99 6.73
C LEU A 33 8.51 11.58 7.47
N LYS A 34 8.33 12.71 8.15
CA LYS A 34 9.26 13.53 8.91
C LYS A 34 10.54 13.73 8.12
N VAL A 35 10.46 14.19 6.87
CA VAL A 35 11.51 14.45 5.90
C VAL A 35 11.31 15.66 5.03
N SER A 36 12.20 15.91 4.08
CA SER A 36 12.03 16.87 2.99
C SER A 36 11.48 16.24 1.73
N GLU A 37 10.92 16.97 0.75
CA GLU A 37 10.27 16.43 -0.43
C GLU A 37 11.30 15.89 -1.40
N ASN A 38 12.56 16.21 -1.18
CA ASN A 38 13.63 15.56 -1.91
C ASN A 38 13.69 14.07 -1.67
N ILE A 39 13.43 13.60 -0.45
CA ILE A 39 13.43 12.22 -0.04
C ILE A 39 12.27 11.47 -0.68
N VAL A 40 11.12 12.06 -1.01
CA VAL A 40 9.94 11.42 -1.55
C VAL A 40 10.12 10.84 -2.94
N LYS A 41 10.90 11.47 -3.80
CA LYS A 41 11.04 11.19 -5.21
C LYS A 41 11.30 9.75 -5.62
N ARG A 42 12.12 9.12 -4.77
CA ARG A 42 12.45 7.72 -4.72
C ARG A 42 11.37 6.80 -5.30
N PHE A 43 10.38 6.36 -4.53
CA PHE A 43 9.30 5.50 -4.98
C PHE A 43 8.24 6.28 -5.76
N GLU A 44 8.09 7.57 -5.55
CA GLU A 44 7.08 8.38 -6.21
C GLU A 44 7.24 8.46 -7.72
N SER A 45 8.41 8.03 -8.21
CA SER A 45 8.57 7.87 -9.65
C SER A 45 7.73 6.82 -10.33
N GLY A 46 7.22 5.85 -9.56
CA GLY A 46 6.31 4.80 -9.93
C GLY A 46 6.92 3.73 -10.83
N LYS A 47 8.26 3.73 -10.79
CA LYS A 47 9.15 2.93 -11.61
C LYS A 47 9.57 1.60 -11.02
N LEU A 48 8.89 1.22 -9.94
CA LEU A 48 8.98 -0.09 -9.31
C LEU A 48 7.68 -0.63 -8.71
N LYS A 49 7.22 -1.80 -9.17
CA LYS A 49 6.25 -2.62 -8.47
C LYS A 49 6.75 -3.17 -7.15
N PRO A 50 6.19 -2.85 -5.99
CA PRO A 50 6.60 -3.24 -4.65
C PRO A 50 6.45 -4.72 -4.36
N THR A 51 7.16 -5.16 -3.34
CA THR A 51 7.11 -6.48 -2.72
C THR A 51 6.48 -6.51 -1.34
N ILE A 52 6.60 -7.56 -0.54
CA ILE A 52 5.92 -7.79 0.72
C ILE A 52 6.16 -6.70 1.76
N SER A 53 7.44 -6.51 2.11
CA SER A 53 7.90 -5.39 2.91
C SER A 53 7.64 -4.02 2.32
N GLN A 54 7.83 -3.86 1.01
CA GLN A 54 7.64 -2.59 0.32
C GLN A 54 6.23 -2.02 0.33
N ALA A 55 5.23 -2.77 -0.12
CA ALA A 55 3.84 -2.54 0.19
C ALA A 55 3.60 -2.14 1.64
N ARG A 56 4.18 -2.80 2.66
CA ARG A 56 3.92 -2.62 4.08
C ARG A 56 4.42 -1.24 4.46
N GLN A 57 5.56 -0.79 3.95
CA GLN A 57 6.09 0.54 4.20
C GLN A 57 5.15 1.52 3.52
N LEU A 58 4.86 1.32 2.24
CA LEU A 58 4.19 2.19 1.28
C LEU A 58 2.79 2.55 1.74
N GLU A 59 1.99 1.50 1.89
CA GLU A 59 0.59 1.56 2.30
C GLU A 59 0.50 2.37 3.59
N LYS A 60 1.42 2.25 4.56
CA LYS A 60 1.50 2.99 5.80
C LYS A 60 2.01 4.41 5.80
N ILE A 61 2.97 4.77 4.93
CA ILE A 61 3.28 6.17 4.80
C ILE A 61 2.10 6.87 4.17
N LEU A 62 1.32 6.21 3.30
CA LEU A 62 0.10 6.75 2.73
C LEU A 62 -1.09 6.91 3.66
N GLY A 63 -1.34 5.92 4.51
CA GLY A 63 -2.54 5.72 5.31
C GLY A 63 -3.76 5.52 4.40
N ILE A 64 -3.62 5.71 3.10
CA ILE A 64 -4.64 5.62 2.08
C ILE A 64 -4.48 4.56 1.01
N LYS A 65 -5.57 3.98 0.49
CA LYS A 65 -5.64 3.00 -0.58
C LYS A 65 -7.08 2.63 -0.95
N LEU A 66 -7.37 2.20 -2.18
CA LEU A 66 -8.70 1.83 -2.56
C LEU A 66 -8.72 0.66 -3.54
N VAL A 67 -9.40 -0.45 -3.24
CA VAL A 67 -10.48 -0.57 -2.29
C VAL A 67 -10.09 -1.05 -0.89
N THR A 68 -11.04 -1.06 0.05
CA THR A 68 -10.69 -1.30 1.45
C THR A 68 -10.83 -2.78 1.75
N PRO A 69 -10.34 -3.34 2.86
CA PRO A 69 -10.34 -4.77 3.06
C PRO A 69 -11.77 -5.28 3.23
N LEU A 70 -12.75 -4.39 3.36
CA LEU A 70 -14.16 -4.75 3.29
C LEU A 70 -14.68 -5.03 1.88
N GLU A 71 -13.84 -4.77 0.87
CA GLU A 71 -14.16 -5.14 -0.50
C GLU A 71 -12.98 -5.85 -1.14
N ASN A 72 -11.79 -6.03 -0.57
CA ASN A 72 -10.79 -6.95 -1.11
C ASN A 72 -10.28 -7.83 0.01
N ASN A 73 -9.82 -9.01 -0.45
CA ASN A 73 -9.08 -9.91 0.41
C ASN A 73 -7.63 -9.48 0.55
N GLU A 74 -7.19 -9.18 1.77
CA GLU A 74 -5.80 -8.98 2.11
C GLU A 74 -5.53 -9.55 3.49
N GLU A 75 -4.26 -9.69 3.88
CA GLU A 75 -3.87 -10.24 5.17
C GLU A 75 -4.11 -9.23 6.29
N SER A 76 -4.91 -9.54 7.31
CA SER A 76 -5.47 -8.50 8.16
C SER A 76 -4.50 -8.07 9.22
N GLU A 77 -3.44 -8.84 9.51
CA GLU A 77 -2.28 -8.54 10.33
C GLU A 77 -1.57 -7.28 9.83
N LYS A 78 -1.78 -6.82 8.61
CA LYS A 78 -1.20 -5.64 7.96
C LYS A 78 -1.65 -4.38 8.68
N GLU A 79 -2.74 -4.30 9.45
CA GLU A 79 -3.07 -3.17 10.29
C GLU A 79 -1.91 -2.84 11.21
N PHE A 80 -1.16 -3.81 11.75
CA PHE A 80 -0.05 -3.52 12.65
C PHE A 80 1.15 -3.04 11.85
N ASP A 81 2.01 -2.22 12.43
CA ASP A 81 3.21 -1.69 11.82
C ASP A 81 4.07 -2.72 11.10
N ASP A 82 4.65 -3.70 11.81
CA ASP A 82 5.61 -4.68 11.34
C ASP A 82 5.19 -6.14 11.43
N THR A 83 4.35 -6.37 12.44
CA THR A 83 3.83 -7.64 12.91
C THR A 83 2.77 -7.54 14.00
N GLY A 84 1.90 -8.55 14.09
CA GLY A 84 0.98 -8.82 15.18
C GLY A 84 1.74 -9.04 16.48
N LEU A 85 1.47 -8.15 17.44
CA LEU A 85 2.01 -8.16 18.79
C LEU A 85 1.13 -8.87 19.79
N THR A 86 1.71 -9.40 20.86
CA THR A 86 0.98 -10.12 21.88
C THR A 86 0.86 -9.23 23.13
N LEU A 87 -0.33 -9.13 23.70
CA LEU A 87 -0.65 -8.54 25.00
C LEU A 87 -0.52 -9.35 26.28
N GLY A 88 -0.50 -10.67 26.12
CA GLY A 88 -0.22 -11.53 27.25
C GLY A 88 -1.17 -11.34 28.41
N ASP A 89 -2.46 -11.42 28.11
CA ASP A 89 -3.47 -11.24 29.13
C ASP A 89 -4.83 -11.78 28.73
N VAL A 90 -5.15 -13.00 29.11
CA VAL A 90 -6.33 -13.79 28.75
C VAL A 90 -6.99 -14.43 29.95
N VAL A 91 -8.24 -14.91 29.94
CA VAL A 91 -9.06 -14.72 28.75
C VAL A 91 -9.51 -13.30 28.42
N ASN A 92 -9.41 -12.97 27.13
CA ASN A 92 -10.02 -11.81 26.54
C ASN A 92 -11.51 -12.03 26.34
N ILE A 93 -12.44 -11.22 26.86
CA ILE A 93 -13.86 -11.20 26.59
C ILE A 93 -14.23 -9.96 25.78
N LYS A 94 -15.28 -9.99 24.94
CA LYS A 94 -15.48 -8.92 23.99
C LYS A 94 -16.21 -7.75 24.64
N GLU A 95 -16.96 -8.04 25.72
CA GLU A 95 -17.75 -7.06 26.42
C GLU A 95 -16.86 -6.31 27.38
N GLY A 96 -15.77 -6.87 27.92
CA GLY A 96 -15.08 -6.30 29.06
C GLY A 96 -13.66 -5.81 28.81
N LYS A 97 -13.14 -4.99 29.72
CA LYS A 97 -11.85 -4.35 29.73
C LYS A 97 -11.23 -4.40 31.12
N LYS A 98 -11.43 -5.47 31.89
CA LYS A 98 -11.25 -5.81 33.29
C LYS A 98 -12.12 -7.00 33.64
N LEU A 99 -11.54 -8.13 34.06
CA LEU A 99 -12.18 -9.14 34.88
C LEU A 99 -11.83 -9.09 36.35
N GLU A 100 -12.34 -10.04 37.12
CA GLU A 100 -12.15 -10.06 38.56
C GLU A 100 -12.26 -11.53 38.95
N HIS A 101 -13.07 -11.98 39.91
CA HIS A 101 -13.13 -13.34 40.42
C HIS A 101 -13.76 -14.36 39.49
N HIS A 102 -13.88 -14.19 38.17
CA HIS A 102 -14.44 -14.99 37.11
C HIS A 102 -13.98 -16.45 37.21
N GLU A 1 9.11 7.04 -27.06
CA GLU A 1 9.32 8.17 -26.15
C GLU A 1 10.16 7.78 -24.94
N ASN A 2 11.12 8.66 -24.66
CA ASN A 2 12.04 8.51 -23.55
C ASN A 2 12.34 9.74 -22.71
N ALA A 3 11.24 10.32 -22.22
CA ALA A 3 11.23 11.68 -21.74
C ALA A 3 11.76 11.85 -20.33
N GLU A 4 12.02 10.70 -19.70
CA GLU A 4 12.38 10.62 -18.31
C GLU A 4 13.56 9.71 -17.99
N LEU A 5 14.25 9.27 -19.04
CA LEU A 5 15.44 8.46 -19.06
C LEU A 5 15.19 7.09 -18.41
N GLU A 6 14.03 6.55 -18.81
CA GLU A 6 13.47 5.39 -18.14
C GLU A 6 12.50 4.56 -18.97
N ILE A 7 12.71 3.24 -18.87
CA ILE A 7 12.02 2.26 -19.68
C ILE A 7 10.93 1.50 -18.91
N VAL A 8 10.96 1.53 -17.59
CA VAL A 8 9.83 1.13 -16.76
C VAL A 8 8.67 2.01 -17.18
N THR A 9 7.48 1.38 -17.25
CA THR A 9 6.26 1.98 -17.73
C THR A 9 5.04 1.33 -17.06
N ASP A 10 5.01 0.00 -16.99
CA ASP A 10 4.04 -0.86 -16.32
C ASP A 10 4.20 -0.90 -14.82
N TYR A 11 4.02 0.23 -14.12
CA TYR A 11 4.35 0.55 -12.75
C TYR A 11 3.17 0.20 -11.87
N TYR A 12 3.43 -0.09 -10.59
CA TYR A 12 2.45 -0.69 -9.71
C TYR A 12 1.38 0.32 -9.32
N LYS A 13 0.11 -0.09 -9.23
CA LYS A 13 -1.07 0.75 -9.37
C LYS A 13 -1.66 1.29 -8.10
N ILE A 14 -1.84 0.51 -7.02
CA ILE A 14 -2.40 1.14 -5.84
C ILE A 14 -1.48 2.19 -5.23
N ILE A 15 -0.16 1.96 -5.23
CA ILE A 15 0.77 2.91 -4.66
C ILE A 15 0.56 4.26 -5.31
N LYS A 16 0.23 4.29 -6.60
CA LYS A 16 0.10 5.49 -7.41
C LYS A 16 -1.09 6.35 -6.98
N THR A 17 -2.19 5.68 -6.65
CA THR A 17 -3.54 6.24 -6.65
C THR A 17 -3.59 7.37 -5.66
N ALA A 18 -3.01 7.23 -4.46
CA ALA A 18 -3.37 7.94 -3.27
C ALA A 18 -3.02 9.42 -3.20
N ARG A 19 -1.77 9.80 -3.00
CA ARG A 19 -1.35 11.14 -2.62
C ARG A 19 -2.11 12.05 -3.59
N GLU A 20 -2.20 11.83 -4.90
CA GLU A 20 -2.93 12.59 -5.89
C GLU A 20 -4.41 12.71 -5.54
N GLN A 21 -5.22 11.67 -5.36
CA GLN A 21 -6.66 11.72 -5.18
C GLN A 21 -7.15 12.35 -3.89
N LEU A 22 -6.25 12.34 -2.90
CA LEU A 22 -6.49 12.94 -1.60
C LEU A 22 -6.39 14.45 -1.53
N GLY A 23 -6.05 14.89 -2.75
CA GLY A 23 -5.99 16.27 -3.22
C GLY A 23 -4.89 17.15 -2.64
N ILE A 24 -4.11 16.56 -1.72
CA ILE A 24 -3.00 17.11 -0.97
C ILE A 24 -1.70 17.21 -1.74
N SER A 25 -0.78 18.08 -1.28
CA SER A 25 0.47 18.29 -1.96
C SER A 25 1.65 17.39 -1.56
N GLN A 26 2.83 17.44 -2.16
CA GLN A 26 4.03 16.90 -1.57
C GLN A 26 4.27 17.52 -0.20
N GLN A 27 4.25 18.86 -0.10
CA GLN A 27 4.62 19.71 1.02
C GLN A 27 3.80 19.44 2.27
N GLN A 28 2.49 19.37 2.08
CA GLN A 28 1.64 19.00 3.20
C GLN A 28 1.88 17.58 3.72
N LEU A 29 2.23 16.62 2.89
CA LEU A 29 2.39 15.25 3.39
C LEU A 29 3.80 15.08 3.93
N ALA A 30 4.77 15.82 3.44
CA ALA A 30 6.12 16.02 3.94
C ALA A 30 6.17 16.69 5.32
N GLN A 31 5.15 17.46 5.74
CA GLN A 31 5.09 17.90 7.12
C GLN A 31 4.88 16.62 7.91
N LYS A 32 3.83 15.89 7.55
CA LYS A 32 3.13 14.89 8.32
C LYS A 32 3.99 13.70 8.69
N LEU A 33 5.13 13.60 8.01
CA LEU A 33 5.97 12.44 7.91
C LEU A 33 7.42 12.81 8.19
N LYS A 34 7.65 14.13 8.28
CA LYS A 34 8.87 14.88 8.11
C LYS A 34 9.70 14.78 6.83
N VAL A 35 9.36 13.93 5.86
CA VAL A 35 10.14 13.55 4.69
C VAL A 35 9.30 13.63 3.44
N SER A 36 9.88 13.85 2.24
CA SER A 36 9.20 14.15 1.01
C SER A 36 9.46 13.38 -0.28
N GLU A 37 10.51 12.55 -0.30
CA GLU A 37 11.19 12.09 -1.50
C GLU A 37 10.74 10.69 -1.87
N ASN A 38 10.35 9.84 -0.91
CA ASN A 38 9.86 8.52 -1.20
C ASN A 38 8.38 8.17 -1.15
N ILE A 39 7.56 8.35 -0.11
CA ILE A 39 7.66 9.09 1.12
C ILE A 39 8.27 10.49 1.07
N VAL A 40 7.79 11.36 0.19
CA VAL A 40 6.48 11.40 -0.44
C VAL A 40 6.65 10.94 -1.88
N LYS A 41 7.69 11.37 -2.60
CA LYS A 41 7.69 11.47 -4.05
C LYS A 41 7.70 10.22 -4.87
N ARG A 42 8.43 9.15 -4.50
CA ARG A 42 8.87 8.09 -5.39
C ARG A 42 7.83 7.00 -5.63
N PHE A 43 6.74 6.97 -4.84
CA PHE A 43 5.75 5.95 -5.06
C PHE A 43 4.90 6.42 -6.22
N GLU A 44 5.02 7.68 -6.67
CA GLU A 44 4.21 8.29 -7.71
C GLU A 44 4.82 8.05 -9.08
N SER A 45 6.01 7.46 -9.17
CA SER A 45 7.00 7.83 -10.16
C SER A 45 7.08 7.14 -11.52
N GLY A 46 6.31 6.08 -11.72
CA GLY A 46 6.18 5.30 -12.93
C GLY A 46 7.46 4.52 -13.22
N LYS A 47 8.30 4.19 -12.24
CA LYS A 47 9.69 3.82 -12.34
C LYS A 47 10.17 2.55 -11.64
N LEU A 48 9.31 1.80 -10.93
CA LEU A 48 9.73 0.69 -10.10
C LEU A 48 8.92 -0.59 -10.20
N LYS A 49 9.53 -1.70 -9.79
CA LYS A 49 8.87 -2.84 -9.17
C LYS A 49 9.12 -2.95 -7.68
N PRO A 50 8.27 -2.42 -6.81
CA PRO A 50 8.39 -2.64 -5.38
C PRO A 50 7.93 -4.03 -5.01
N THR A 51 8.56 -4.48 -3.90
CA THR A 51 8.15 -5.67 -3.20
C THR A 51 6.98 -5.56 -2.24
N ILE A 52 6.46 -6.64 -1.69
CA ILE A 52 5.38 -6.80 -0.73
C ILE A 52 5.73 -5.91 0.46
N SER A 53 6.86 -6.16 1.14
CA SER A 53 7.31 -5.39 2.27
C SER A 53 7.56 -3.92 1.93
N GLN A 54 7.84 -3.55 0.69
CA GLN A 54 7.99 -2.20 0.16
C GLN A 54 6.61 -1.60 -0.10
N ALA A 55 5.61 -2.24 -0.73
CA ALA A 55 4.22 -1.88 -0.90
C ALA A 55 3.44 -1.73 0.41
N ARG A 56 3.63 -2.62 1.39
CA ARG A 56 3.06 -2.59 2.72
C ARG A 56 3.26 -1.28 3.46
N GLN A 57 4.26 -0.47 3.10
CA GLN A 57 4.56 0.81 3.69
C GLN A 57 3.45 1.83 3.41
N LEU A 58 2.49 1.63 2.49
CA LEU A 58 1.50 2.61 2.16
C LEU A 58 0.41 2.62 3.21
N GLU A 59 -0.10 1.44 3.52
CA GLU A 59 -1.06 1.28 4.62
C GLU A 59 -0.46 1.95 5.85
N LYS A 60 0.86 1.97 6.01
CA LYS A 60 1.68 2.38 7.13
C LYS A 60 1.55 3.89 7.26
N ILE A 61 1.79 4.70 6.23
CA ILE A 61 1.90 6.13 6.32
C ILE A 61 0.50 6.72 6.37
N LEU A 62 -0.43 6.15 5.58
CA LEU A 62 -1.80 6.56 5.37
C LEU A 62 -2.76 6.08 6.44
N GLY A 63 -2.24 5.13 7.22
CA GLY A 63 -2.95 4.27 8.16
C GLY A 63 -3.88 3.19 7.60
N ILE A 64 -3.93 3.06 6.27
CA ILE A 64 -4.97 2.40 5.49
C ILE A 64 -4.50 2.31 4.04
N LYS A 65 -4.68 1.16 3.37
CA LYS A 65 -4.41 1.27 1.95
C LYS A 65 -5.36 2.16 1.16
N LEU A 66 -4.97 3.11 0.31
CA LEU A 66 -5.81 4.05 -0.36
C LEU A 66 -5.38 4.24 -1.81
N VAL A 67 -6.23 4.47 -2.83
CA VAL A 67 -7.68 4.58 -2.83
C VAL A 67 -8.46 3.26 -2.84
N THR A 68 -9.73 3.31 -2.42
CA THR A 68 -10.60 2.15 -2.43
C THR A 68 -11.07 1.89 -3.85
N PRO A 69 -11.48 0.63 -4.09
CA PRO A 69 -12.13 0.28 -5.33
C PRO A 69 -13.30 1.17 -5.71
N LEU A 70 -13.77 2.04 -4.82
CA LEU A 70 -14.78 3.03 -5.18
C LEU A 70 -14.20 4.12 -6.08
N GLU A 71 -12.98 4.57 -5.75
CA GLU A 71 -12.36 5.66 -6.45
C GLU A 71 -11.18 5.36 -7.36
N ASN A 72 -10.87 4.07 -7.54
CA ASN A 72 -9.99 3.64 -8.60
C ASN A 72 -10.52 4.06 -9.97
N ASN A 73 -9.81 4.78 -10.83
CA ASN A 73 -10.18 4.86 -12.22
C ASN A 73 -9.87 3.63 -13.07
N GLU A 74 -9.01 2.77 -12.53
CA GLU A 74 -8.70 1.47 -13.11
C GLU A 74 -9.95 0.61 -13.09
N GLU A 75 -10.44 0.26 -14.29
CA GLU A 75 -11.64 -0.50 -14.55
C GLU A 75 -11.36 -1.98 -14.32
N SER A 76 -10.18 -2.51 -13.95
CA SER A 76 -9.94 -3.85 -13.49
C SER A 76 -9.66 -4.08 -12.00
N GLU A 77 -9.99 -3.05 -11.22
CA GLU A 77 -10.15 -3.04 -9.79
C GLU A 77 -11.62 -3.03 -9.38
N LYS A 78 -11.93 -3.71 -8.27
CA LYS A 78 -13.27 -3.90 -7.76
C LYS A 78 -13.16 -4.31 -6.31
N GLU A 79 -14.32 -4.32 -5.64
CA GLU A 79 -14.61 -4.96 -4.36
C GLU A 79 -14.68 -6.48 -4.44
N PHE A 80 -14.14 -7.21 -3.48
CA PHE A 80 -13.91 -8.64 -3.54
C PHE A 80 -14.05 -9.20 -2.15
N ASP A 81 -13.98 -10.54 -2.02
CA ASP A 81 -14.07 -11.31 -0.79
C ASP A 81 -13.42 -12.67 -0.94
N ASP A 82 -13.00 -13.43 0.10
CA ASP A 82 -12.82 -14.85 0.13
C ASP A 82 -14.02 -15.66 -0.39
N THR A 83 -15.24 -15.16 -0.25
CA THR A 83 -16.44 -15.73 -0.84
C THR A 83 -16.35 -15.51 -2.34
N GLY A 84 -16.03 -14.29 -2.77
CA GLY A 84 -15.84 -14.12 -4.21
C GLY A 84 -14.57 -14.76 -4.76
N LEU A 85 -13.60 -15.19 -3.96
CA LEU A 85 -12.58 -16.15 -4.29
C LEU A 85 -12.85 -17.64 -4.28
N THR A 86 -13.78 -18.15 -3.47
CA THR A 86 -14.29 -19.50 -3.53
C THR A 86 -15.45 -19.64 -4.51
N LEU A 87 -16.04 -18.58 -5.03
CA LEU A 87 -16.68 -18.50 -6.35
C LEU A 87 -15.66 -18.42 -7.47
N GLY A 88 -14.39 -18.12 -7.21
CA GLY A 88 -13.36 -17.98 -8.22
C GLY A 88 -13.52 -16.78 -9.12
N ASP A 89 -14.21 -15.75 -8.61
CA ASP A 89 -14.54 -14.53 -9.30
C ASP A 89 -13.41 -13.53 -9.53
N VAL A 90 -12.24 -14.09 -9.80
CA VAL A 90 -10.88 -13.61 -9.69
C VAL A 90 -10.11 -13.81 -10.99
N VAL A 91 -9.10 -13.04 -11.35
CA VAL A 91 -7.95 -13.46 -12.14
C VAL A 91 -8.15 -13.43 -13.65
N ASN A 92 -9.38 -13.47 -14.16
CA ASN A 92 -9.55 -13.73 -15.58
C ASN A 92 -8.98 -12.57 -16.39
N ILE A 93 -8.78 -11.36 -15.87
CA ILE A 93 -8.08 -10.27 -16.50
C ILE A 93 -6.66 -10.57 -16.96
N LYS A 94 -5.94 -11.52 -16.36
CA LYS A 94 -4.60 -11.85 -16.76
C LYS A 94 -4.67 -12.77 -17.97
N GLU A 95 -3.56 -12.96 -18.69
CA GLU A 95 -3.46 -13.81 -19.87
C GLU A 95 -2.96 -15.22 -19.63
N GLY A 96 -3.41 -16.23 -20.37
CA GLY A 96 -3.22 -17.64 -20.06
C GLY A 96 -3.94 -18.23 -18.86
N LYS A 97 -4.56 -17.42 -17.99
CA LYS A 97 -5.37 -17.95 -16.91
C LYS A 97 -6.55 -18.75 -17.42
N LYS A 98 -6.75 -18.94 -18.73
CA LYS A 98 -7.88 -19.69 -19.26
C LYS A 98 -7.63 -21.19 -19.43
N LEU A 99 -6.34 -21.48 -19.61
CA LEU A 99 -5.72 -22.77 -19.42
C LEU A 99 -5.62 -23.15 -17.95
N GLU A 100 -5.49 -22.13 -17.09
CA GLU A 100 -5.33 -22.28 -15.65
C GLU A 100 -6.61 -22.50 -14.84
N HIS A 101 -7.42 -21.46 -14.64
CA HIS A 101 -8.64 -21.42 -13.85
C HIS A 101 -9.92 -22.02 -14.39
N HIS A 102 -9.86 -22.71 -15.54
CA HIS A 102 -10.96 -23.22 -16.33
C HIS A 102 -10.65 -24.55 -17.01
#